data_6PPJ
#
_entry.id   6PPJ
#
loop_
_entity.id
_entity.type
_entity.pdbx_description
1 polymer 'UvrD/REP helicase'
2 polymer 'ATP-dependent DNA helicase (UvrD/REP)'
3 non-polymer 'IRON/SULFUR CLUSTER'
4 non-polymer 'PHOSPHOAMINOPHOSPHONIC ACID-ADENYLATE ESTER'
#
loop_
_entity_poly.entity_id
_entity_poly.type
_entity_poly.pdbx_seq_one_letter_code
_entity_poly.pdbx_strand_id
1 'polypeptide(L)'
;MTQVASPVVQARYSPVELSAALGLFPPTDEQAAVIAAPPGPLVVIAGAGAGKTETMAARVVWLVANGFATPSQVLGLTFT
RKAAGQLLRRVRTRLARLAGAGLAPGSGASDESATVSTYHAFAGTLLREHGLLLPVEPDTRLLSETELWQLAYDVVCAHP
GHLDTEKTPAAVTAMVLRLSGALAEHLVDTDQLR(UNK)(UNK)(UNK)(UNK)(UNK)(UNK)(UNK)(UNK)(UNK)
(UNK)(UNK)(UNK)(UNK)(UNK)(UNK)(UNK)(UNK)(UNK)(UNK)(UNK)(UNK)(UNK)(UNK)(UNK)(UNK)
(UNK)(UNK)LLRMLATQTERTELVPLIDALHQRMRAEKVMDFGMQMAAAARLAARFPQVGEQLRQRFRVVLLDEYQDTG
HAQRIALSSLFGGGADDGLALTAVGDPIQSIYGWRGASATNLPRFTTDFPYSDGTPAPTLELRT(UNK)(UNK)(UNK)
(UNK)(UNK)(UNK)(UNK)(UNK)(UNK)(UNK)(UNK)(UNK)(UNK)(UNK)(UNK)(UNK)(UNK)(UNK)(UNK)
(UNK)(UNK)(UNK)(UNK)(UNK)(UNK)(UNK)(UNK)(UNK)(UNK)(UNK)(UNK)(UNK)(UNK)(UNK)(UNK)
(UNK)(UNK)(UNK)TIRCALLNNVAAERDWVADHLARAYHGAIGRGEAAPTAAVLVRRNADAAPMAEALTARGVPVEVV
GVAGLLAVPEVADLVAMLRLIADPTAGSAVMRILTGPRWRFGARDIAALWRRAVELDDRPKGELGTADIVAQAAPDADTA
CVADAICDPGDAERYSPAGYERIVALGRELTMLRAHLGHPLPELVAEVRRVLGLDAEARAARPVAAGWAGTENLDRFSDL
VSDFAGHAGASVSALLAYLDAAVEVENGLAPAELTVSHDRVQILTVHAAKGLEWQVVAVPHLSARVFPSTTQARTWLTDA
SDLPPLLRGDRATESEIGVPVLDTSDIYDRKILSDKISDHKKSLDQRRVDEERRLLYVAITRAEDTLLLSGHHWGATESK
PRGPSEFLCELKTILEEATAAGTPCGEIEHWAPDPAPGETNPLRDQVVEALWPPVASADDHVHRGAQLVAAAMAGEVSAE
ADQEGWAADVDALLAERERP(UNK)(UNK)(UNK)(UNK)(UNK)(UNK)(UNK)(UNK)(UNK)(UNK)(UNK)(UNK)
(UNK)(UNK)(UNK)(UNK)(UNK)(UNK)(UNK)(UNK)(UNK)(UNK)(UNK)(UNK)(UNK)(UNK)(UNK)(UNK)
(UNK)(UNK)(UNK)(UNK)(UNK)(UNK)(UNK)(UNK)(UNK)(UNK)(UNK)(UNK)(UNK)HALLGTTFHEWVQRY
FHAERLFDLDDLPGAVDSDSGRAVEESLAELQDAFVKSPWAARTPVEVEVPFDMVLGETVVRGRIDAVFAEPDGTTMVLA
WKTGDPPETPEAKEHAAVQLAVYRLAWAAMRGCPPESVRAAFHYVRSG(UNK)(UNK)(UNK)(UNK)(UNK)(UNK)
(UNK)(UNK)(UNK)(UNK)(UNK)(UNK)(UNK)(UNK)(UNK)(UNK)(UNK)LAAAPTETAEEADRIT
;
B
2 'polypeptide(L)'
;MTTRPAESAPQTASTLLEPGSNGVVRLLGGPGTGKSSLLVDTAVQHILAGADPESVLLLTGSARLRTAARAAITARLLGA
GTVGVVREPLVRTVHSYAFAVLRLAAQRNGDPPPRLITSAEQDGIIRELLAGDLEDGHRSPVGWPEQLWPALTTAGFATE
LRDLMARCTERGVDPIALQRLGRTAKRPEWLAAGRFAQAYEQIMLLRSAVGMAAPQATVPALGAAELVGAALEALGADDE
LLDTERNRIKLLLVDDAQHLDPQAARLVRALAAGTGLTVIAGDPDQSVFGYRGADPVLLRDDTHPAITLTQSYRCAPEIA
SAITGLGQRLPGVSDTRHWTGNPQREGTVTVRLAASTHAEGTMIADALRRAHLVDGIPWSQMAVIVRSVPRVGTALARAL
TAAGVPVQDNGTDVPVGRQPAAAALLTVLDVTATGHLDADSAVALLTGPIGRVDPVTLRQLRRALRRADGSQPPRDFGDL
LVDAIEREPKGLSAEHARTLRRLRAVLTAARRSDASGADPRYTLWQAWHASGLQRRWLAASERGGSVGAQADRDLDAVTT
LFDVADQYVNRTAGASLRGLVDHVTRLGAAVARTEPETAAEAVAVLSVHGALAGEWDFVVIAGVQEGLWPNMIPRGGVLG
TQHLVDVLDGVADMTDRTVSTRAPLVAEERRLLMAAMGRARTRVMITAVDSDTGDESLLPSPFCAEISAWATEPVAEPPL
VAPRVLAPSALVGRLRAVVCAPDGAVDDDARACAAAQLARLAAAGVPGADPSQWHAMTSLTTEEPLWSEPGHVVTLSPST
LQMLTDCPLRWLLERHGGDDGRDVRSTVGSLVHALVSEPGKTESQLVNELEKVWDDLPYDAKWYSDNELARHRAMLETFT
RWREDTRRQLTEVATEIPVEGIVVEPGENTPGVRVRGRLDRLERDEAGRLVVVALKTGKSPVTKDDAQNHAQLAMYQLAV
AAGLLDDGDEPGGGKLVYLGKAGAAGATEREQDPLTPDKRAEWLETVGEAAAATAGPRFVARVNNGCANCPVRSSCPAQA
NGDRP
;
A
#
# COMPACT_ATOMS: atom_id res chain seq x y z
N THR A 28 -11.64 0.77 -48.23
CA THR A 28 -10.45 0.76 -49.08
C THR A 28 -10.25 -0.62 -49.68
N ASP A 29 -9.50 -0.68 -50.78
CA ASP A 29 -9.24 -1.95 -51.44
C ASP A 29 -8.03 -2.66 -50.86
N GLU A 30 -7.11 -1.93 -50.23
CA GLU A 30 -5.95 -2.58 -49.61
C GLU A 30 -6.31 -3.17 -48.26
N GLN A 31 -7.47 -2.83 -47.73
CA GLN A 31 -7.96 -3.44 -46.50
C GLN A 31 -8.81 -4.67 -46.77
N ALA A 32 -9.49 -4.72 -47.91
CA ALA A 32 -10.30 -5.88 -48.23
C ALA A 32 -9.47 -7.12 -48.56
N ALA A 33 -8.16 -6.95 -48.76
CA ALA A 33 -7.27 -8.08 -48.89
C ALA A 33 -6.60 -8.45 -47.57
N VAL A 34 -6.65 -7.57 -46.56
CA VAL A 34 -6.08 -7.89 -45.26
C VAL A 34 -7.16 -8.28 -44.26
N ILE A 35 -8.43 -8.02 -44.57
CA ILE A 35 -9.52 -8.52 -43.73
C ILE A 35 -9.87 -9.95 -44.10
N ALA A 36 -10.03 -10.23 -45.40
CA ALA A 36 -10.49 -11.53 -45.86
C ALA A 36 -9.34 -12.46 -46.25
N ALA A 37 -8.22 -12.36 -45.56
CA ALA A 37 -7.14 -13.30 -45.75
C ALA A 37 -7.54 -14.69 -45.25
N PRO A 38 -7.01 -15.75 -45.87
CA PRO A 38 -7.30 -17.10 -45.35
C PRO A 38 -6.61 -17.30 -44.02
N PRO A 39 -7.16 -18.16 -43.15
CA PRO A 39 -6.59 -18.36 -41.81
C PRO A 39 -5.20 -18.99 -41.85
N GLY A 40 -4.25 -18.30 -41.26
CA GLY A 40 -2.86 -18.69 -41.26
C GLY A 40 -2.00 -17.51 -40.87
N PRO A 41 -0.69 -17.72 -40.74
CA PRO A 41 0.19 -16.63 -40.29
C PRO A 41 0.35 -15.58 -41.37
N LEU A 42 0.36 -14.31 -40.94
CA LEU A 42 0.34 -13.19 -41.88
C LEU A 42 0.92 -11.95 -41.22
N VAL A 43 1.75 -11.22 -41.97
CA VAL A 43 2.42 -10.03 -41.50
C VAL A 43 1.75 -8.82 -42.13
N VAL A 44 1.49 -7.79 -41.34
CA VAL A 44 0.96 -6.55 -41.85
C VAL A 44 1.99 -5.47 -41.59
N ILE A 45 2.40 -4.79 -42.66
CA ILE A 45 3.30 -3.64 -42.55
C ILE A 45 2.42 -2.40 -42.60
N ALA A 46 2.21 -1.78 -41.45
CA ALA A 46 1.26 -0.68 -41.32
C ALA A 46 2.00 0.56 -40.86
N GLY A 47 2.00 1.59 -41.70
CA GLY A 47 2.65 2.83 -41.36
C GLY A 47 1.93 3.59 -40.28
N ALA A 48 2.59 4.65 -39.80
CA ALA A 48 2.03 5.46 -38.73
C ALA A 48 0.91 6.33 -39.24
N GLY A 49 -0.29 6.13 -38.71
CA GLY A 49 -1.45 6.85 -39.20
C GLY A 49 -2.21 6.12 -40.27
N ALA A 50 -2.06 4.80 -40.36
CA ALA A 50 -2.80 4.00 -41.32
C ALA A 50 -4.09 3.43 -40.75
N GLY A 51 -4.35 3.65 -39.46
CA GLY A 51 -5.54 3.11 -38.83
C GLY A 51 -5.38 1.64 -38.50
N LYS A 52 -4.39 1.33 -37.67
CA LYS A 52 -4.13 -0.05 -37.26
C LYS A 52 -5.24 -0.62 -36.42
N THR A 53 -5.70 0.09 -35.40
CA THR A 53 -6.69 -0.44 -34.47
C THR A 53 -8.09 -0.44 -35.05
N GLU A 54 -8.29 0.19 -36.22
CA GLU A 54 -9.63 0.20 -36.82
C GLU A 54 -9.83 -0.98 -37.76
N THR A 55 -8.88 -1.25 -38.64
CA THR A 55 -9.00 -2.38 -39.54
C THR A 55 -8.66 -3.71 -38.88
N MET A 56 -8.09 -3.68 -37.67
CA MET A 56 -7.86 -4.92 -36.93
C MET A 56 -9.15 -5.42 -36.29
N ALA A 57 -10.03 -4.49 -35.91
CA ALA A 57 -11.31 -4.87 -35.36
C ALA A 57 -12.31 -5.29 -36.41
N ALA A 58 -12.07 -4.93 -37.67
CA ALA A 58 -12.94 -5.39 -38.75
C ALA A 58 -12.62 -6.81 -39.18
N ARG A 59 -11.43 -7.32 -38.85
CA ARG A 59 -11.09 -8.69 -39.21
C ARG A 59 -11.77 -9.69 -38.28
N VAL A 60 -11.89 -9.35 -36.99
CA VAL A 60 -12.56 -10.21 -36.03
C VAL A 60 -14.04 -10.35 -36.38
N VAL A 61 -14.64 -9.28 -36.90
CA VAL A 61 -16.03 -9.34 -37.36
C VAL A 61 -16.13 -10.20 -38.61
N TRP A 62 -15.10 -10.22 -39.44
CA TRP A 62 -15.11 -11.13 -40.58
C TRP A 62 -14.95 -12.57 -40.13
N LEU A 63 -14.20 -12.81 -39.05
CA LEU A 63 -13.96 -14.16 -38.59
C LEU A 63 -15.06 -14.71 -37.72
N VAL A 64 -15.85 -13.86 -37.08
CA VAL A 64 -16.94 -14.36 -36.26
C VAL A 64 -18.19 -14.60 -37.10
N ALA A 65 -18.52 -13.63 -37.96
CA ALA A 65 -19.77 -13.67 -38.71
C ALA A 65 -19.80 -14.78 -39.76
N ASN A 66 -18.63 -15.23 -40.22
CA ASN A 66 -18.60 -16.27 -41.24
C ASN A 66 -18.61 -17.66 -40.62
N GLY A 67 -17.64 -17.92 -39.77
CA GLY A 67 -17.45 -19.26 -39.23
C GLY A 67 -16.02 -19.40 -38.76
N PHE A 68 -15.70 -20.62 -38.32
CA PHE A 68 -14.39 -21.03 -37.74
C PHE A 68 -13.82 -20.03 -36.74
N ALA A 69 -14.71 -19.43 -35.94
CA ALA A 69 -14.37 -18.69 -34.73
C ALA A 69 -15.66 -18.50 -33.94
N THR A 70 -15.51 -18.40 -32.63
CA THR A 70 -16.57 -17.95 -31.74
C THR A 70 -16.01 -16.80 -30.93
N PRO A 71 -16.84 -15.82 -30.56
CA PRO A 71 -16.28 -14.57 -30.01
C PRO A 71 -15.76 -14.64 -28.59
N SER A 72 -15.52 -15.82 -28.02
CA SER A 72 -14.65 -15.95 -26.86
C SER A 72 -13.38 -16.72 -27.18
N GLN A 73 -13.15 -17.06 -28.45
CA GLN A 73 -11.91 -17.66 -28.90
C GLN A 73 -10.97 -16.61 -29.49
N VAL A 74 -11.14 -15.35 -29.15
CA VAL A 74 -10.37 -14.25 -29.70
C VAL A 74 -9.37 -13.78 -28.66
N LEU A 75 -8.13 -13.57 -29.07
CA LEU A 75 -7.10 -13.03 -28.19
C LEU A 75 -6.40 -11.90 -28.92
N GLY A 76 -6.21 -10.79 -28.24
CA GLY A 76 -5.48 -9.67 -28.80
C GLY A 76 -4.50 -9.14 -27.78
N LEU A 77 -3.30 -8.84 -28.25
CA LEU A 77 -2.23 -8.41 -27.36
C LEU A 77 -1.66 -7.09 -27.86
N THR A 78 -1.53 -6.12 -26.97
CA THR A 78 -0.89 -4.87 -27.29
C THR A 78 0.29 -4.68 -26.34
N PHE A 79 1.03 -3.59 -26.53
CA PHE A 79 2.23 -3.36 -25.75
C PHE A 79 2.01 -2.34 -24.65
N THR A 80 1.34 -1.24 -24.97
CA THR A 80 1.02 -0.21 -24.00
C THR A 80 -0.39 -0.41 -23.45
N ARG A 81 -0.67 0.25 -22.32
CA ARG A 81 -1.97 0.10 -21.70
C ARG A 81 -3.06 0.82 -22.48
N LYS A 82 -2.71 1.90 -23.18
CA LYS A 82 -3.70 2.68 -23.90
C LYS A 82 -4.20 1.96 -25.14
N ALA A 83 -3.40 1.10 -25.75
CA ALA A 83 -3.86 0.39 -26.94
C ALA A 83 -4.63 -0.88 -26.60
N ALA A 84 -4.59 -1.32 -25.34
CA ALA A 84 -5.46 -2.41 -24.93
C ALA A 84 -6.88 -1.90 -24.67
N GLY A 85 -7.01 -0.66 -24.21
CA GLY A 85 -8.33 -0.11 -23.96
C GLY A 85 -8.99 0.44 -25.22
N GLN A 86 -8.19 0.86 -26.19
CA GLN A 86 -8.75 1.31 -27.46
C GLN A 86 -9.08 0.16 -28.39
N LEU A 87 -8.87 -1.09 -27.96
CA LEU A 87 -9.15 -2.23 -28.80
C LEU A 87 -10.39 -2.99 -28.33
N LEU A 88 -10.67 -3.02 -27.03
CA LEU A 88 -11.93 -3.56 -26.55
C LEU A 88 -13.10 -2.65 -26.87
N ARG A 89 -12.87 -1.36 -27.04
CA ARG A 89 -13.96 -0.48 -27.41
C ARG A 89 -14.35 -0.67 -28.87
N ARG A 90 -13.40 -1.06 -29.71
CA ARG A 90 -13.71 -1.27 -31.10
C ARG A 90 -14.04 -2.72 -31.42
N VAL A 91 -13.94 -3.62 -30.46
CA VAL A 91 -14.46 -4.97 -30.64
C VAL A 91 -15.86 -5.08 -30.04
N ARG A 92 -16.11 -4.45 -28.89
CA ARG A 92 -17.43 -4.50 -28.28
C ARG A 92 -18.45 -3.70 -29.09
N THR A 93 -18.02 -2.64 -29.76
CA THR A 93 -18.94 -1.88 -30.60
C THR A 93 -19.35 -2.67 -31.82
N ARG A 94 -18.38 -3.26 -32.51
CA ARG A 94 -18.64 -3.95 -33.76
C ARG A 94 -19.35 -5.29 -33.53
N LEU A 95 -18.91 -6.05 -32.53
CA LEU A 95 -19.52 -7.35 -32.29
C LEU A 95 -20.88 -7.25 -31.60
N ALA A 96 -21.30 -6.06 -31.18
CA ALA A 96 -22.68 -5.90 -30.74
C ALA A 96 -23.58 -5.58 -31.91
N ARG A 97 -23.07 -4.86 -32.91
CA ARG A 97 -23.86 -4.57 -34.09
C ARG A 97 -24.06 -5.82 -34.94
N LEU A 98 -23.13 -6.77 -34.87
CA LEU A 98 -23.30 -8.05 -35.55
C LEU A 98 -24.39 -8.88 -34.88
N ALA A 99 -24.67 -8.63 -33.61
CA ALA A 99 -25.72 -9.35 -32.91
C ALA A 99 -26.76 -8.39 -32.33
N SER A 110 -24.76 -16.46 -26.57
CA SER A 110 -24.08 -15.18 -26.67
C SER A 110 -23.36 -14.85 -25.37
N ASP A 111 -23.01 -13.56 -25.21
CA ASP A 111 -22.29 -13.01 -24.03
C ASP A 111 -20.84 -13.53 -23.92
N GLU A 112 -20.18 -13.84 -25.04
CA GLU A 112 -18.77 -14.32 -24.97
C GLU A 112 -17.85 -13.22 -24.41
N SER A 113 -18.00 -12.00 -24.95
CA SER A 113 -17.32 -10.73 -24.54
C SER A 113 -15.84 -10.62 -24.96
N ALA A 114 -15.24 -11.70 -25.47
CA ALA A 114 -13.84 -11.68 -25.98
C ALA A 114 -12.84 -11.54 -24.82
N THR A 115 -11.54 -11.46 -25.15
CA THR A 115 -10.45 -11.28 -24.15
C THR A 115 -9.32 -10.44 -24.76
N VAL A 116 -8.83 -9.41 -24.04
CA VAL A 116 -7.71 -8.56 -24.55
C VAL A 116 -6.78 -8.23 -23.38
N SER A 117 -5.46 -8.33 -23.58
CA SER A 117 -4.48 -7.99 -22.49
C SER A 117 -3.11 -7.62 -23.07
N THR A 118 -2.28 -6.93 -22.28
CA THR A 118 -0.92 -6.50 -22.68
C THR A 118 0.07 -7.67 -22.56
N TYR A 119 1.26 -7.55 -23.17
CA TYR A 119 2.24 -8.63 -23.11
C TYR A 119 2.70 -8.88 -21.69
N HIS A 120 3.04 -7.82 -20.97
CA HIS A 120 3.59 -7.98 -19.62
C HIS A 120 2.54 -8.40 -18.60
N ALA A 121 1.27 -8.39 -18.98
CA ALA A 121 0.22 -8.97 -18.15
C ALA A 121 -0.28 -10.30 -18.67
N PHE A 122 0.19 -10.73 -19.85
CA PHE A 122 -0.16 -12.06 -20.33
C PHE A 122 0.76 -13.12 -19.74
N ALA A 123 2.02 -12.77 -19.51
CA ALA A 123 2.91 -13.70 -18.84
C ALA A 123 2.75 -13.67 -17.34
N GLY A 124 1.84 -12.87 -16.80
CA GLY A 124 1.44 -13.05 -15.42
C GLY A 124 0.32 -14.05 -15.28
N THR A 125 -0.58 -14.08 -16.27
CA THR A 125 -1.62 -15.10 -16.32
C THR A 125 -1.01 -16.48 -16.55
N LEU A 126 -0.08 -16.57 -17.49
CA LEU A 126 0.55 -17.83 -17.87
C LEU A 126 1.36 -18.45 -16.73
N LEU A 127 1.84 -17.64 -15.79
CA LEU A 127 2.58 -18.15 -14.64
C LEU A 127 1.70 -18.51 -13.46
N ARG A 128 0.44 -18.12 -13.43
CA ARG A 128 -0.42 -18.58 -12.36
C ARG A 128 -1.02 -19.95 -12.67
N GLU A 129 -1.33 -20.20 -13.93
CA GLU A 129 -1.89 -21.49 -14.30
C GLU A 129 -0.84 -22.59 -14.25
N HIS A 130 0.23 -22.45 -15.03
CA HIS A 130 1.24 -23.49 -15.17
C HIS A 130 2.53 -23.16 -14.46
N GLY A 131 2.45 -22.50 -13.30
CA GLY A 131 3.67 -22.04 -12.65
C GLY A 131 4.42 -23.11 -11.90
N LEU A 132 3.75 -24.14 -11.43
CA LEU A 132 4.39 -25.15 -10.59
C LEU A 132 5.12 -26.21 -11.40
N LEU A 133 5.13 -26.12 -12.73
CA LEU A 133 6.00 -26.99 -13.50
C LEU A 133 7.45 -26.59 -13.33
N LEU A 134 7.71 -25.28 -13.37
CA LEU A 134 8.94 -24.71 -12.85
C LEU A 134 8.82 -24.63 -11.33
N PRO A 135 9.90 -24.41 -10.64
CA PRO A 135 9.73 -24.01 -9.24
C PRO A 135 9.56 -22.49 -9.10
N VAL A 136 8.46 -21.96 -9.60
CA VAL A 136 8.03 -20.62 -9.27
C VAL A 136 6.65 -20.68 -8.65
N GLU A 137 6.58 -20.30 -7.39
CA GLU A 137 5.35 -20.38 -6.64
C GLU A 137 4.39 -19.27 -7.07
N PRO A 138 3.10 -19.54 -7.10
CA PRO A 138 2.12 -18.49 -7.36
C PRO A 138 2.07 -17.48 -6.23
N ASP A 139 1.47 -16.33 -6.53
CA ASP A 139 1.36 -15.16 -5.63
C ASP A 139 2.75 -14.65 -5.22
N THR A 140 3.65 -14.56 -6.20
CA THR A 140 4.90 -13.86 -5.98
C THR A 140 4.74 -12.39 -6.34
N ARG A 141 5.27 -11.53 -5.46
CA ARG A 141 5.00 -10.10 -5.54
C ARG A 141 5.84 -9.44 -6.61
N LEU A 142 5.24 -8.49 -7.33
CA LEU A 142 5.89 -7.82 -8.44
C LEU A 142 6.42 -6.47 -7.98
N LEU A 143 7.66 -6.17 -8.32
CA LEU A 143 8.29 -4.95 -7.85
C LEU A 143 8.08 -3.78 -8.81
N SER A 144 8.21 -2.59 -8.26
CA SER A 144 8.27 -1.35 -9.02
C SER A 144 9.74 -1.08 -9.38
N GLU A 145 10.06 0.15 -9.80
CA GLU A 145 11.44 0.47 -10.10
C GLU A 145 12.15 1.17 -8.95
N THR A 146 11.45 1.52 -7.88
CA THR A 146 12.10 2.09 -6.72
C THR A 146 12.23 1.07 -5.60
N GLU A 147 11.23 0.20 -5.43
CA GLU A 147 11.33 -0.89 -4.46
C GLU A 147 12.33 -1.93 -4.89
N LEU A 148 12.73 -1.94 -6.16
CA LEU A 148 13.78 -2.81 -6.64
C LEU A 148 15.15 -2.20 -6.34
N TRP A 149 15.25 -0.88 -6.36
CA TRP A 149 16.51 -0.23 -6.06
C TRP A 149 16.79 -0.26 -4.56
N GLN A 150 15.74 -0.42 -3.75
CA GLN A 150 15.92 -0.55 -2.31
C GLN A 150 16.60 -1.86 -1.97
N LEU A 151 16.40 -2.88 -2.79
CA LEU A 151 16.90 -4.22 -2.50
C LEU A 151 18.29 -4.44 -3.07
N ALA A 152 18.56 -3.90 -4.27
CA ALA A 152 19.86 -4.11 -4.88
C ALA A 152 20.91 -3.21 -4.27
N TYR A 153 20.50 -2.14 -3.61
CA TYR A 153 21.45 -1.35 -2.83
C TYR A 153 21.79 -2.03 -1.52
N ASP A 154 21.01 -3.02 -1.12
CA ASP A 154 21.24 -3.70 0.13
C ASP A 154 22.14 -4.92 -0.03
N VAL A 155 22.18 -5.53 -1.21
CA VAL A 155 23.13 -6.61 -1.43
C VAL A 155 24.52 -6.09 -1.75
N VAL A 156 24.66 -4.80 -2.04
CA VAL A 156 25.96 -4.20 -2.28
C VAL A 156 26.56 -3.67 -0.98
N CYS A 157 25.74 -3.17 -0.07
CA CYS A 157 26.21 -2.75 1.23
C CYS A 157 26.44 -3.92 2.18
N ALA A 158 26.03 -5.13 1.80
CA ALA A 158 26.27 -6.32 2.60
C ALA A 158 27.27 -7.27 1.96
N HIS A 159 27.80 -6.93 0.80
CA HIS A 159 28.72 -7.80 0.08
C HIS A 159 30.08 -7.84 0.75
N PRO A 160 30.57 -9.02 1.15
CA PRO A 160 31.92 -9.10 1.74
C PRO A 160 32.95 -9.26 0.63
N GLY A 161 34.05 -8.52 0.74
CA GLY A 161 35.09 -8.61 -0.26
C GLY A 161 35.89 -7.32 -0.33
N HIS A 162 36.64 -7.13 -1.42
CA HIS A 162 37.48 -5.91 -1.49
C HIS A 162 37.12 -5.08 -2.72
N LEU A 163 37.17 -5.74 -3.89
CA LEU A 163 36.92 -5.24 -5.27
C LEU A 163 38.12 -4.42 -5.78
N ASP A 164 38.01 -3.88 -6.99
CA ASP A 164 39.07 -3.01 -7.56
C ASP A 164 38.37 -1.75 -8.07
N THR A 165 37.37 -1.28 -7.32
CA THR A 165 36.54 -0.14 -7.77
C THR A 165 36.76 1.13 -6.94
N GLU A 166 37.07 2.21 -7.66
CA GLU A 166 37.21 3.61 -7.19
C GLU A 166 35.84 4.29 -7.22
N LYS A 167 34.80 3.55 -7.62
CA LYS A 167 33.46 4.10 -7.72
C LYS A 167 32.70 3.87 -6.42
N THR A 168 31.77 4.77 -6.13
CA THR A 168 31.02 4.71 -4.89
C THR A 168 29.91 3.68 -4.99
N PRO A 169 29.37 3.21 -3.86
CA PRO A 169 28.05 2.61 -3.91
C PRO A 169 27.04 3.69 -4.23
N ALA A 170 25.92 3.27 -4.82
CA ALA A 170 24.95 4.00 -5.65
C ALA A 170 25.51 4.40 -7.00
N ALA A 171 26.79 4.13 -7.27
CA ALA A 171 27.35 4.20 -8.61
C ALA A 171 27.82 2.85 -9.10
N VAL A 172 27.78 1.82 -8.26
CA VAL A 172 27.90 0.45 -8.72
C VAL A 172 26.60 -0.32 -8.61
N THR A 173 25.61 0.19 -7.87
CA THR A 173 24.32 -0.49 -7.87
C THR A 173 23.47 -0.12 -9.06
N ALA A 174 23.91 0.84 -9.86
CA ALA A 174 23.33 1.03 -11.19
C ALA A 174 23.86 0.00 -12.16
N MET A 175 25.13 -0.39 -12.03
CA MET A 175 25.71 -1.42 -12.89
C MET A 175 25.15 -2.79 -12.56
N VAL A 176 24.85 -3.05 -11.29
CA VAL A 176 24.25 -4.32 -10.88
C VAL A 176 22.85 -4.45 -11.46
N LEU A 177 22.16 -3.33 -11.65
CA LEU A 177 20.82 -3.37 -12.20
C LEU A 177 20.75 -3.13 -13.69
N ARG A 178 21.84 -2.73 -14.32
CA ARG A 178 21.82 -2.54 -15.76
C ARG A 178 22.33 -3.78 -16.49
N LEU A 179 23.12 -4.61 -15.82
CA LEU A 179 23.44 -5.93 -16.39
C LEU A 179 22.38 -6.96 -16.08
N SER A 180 21.88 -7.03 -14.85
CA SER A 180 20.89 -8.05 -14.51
C SER A 180 19.54 -7.76 -15.14
N GLY A 181 19.33 -6.55 -15.67
CA GLY A 181 18.19 -6.30 -16.52
C GLY A 181 18.47 -6.46 -18.00
N ALA A 182 19.74 -6.69 -18.35
CA ALA A 182 20.09 -7.03 -19.73
C ALA A 182 20.41 -8.50 -19.91
N LEU A 183 20.80 -9.22 -18.85
CA LEU A 183 20.89 -10.66 -18.96
C LEU A 183 19.51 -11.30 -19.00
N ALA A 184 18.55 -10.70 -18.32
CA ALA A 184 17.19 -11.21 -18.29
C ALA A 184 16.39 -10.85 -19.53
N GLU A 185 16.98 -10.11 -20.47
CA GLU A 185 16.32 -9.85 -21.74
C GLU A 185 16.91 -10.70 -22.86
N HIS A 186 18.18 -11.07 -22.76
CA HIS A 186 18.81 -11.91 -23.77
C HIS A 186 18.93 -13.36 -23.35
N LEU A 187 18.42 -13.73 -22.17
CA LEU A 187 18.35 -15.11 -21.67
C LEU A 187 19.73 -15.76 -21.57
N VAL A 188 20.53 -15.24 -20.65
CA VAL A 188 21.94 -15.60 -20.53
C VAL A 188 22.25 -16.31 -19.22
N ASP A 189 21.89 -15.69 -18.08
CA ASP A 189 21.89 -16.30 -16.74
C ASP A 189 23.29 -16.65 -16.23
N THR A 190 24.22 -15.70 -16.28
CA THR A 190 25.40 -15.52 -15.41
C THR A 190 26.47 -16.60 -15.49
N ASP A 191 26.26 -17.69 -16.23
CA ASP A 191 27.29 -18.69 -16.32
C ASP A 191 28.09 -18.53 -17.61
N GLN A 192 27.40 -18.20 -18.70
CA GLN A 192 28.06 -17.85 -19.95
C GLN A 192 28.81 -16.54 -19.87
N LEU A 193 28.43 -15.65 -18.96
CA LEU A 193 29.03 -14.32 -18.93
C LEU A 193 30.44 -14.35 -18.33
N ARG A 194 30.73 -15.34 -17.49
CA ARG A 194 32.06 -15.43 -16.92
C ARG A 194 33.01 -16.20 -17.83
N UNK A 195 32.51 -17.21 -18.53
CA UNK A 195 33.37 -17.98 -19.45
C UNK A 195 33.68 -17.18 -20.71
N UNK A 196 32.75 -16.35 -21.17
CA UNK A 196 33.01 -15.50 -22.33
C UNK A 196 34.05 -14.43 -22.01
N UNK A 197 34.01 -13.87 -20.81
CA UNK A 197 35.04 -12.92 -20.40
C UNK A 197 36.34 -13.62 -20.03
N UNK A 198 36.33 -14.95 -19.92
CA UNK A 198 37.57 -15.70 -19.71
C UNK A 198 38.23 -16.07 -21.03
N UNK A 199 37.43 -16.42 -22.04
CA UNK A 199 38.00 -16.87 -23.32
C UNK A 199 38.63 -15.73 -24.09
N UNK A 200 38.03 -14.53 -24.05
CA UNK A 200 38.65 -13.38 -24.67
C UNK A 200 39.87 -12.92 -23.88
N UNK A 201 39.89 -13.19 -22.57
CA UNK A 201 41.04 -12.84 -21.74
C UNK A 201 42.26 -13.67 -22.11
N UNK A 202 42.09 -14.95 -22.38
CA UNK A 202 43.19 -15.78 -22.86
C UNK A 202 43.46 -15.58 -24.35
N UNK A 203 42.54 -14.91 -25.06
CA UNK A 203 42.72 -14.68 -26.50
C UNK A 203 43.77 -13.61 -26.76
N UNK A 204 43.59 -12.42 -26.19
CA UNK A 204 44.53 -11.33 -26.44
C UNK A 204 45.82 -11.51 -25.66
N UNK A 205 45.77 -12.26 -24.56
CA UNK A 205 46.96 -12.50 -23.75
C UNK A 205 47.56 -13.87 -24.04
N LEU A 222 43.34 2.59 -25.25
CA LEU A 222 44.71 2.11 -25.15
C LEU A 222 44.88 1.18 -23.95
N LEU A 223 45.19 1.77 -22.80
CA LEU A 223 45.31 1.02 -21.57
C LEU A 223 43.94 0.63 -21.00
N ARG A 224 42.86 1.18 -21.54
CA ARG A 224 41.52 0.75 -21.19
C ARG A 224 41.15 -0.52 -21.96
N MET A 225 39.85 -0.81 -21.98
CA MET A 225 39.16 -1.86 -22.75
C MET A 225 39.42 -3.25 -22.16
N LEU A 226 40.38 -3.37 -21.25
CA LEU A 226 40.62 -4.64 -20.57
C LEU A 226 40.30 -4.57 -19.09
N ALA A 227 40.57 -3.45 -18.43
CA ALA A 227 40.13 -3.29 -17.05
C ALA A 227 38.63 -3.02 -16.97
N THR A 228 37.98 -2.68 -18.09
CA THR A 228 36.53 -2.57 -18.10
C THR A 228 35.88 -3.91 -18.40
N GLN A 229 36.68 -4.90 -18.82
CA GLN A 229 36.14 -6.22 -19.06
C GLN A 229 36.60 -7.23 -18.03
N THR A 230 37.48 -6.83 -17.12
CA THR A 230 37.70 -7.59 -15.90
C THR A 230 36.86 -7.05 -14.75
N GLU A 231 36.44 -5.79 -14.82
CA GLU A 231 35.56 -5.23 -13.80
C GLU A 231 34.13 -5.71 -13.94
N ARG A 232 33.85 -6.45 -15.02
CA ARG A 232 32.52 -7.07 -15.23
C ARG A 232 32.46 -8.36 -14.40
N THR A 233 33.61 -9.02 -14.25
CA THR A 233 33.72 -10.23 -13.44
C THR A 233 34.18 -9.92 -12.02
N GLU A 234 33.55 -8.92 -11.42
CA GLU A 234 33.72 -8.56 -10.03
C GLU A 234 32.33 -8.40 -9.45
N LEU A 235 31.39 -8.08 -10.33
CA LEU A 235 30.00 -7.89 -9.97
C LEU A 235 29.11 -9.02 -10.45
N VAL A 236 29.69 -10.06 -11.04
CA VAL A 236 28.98 -11.32 -11.26
C VAL A 236 28.69 -12.01 -9.92
N PRO A 237 29.54 -11.97 -8.90
CA PRO A 237 29.04 -12.32 -7.55
C PRO A 237 28.09 -11.30 -6.94
N LEU A 238 27.93 -10.13 -7.53
CA LEU A 238 26.92 -9.17 -7.09
C LEU A 238 25.60 -9.35 -7.83
N ILE A 239 25.65 -9.57 -9.14
CA ILE A 239 24.40 -9.74 -9.88
C ILE A 239 23.85 -11.14 -9.74
N ASP A 240 24.51 -12.02 -8.99
CA ASP A 240 23.92 -13.29 -8.63
C ASP A 240 23.50 -13.33 -7.17
N ALA A 241 24.07 -12.47 -6.33
CA ALA A 241 23.70 -12.45 -4.92
C ALA A 241 22.35 -11.79 -4.68
N LEU A 242 21.83 -11.04 -5.64
CA LEU A 242 20.48 -10.51 -5.46
C LEU A 242 19.42 -11.34 -6.14
N HIS A 243 19.77 -12.29 -7.00
CA HIS A 243 18.77 -13.27 -7.40
C HIS A 243 18.46 -14.21 -6.25
N GLN A 244 19.47 -14.57 -5.47
CA GLN A 244 19.27 -15.48 -4.35
C GLN A 244 18.54 -14.81 -3.19
N ARG A 245 18.60 -13.48 -3.10
CA ARG A 245 17.83 -12.78 -2.08
C ARG A 245 16.37 -12.65 -2.48
N MET A 246 16.09 -12.51 -3.77
CA MET A 246 14.71 -12.36 -4.21
C MET A 246 13.97 -13.69 -4.22
N ARG A 247 14.69 -14.80 -4.42
CA ARG A 247 14.05 -16.10 -4.36
C ARG A 247 13.70 -16.48 -2.93
N ALA A 248 14.44 -15.94 -1.96
CA ALA A 248 14.16 -16.18 -0.56
C ALA A 248 13.03 -15.30 -0.02
N GLU A 249 12.47 -14.42 -0.83
CA GLU A 249 11.43 -13.49 -0.39
C GLU A 249 10.16 -13.59 -1.22
N LYS A 250 10.11 -14.52 -2.18
CA LYS A 250 9.01 -14.69 -3.13
C LYS A 250 8.70 -13.39 -3.88
N VAL A 251 9.75 -12.79 -4.43
CA VAL A 251 9.72 -11.47 -5.04
C VAL A 251 10.26 -11.60 -6.46
N MET A 252 9.60 -10.95 -7.42
CA MET A 252 9.97 -11.07 -8.82
C MET A 252 9.89 -9.71 -9.49
N ASP A 253 10.87 -9.44 -10.35
CA ASP A 253 11.01 -8.16 -11.03
C ASP A 253 10.08 -8.08 -12.23
N PHE A 254 10.18 -6.93 -12.92
CA PHE A 254 9.38 -6.72 -14.12
C PHE A 254 9.99 -7.42 -15.32
N GLY A 255 11.30 -7.61 -15.28
CA GLY A 255 11.98 -8.21 -16.43
C GLY A 255 12.15 -9.71 -16.29
N MET A 256 11.89 -10.25 -15.11
CA MET A 256 12.02 -11.69 -14.94
C MET A 256 10.67 -12.38 -15.05
N GLN A 257 9.61 -11.62 -15.27
CA GLN A 257 8.34 -12.22 -15.67
C GLN A 257 8.48 -12.85 -17.04
N MET A 258 9.05 -12.10 -17.99
CA MET A 258 9.11 -12.58 -19.37
C MET A 258 10.15 -13.65 -19.56
N ALA A 259 11.26 -13.60 -18.81
CA ALA A 259 12.26 -14.65 -18.94
C ALA A 259 11.82 -15.94 -18.28
N ALA A 260 10.86 -15.88 -17.36
CA ALA A 260 10.35 -17.10 -16.74
C ALA A 260 9.13 -17.64 -17.45
N ALA A 261 8.61 -16.92 -18.44
CA ALA A 261 7.62 -17.47 -19.34
C ALA A 261 8.23 -17.91 -20.66
N ALA A 262 9.36 -17.32 -21.04
CA ALA A 262 10.09 -17.78 -22.21
C ALA A 262 10.76 -19.12 -21.97
N ARG A 263 11.08 -19.43 -20.72
CA ARG A 263 11.64 -20.73 -20.36
C ARG A 263 10.54 -21.73 -20.06
N LEU A 264 9.38 -21.28 -19.60
CA LEU A 264 8.24 -22.16 -19.45
C LEU A 264 7.68 -22.59 -20.79
N ALA A 265 7.84 -21.77 -21.82
CA ALA A 265 7.23 -22.04 -23.12
C ALA A 265 8.01 -23.08 -23.91
N ALA A 266 9.33 -22.92 -23.99
CA ALA A 266 10.14 -23.76 -24.86
C ALA A 266 10.41 -25.12 -24.25
N ARG A 267 10.37 -25.23 -22.93
CA ARG A 267 10.69 -26.50 -22.29
C ARG A 267 9.49 -27.44 -22.23
N PHE A 268 8.30 -26.89 -22.02
CA PHE A 268 7.11 -27.70 -21.86
C PHE A 268 6.15 -27.49 -23.02
N PRO A 269 6.07 -28.42 -23.99
CA PRO A 269 5.06 -28.31 -25.04
C PRO A 269 3.63 -28.58 -24.58
N GLN A 270 3.42 -28.91 -23.30
CA GLN A 270 2.08 -29.01 -22.75
C GLN A 270 1.39 -27.65 -22.72
N VAL A 271 2.13 -26.60 -22.42
CA VAL A 271 1.54 -25.27 -22.22
C VAL A 271 1.09 -24.66 -23.54
N GLY A 272 1.94 -24.79 -24.58
CA GLY A 272 1.58 -24.26 -25.88
C GLY A 272 0.47 -25.00 -26.57
N GLU A 273 0.24 -26.26 -26.21
CA GLU A 273 -0.79 -27.05 -26.88
C GLU A 273 -2.15 -26.88 -26.25
N GLN A 274 -2.24 -26.22 -25.09
CA GLN A 274 -3.53 -25.93 -24.50
C GLN A 274 -4.07 -24.58 -24.92
N LEU A 275 -3.18 -23.62 -25.18
CA LEU A 275 -3.63 -22.32 -25.66
C LEU A 275 -3.98 -22.33 -27.14
N ARG A 276 -3.56 -23.34 -27.90
CA ARG A 276 -4.00 -23.43 -29.28
C ARG A 276 -5.31 -24.17 -29.42
N GLN A 277 -5.88 -24.67 -28.32
CA GLN A 277 -7.23 -25.20 -28.34
C GLN A 277 -8.22 -24.24 -27.71
N ARG A 278 -7.73 -23.29 -26.91
CA ARG A 278 -8.59 -22.32 -26.26
C ARG A 278 -8.83 -21.11 -27.15
N PHE A 279 -7.83 -20.73 -27.94
CA PHE A 279 -7.88 -19.56 -28.81
C PHE A 279 -7.72 -19.98 -30.25
N ARG A 280 -8.47 -19.33 -31.15
CA ARG A 280 -8.37 -19.62 -32.58
C ARG A 280 -8.13 -18.39 -33.43
N VAL A 281 -8.00 -17.22 -32.84
CA VAL A 281 -7.51 -16.05 -33.54
C VAL A 281 -6.69 -15.22 -32.55
N VAL A 282 -5.44 -14.96 -32.88
CA VAL A 282 -4.52 -14.23 -32.01
C VAL A 282 -4.06 -13.00 -32.78
N LEU A 283 -4.13 -11.84 -32.14
CA LEU A 283 -3.77 -10.57 -32.75
C LEU A 283 -2.59 -9.99 -31.98
N LEU A 284 -1.45 -9.88 -32.64
CA LEU A 284 -0.25 -9.32 -32.04
C LEU A 284 -0.05 -7.91 -32.57
N ASP A 285 -0.45 -6.92 -31.78
CA ASP A 285 -0.31 -5.53 -32.17
C ASP A 285 0.98 -4.97 -31.61
N GLU A 286 1.52 -3.97 -32.30
CA GLU A 286 2.74 -3.24 -31.95
C GLU A 286 3.93 -4.17 -31.81
N TYR A 287 4.17 -4.96 -32.86
CA TYR A 287 5.15 -6.03 -32.78
C TYR A 287 6.58 -5.55 -33.00
N GLN A 288 6.76 -4.32 -33.48
CA GLN A 288 8.12 -3.82 -33.72
C GLN A 288 8.86 -3.49 -32.43
N ASP A 289 8.15 -3.35 -31.31
CA ASP A 289 8.73 -3.02 -30.03
C ASP A 289 8.99 -4.24 -29.16
N THR A 290 8.93 -5.43 -29.76
CA THR A 290 8.98 -6.66 -28.99
C THR A 290 10.43 -7.07 -28.73
N GLY A 291 10.76 -7.33 -27.46
CA GLY A 291 12.10 -7.73 -27.10
C GLY A 291 12.42 -9.16 -27.49
N HIS A 292 13.66 -9.57 -27.19
CA HIS A 292 14.10 -10.92 -27.55
C HIS A 292 13.51 -11.99 -26.66
N ALA A 293 13.30 -11.70 -25.39
CA ALA A 293 12.70 -12.69 -24.49
C ALA A 293 11.21 -12.85 -24.73
N GLN A 294 10.61 -11.99 -25.55
CA GLN A 294 9.21 -12.11 -25.92
C GLN A 294 9.03 -12.60 -27.35
N ARG A 295 10.11 -12.73 -28.10
CA ARG A 295 10.02 -13.29 -29.44
C ARG A 295 10.10 -14.80 -29.45
N ILE A 296 10.75 -15.41 -28.45
CA ILE A 296 10.75 -16.86 -28.34
C ILE A 296 9.76 -17.34 -27.30
N ALA A 297 9.00 -16.43 -26.69
CA ALA A 297 7.89 -16.82 -25.84
C ALA A 297 6.57 -16.76 -26.55
N LEU A 298 6.54 -16.22 -27.77
CA LEU A 298 5.36 -16.25 -28.61
C LEU A 298 5.51 -17.18 -29.80
N SER A 299 6.73 -17.35 -30.31
CA SER A 299 6.96 -18.32 -31.36
C SER A 299 6.88 -19.74 -30.84
N SER A 300 7.05 -19.96 -29.54
CA SER A 300 6.92 -21.29 -28.97
C SER A 300 5.46 -21.63 -28.71
N LEU A 301 4.68 -20.66 -28.24
CA LEU A 301 3.25 -20.89 -28.04
C LEU A 301 2.52 -20.93 -29.36
N PHE A 302 2.51 -19.82 -30.08
CA PHE A 302 1.61 -19.61 -31.21
C PHE A 302 2.38 -19.81 -32.50
N GLY A 303 2.47 -21.05 -32.96
CA GLY A 303 2.93 -21.30 -34.29
C GLY A 303 4.40 -21.08 -34.59
N GLY A 304 5.25 -21.95 -34.08
CA GLY A 304 6.60 -22.07 -34.63
C GLY A 304 6.66 -23.18 -35.66
N GLY A 305 5.60 -23.30 -36.45
CA GLY A 305 5.39 -24.45 -37.29
C GLY A 305 4.45 -25.48 -36.72
N ALA A 306 3.61 -25.11 -35.75
CA ALA A 306 2.80 -26.07 -34.99
C ALA A 306 1.37 -26.17 -35.50
N ASP A 307 0.82 -25.09 -36.05
CA ASP A 307 -0.54 -25.10 -36.55
C ASP A 307 -0.64 -24.25 -37.80
N ASP A 308 -1.43 -24.74 -38.77
CA ASP A 308 -1.72 -24.00 -39.98
C ASP A 308 -3.19 -23.64 -40.12
N GLY A 309 -3.98 -23.79 -39.06
CA GLY A 309 -5.36 -23.37 -39.05
C GLY A 309 -5.59 -22.28 -38.02
N LEU A 310 -4.52 -21.90 -37.34
CA LEU A 310 -4.57 -20.85 -36.34
C LEU A 310 -4.44 -19.51 -37.05
N ALA A 311 -5.39 -18.61 -36.78
CA ALA A 311 -5.45 -17.31 -37.47
C ALA A 311 -4.60 -16.31 -36.70
N LEU A 312 -3.37 -16.17 -37.13
CA LEU A 312 -2.40 -15.33 -36.46
C LEU A 312 -2.14 -14.08 -37.29
N THR A 313 -1.98 -12.94 -36.63
CA THR A 313 -1.80 -11.68 -37.34
C THR A 313 -0.90 -10.77 -36.52
N ALA A 314 0.20 -10.33 -37.11
CA ALA A 314 1.12 -9.40 -36.47
C ALA A 314 1.24 -8.14 -37.31
N VAL A 315 1.08 -6.98 -36.67
CA VAL A 315 1.17 -5.73 -37.39
C VAL A 315 2.39 -4.96 -36.91
N GLY A 316 2.67 -3.82 -37.53
CA GLY A 316 3.72 -2.98 -37.04
C GLY A 316 4.56 -2.33 -38.11
N ASP A 317 4.91 -1.06 -37.92
CA ASP A 317 5.79 -0.37 -38.85
C ASP A 317 7.23 -0.78 -38.57
N PRO A 318 8.03 -1.06 -39.59
CA PRO A 318 9.44 -1.39 -39.33
C PRO A 318 10.27 -0.18 -38.97
N ILE A 319 9.88 1.01 -39.45
CA ILE A 319 10.67 2.23 -39.30
C ILE A 319 10.30 2.98 -38.03
N GLN A 320 9.50 2.35 -37.16
CA GLN A 320 9.05 2.91 -35.91
C GLN A 320 9.82 2.35 -34.72
N SER A 321 10.56 1.27 -34.92
CA SER A 321 11.10 0.49 -33.81
C SER A 321 12.36 1.13 -33.24
N ILE A 322 12.41 1.25 -31.92
CA ILE A 322 13.56 1.81 -31.23
C ILE A 322 13.93 0.89 -30.08
N ASN A 332 11.90 -7.34 -34.02
CA ASN A 332 11.70 -8.75 -34.33
C ASN A 332 10.87 -8.93 -35.58
N LEU A 333 10.55 -7.82 -36.24
CA LEU A 333 9.68 -7.82 -37.41
C LEU A 333 10.31 -8.42 -38.68
N PRO A 334 11.60 -8.16 -39.04
CA PRO A 334 12.15 -8.92 -40.17
C PRO A 334 12.37 -10.38 -39.88
N ARG A 335 12.55 -10.76 -38.61
CA ARG A 335 12.66 -12.17 -38.26
C ARG A 335 11.32 -12.82 -37.95
N PHE A 336 10.20 -12.10 -38.14
CA PHE A 336 8.89 -12.71 -37.96
C PHE A 336 8.62 -13.75 -39.04
N THR A 337 9.06 -13.48 -40.27
CA THR A 337 8.64 -14.23 -41.44
C THR A 337 9.12 -15.67 -41.38
N THR A 338 10.32 -15.89 -40.84
CA THR A 338 10.84 -17.25 -40.73
C THR A 338 10.39 -17.93 -39.45
N ASP A 339 10.22 -17.16 -38.37
CA ASP A 339 10.03 -17.76 -37.05
C ASP A 339 8.59 -18.20 -36.83
N PHE A 340 7.67 -17.71 -37.66
CA PHE A 340 6.26 -18.09 -37.57
C PHE A 340 5.84 -18.72 -38.89
N PRO A 341 6.37 -19.86 -39.27
CA PRO A 341 6.26 -20.32 -40.65
C PRO A 341 4.89 -20.92 -40.95
N TYR A 342 4.78 -21.46 -42.16
CA TYR A 342 3.56 -22.06 -42.68
C TYR A 342 3.46 -23.54 -42.29
N SER A 343 4.37 -24.02 -41.44
CA SER A 343 4.57 -25.38 -40.90
C SER A 343 5.07 -26.35 -41.96
N ASP A 344 5.62 -25.87 -43.07
CA ASP A 344 6.23 -26.72 -44.09
C ASP A 344 7.66 -26.33 -44.38
N GLY A 345 8.19 -25.32 -43.69
CA GLY A 345 9.46 -24.75 -44.06
C GLY A 345 9.38 -23.60 -45.04
N THR A 346 8.17 -23.10 -45.33
CA THR A 346 7.89 -22.04 -46.26
C THR A 346 7.45 -20.78 -45.50
N PRO A 347 7.83 -19.59 -45.98
CA PRO A 347 7.54 -18.37 -45.23
C PRO A 347 6.10 -17.89 -45.37
N ALA A 348 5.70 -17.04 -44.41
CA ALA A 348 4.35 -16.48 -44.28
C ALA A 348 4.19 -15.26 -45.19
N PRO A 349 2.98 -15.00 -45.68
CA PRO A 349 2.77 -13.87 -46.60
C PRO A 349 2.89 -12.53 -45.91
N THR A 350 2.94 -11.48 -46.73
CA THR A 350 3.15 -10.11 -46.25
C THR A 350 2.23 -9.17 -47.00
N LEU A 351 1.52 -8.31 -46.25
CA LEU A 351 0.65 -7.29 -46.83
C LEU A 351 0.98 -5.94 -46.21
N GLU A 352 0.61 -4.87 -46.90
CA GLU A 352 0.98 -3.52 -46.50
C GLU A 352 -0.24 -2.62 -46.38
N LEU A 353 -0.03 -1.47 -45.76
CA LEU A 353 -1.05 -0.43 -45.60
C LEU A 353 -0.36 0.92 -45.76
N ARG A 354 -1.00 1.85 -46.47
CA ARG A 354 -0.33 3.08 -46.87
C ARG A 354 -1.10 4.36 -46.58
N THR A 355 -2.40 4.28 -46.29
CA THR A 355 -3.25 5.46 -46.23
C THR A 355 -2.92 6.43 -45.11
N UNK A 378 -4.37 16.81 -42.87
CA UNK A 378 -3.29 15.90 -42.52
C UNK A 378 -2.45 15.56 -43.74
N UNK A 379 -2.76 16.21 -44.86
CA UNK A 379 -2.06 15.93 -46.11
C UNK A 379 -0.64 16.49 -46.10
N UNK A 380 -0.46 17.68 -45.51
CA UNK A 380 0.87 18.25 -45.41
C UNK A 380 1.72 17.54 -44.37
N UNK A 381 1.10 17.04 -43.30
CA UNK A 381 1.85 16.34 -42.26
C UNK A 381 2.37 14.99 -42.75
N UNK A 382 1.54 14.24 -43.48
CA UNK A 382 1.98 12.97 -44.06
C UNK A 382 2.95 13.20 -45.21
N UNK A 383 2.87 14.36 -45.87
CA UNK A 383 3.93 14.74 -46.79
C UNK A 383 5.20 15.11 -46.05
N UNK A 384 5.06 15.64 -44.84
CA UNK A 384 6.21 15.94 -43.99
C UNK A 384 6.71 14.71 -43.25
N UNK A 385 5.93 13.63 -43.23
CA UNK A 385 6.35 12.42 -42.53
C UNK A 385 7.23 11.54 -43.42
N UNK A 386 6.73 11.18 -44.60
CA UNK A 386 7.46 10.26 -45.47
C UNK A 386 8.64 10.92 -46.16
N UNK A 387 8.72 12.25 -46.16
CA UNK A 387 9.91 12.91 -46.68
C UNK A 387 11.08 12.78 -45.71
N UNK A 388 10.79 12.61 -44.43
CA UNK A 388 11.85 12.38 -43.44
C UNK A 388 12.28 10.92 -43.38
N UNK A 389 11.33 10.00 -43.60
CA UNK A 389 11.61 8.57 -43.56
C UNK A 389 12.20 8.04 -44.86
N UNK A 390 12.18 8.83 -45.93
CA UNK A 390 12.73 8.37 -47.20
C UNK A 390 14.26 8.28 -47.12
N UNK A 391 14.90 9.36 -46.67
CA UNK A 391 16.36 9.36 -46.54
C UNK A 391 16.85 8.49 -45.40
N UNK A 392 15.98 8.17 -44.44
CA UNK A 392 16.40 7.33 -43.32
C UNK A 392 16.32 5.85 -43.68
N UNK A 393 15.37 5.47 -44.53
CA UNK A 393 15.22 4.08 -44.94
C UNK A 393 16.32 3.67 -45.92
N THR A 394 -0.75 21.79 -40.08
CA THR A 394 0.18 22.79 -40.59
C THR A 394 1.38 22.91 -39.66
N ILE A 395 2.57 22.89 -40.24
CA ILE A 395 3.79 22.91 -39.46
C ILE A 395 4.30 24.35 -39.40
N ARG A 396 5.22 24.61 -38.48
CA ARG A 396 5.91 25.88 -38.39
C ARG A 396 7.33 25.62 -37.91
N CYS A 397 8.31 26.18 -38.61
CA CYS A 397 9.72 25.95 -38.33
C CYS A 397 10.49 27.25 -38.45
N ALA A 398 10.86 27.84 -37.31
CA ALA A 398 11.65 29.06 -37.28
C ALA A 398 12.93 28.86 -36.48
N LEU A 399 14.03 29.40 -36.99
CA LEU A 399 15.27 29.44 -36.25
C LEU A 399 15.37 30.78 -35.53
N LEU A 400 15.98 30.75 -34.34
CA LEU A 400 15.97 31.88 -33.42
C LEU A 400 17.39 32.23 -33.00
N ASN A 401 17.52 33.20 -32.09
CA ASN A 401 18.85 33.64 -31.67
C ASN A 401 19.41 32.78 -30.56
N ASN A 402 18.71 32.68 -29.44
CA ASN A 402 19.21 31.98 -28.27
C ASN A 402 18.12 31.09 -27.70
N VAL A 403 18.46 30.40 -26.61
CA VAL A 403 17.52 29.50 -25.97
C VAL A 403 16.41 30.28 -25.28
N ALA A 404 16.75 31.41 -24.64
CA ALA A 404 15.75 32.15 -23.89
C ALA A 404 14.77 32.87 -24.78
N ALA A 405 15.12 33.13 -26.04
CA ALA A 405 14.16 33.58 -27.03
C ALA A 405 13.43 32.43 -27.69
N GLU A 406 13.71 31.19 -27.28
CA GLU A 406 13.04 30.04 -27.87
C GLU A 406 11.95 29.50 -26.97
N ARG A 407 12.15 29.58 -25.64
CA ARG A 407 11.08 29.26 -24.71
C ARG A 407 9.89 30.19 -24.87
N ASP A 408 10.14 31.45 -25.22
CA ASP A 408 9.06 32.39 -25.42
C ASP A 408 8.34 32.18 -26.74
N TRP A 409 9.06 31.77 -27.78
CA TRP A 409 8.45 31.65 -29.11
C TRP A 409 7.48 30.47 -29.17
N VAL A 410 7.83 29.36 -28.52
CA VAL A 410 6.89 28.25 -28.47
C VAL A 410 5.76 28.51 -27.47
N ALA A 411 5.98 29.36 -26.47
CA ALA A 411 4.90 29.70 -25.57
C ALA A 411 4.04 30.84 -26.09
N ASP A 412 4.42 31.45 -27.21
CA ASP A 412 3.51 32.36 -27.91
C ASP A 412 2.35 31.60 -28.52
N HIS A 413 2.66 30.52 -29.24
CA HIS A 413 1.65 29.79 -30.00
C HIS A 413 0.80 28.87 -29.14
N LEU A 414 1.25 28.56 -27.93
CA LEU A 414 0.50 27.68 -27.05
C LEU A 414 -0.41 28.45 -26.10
N ALA A 415 0.08 29.55 -25.53
CA ALA A 415 -0.73 30.32 -24.58
C ALA A 415 -1.85 31.06 -25.29
N ARG A 416 -1.63 31.49 -26.53
CA ARG A 416 -2.70 32.08 -27.32
C ARG A 416 -3.70 31.02 -27.78
N ALA A 417 -3.28 29.76 -27.81
CA ALA A 417 -4.21 28.69 -28.13
C ALA A 417 -5.04 28.29 -26.93
N TYR A 418 -4.45 28.29 -25.74
CA TYR A 418 -5.20 27.96 -24.53
C TYR A 418 -6.16 29.07 -24.13
N HIS A 419 -5.63 30.29 -23.98
CA HIS A 419 -6.46 31.43 -23.61
C HIS A 419 -7.37 31.89 -24.73
N GLY A 420 -7.11 31.49 -25.97
CA GLY A 420 -7.96 31.84 -27.08
C GLY A 420 -9.33 31.17 -27.05
N ALA A 421 -9.45 30.04 -26.37
CA ALA A 421 -10.72 29.35 -26.24
C ALA A 421 -11.30 29.53 -24.85
N THR A 430 -5.55 17.91 -26.41
CA THR A 430 -4.79 18.84 -25.61
C THR A 430 -3.48 19.21 -26.30
N ALA A 431 -2.44 19.49 -25.52
CA ALA A 431 -1.16 19.88 -26.10
C ALA A 431 -0.01 19.14 -25.43
N ALA A 432 1.18 19.29 -26.01
CA ALA A 432 2.37 18.61 -25.51
C ALA A 432 3.63 19.29 -26.02
N VAL A 433 4.71 19.14 -25.24
CA VAL A 433 6.05 19.57 -25.61
C VAL A 433 6.98 18.37 -25.43
N LEU A 434 7.76 18.05 -26.47
CA LEU A 434 8.54 16.82 -26.50
C LEU A 434 10.03 17.16 -26.42
N VAL A 435 10.51 17.31 -25.19
CA VAL A 435 11.92 17.60 -24.97
C VAL A 435 12.76 16.36 -25.29
N ARG A 436 14.07 16.55 -25.38
CA ARG A 436 14.97 15.42 -25.51
C ARG A 436 15.90 15.28 -24.32
N ARG A 437 16.60 16.35 -23.94
CA ARG A 437 17.37 16.34 -22.71
C ARG A 437 16.41 16.36 -21.53
N ASN A 438 16.62 15.43 -20.59
CA ASN A 438 15.68 15.26 -19.48
C ASN A 438 15.73 16.41 -18.48
N ALA A 439 16.80 17.21 -18.50
CA ALA A 439 16.91 18.34 -17.58
C ALA A 439 16.39 19.63 -18.17
N ASP A 440 15.93 19.64 -19.42
CA ASP A 440 15.33 20.82 -20.00
C ASP A 440 13.81 20.78 -19.97
N ALA A 441 13.23 19.92 -19.13
CA ALA A 441 11.78 19.91 -18.96
C ALA A 441 11.33 20.98 -17.99
N ALA A 442 11.94 21.01 -16.80
CA ALA A 442 11.56 21.96 -15.76
C ALA A 442 11.93 23.43 -16.03
N PRO A 443 13.05 23.78 -16.68
CA PRO A 443 13.19 25.18 -17.14
C PRO A 443 12.27 25.54 -18.28
N MET A 444 11.70 24.57 -18.99
CA MET A 444 10.72 24.88 -20.02
C MET A 444 9.38 25.31 -19.43
N ALA A 445 8.97 24.69 -18.32
CA ALA A 445 7.66 24.97 -17.74
C ALA A 445 7.57 26.36 -17.14
N GLU A 446 8.70 26.94 -16.70
CA GLU A 446 8.65 28.23 -16.02
C GLU A 446 8.34 29.36 -16.99
N ALA A 447 8.84 29.28 -18.23
CA ALA A 447 8.58 30.31 -19.23
C ALA A 447 7.19 30.19 -19.85
N LEU A 448 6.43 29.16 -19.48
CA LEU A 448 5.07 29.00 -19.95
C LEU A 448 4.05 29.11 -18.81
N THR A 449 4.48 28.87 -17.55
CA THR A 449 3.61 29.11 -16.41
C THR A 449 3.36 30.60 -16.22
N ALA A 450 4.39 31.43 -16.41
CA ALA A 450 4.29 32.87 -16.21
C ALA A 450 3.37 33.56 -17.21
N ARG A 451 3.01 32.88 -18.30
CA ARG A 451 2.06 33.41 -19.28
C ARG A 451 0.64 32.95 -19.02
N GLY A 452 0.42 32.10 -18.01
CA GLY A 452 -0.91 31.82 -17.53
C GLY A 452 -1.58 30.56 -18.07
N VAL A 453 -0.84 29.46 -18.23
CA VAL A 453 -1.37 28.20 -18.72
C VAL A 453 -0.98 27.13 -17.72
N PRO A 454 -1.89 26.23 -17.32
CA PRO A 454 -1.49 25.09 -16.49
C PRO A 454 -0.55 24.15 -17.24
N VAL A 455 0.41 23.61 -16.49
CA VAL A 455 1.45 22.72 -17.00
C VAL A 455 1.57 21.55 -16.06
N GLU A 456 1.57 20.33 -16.60
CA GLU A 456 1.95 19.15 -15.84
C GLU A 456 3.27 18.61 -16.37
N VAL A 457 4.20 18.32 -15.46
CA VAL A 457 5.48 17.73 -15.80
C VAL A 457 5.45 16.28 -15.32
N VAL A 458 5.60 15.35 -16.25
CA VAL A 458 5.38 13.93 -15.98
C VAL A 458 6.55 13.37 -15.18
N GLY A 459 6.25 12.62 -14.13
CA GLY A 459 7.27 11.94 -13.38
C GLY A 459 7.14 12.16 -11.88
N VAL A 460 7.67 11.25 -11.07
CA VAL A 460 7.65 11.44 -9.62
C VAL A 460 8.83 12.25 -9.13
N ALA A 461 9.68 12.74 -10.03
CA ALA A 461 10.64 13.78 -9.70
C ALA A 461 10.13 15.16 -10.04
N GLY A 462 8.97 15.24 -10.70
CA GLY A 462 8.32 16.50 -11.00
C GLY A 462 6.97 16.55 -10.34
N LEU A 463 6.62 15.49 -9.61
CA LEU A 463 5.50 15.54 -8.69
C LEU A 463 5.88 16.37 -7.46
N LEU A 464 7.07 16.16 -6.93
CA LEU A 464 7.50 16.75 -5.69
C LEU A 464 8.07 18.16 -5.87
N ALA A 465 7.87 18.76 -7.04
CA ALA A 465 8.14 20.17 -7.25
C ALA A 465 6.86 20.98 -7.36
N VAL A 466 5.72 20.33 -7.22
CA VAL A 466 4.43 21.03 -7.10
C VAL A 466 4.35 21.65 -5.71
N PRO A 467 3.99 22.93 -5.57
CA PRO A 467 4.06 23.58 -4.26
C PRO A 467 3.01 23.12 -3.27
N GLU A 468 2.06 22.29 -3.64
CA GLU A 468 1.18 21.70 -2.64
C GLU A 468 1.71 20.39 -2.10
N VAL A 469 2.58 19.71 -2.84
CA VAL A 469 3.12 18.43 -2.39
C VAL A 469 4.50 18.62 -1.77
N ALA A 470 5.28 19.58 -2.28
CA ALA A 470 6.55 19.90 -1.66
C ALA A 470 6.37 20.57 -0.31
N ASP A 471 5.18 21.10 -0.03
CA ASP A 471 4.90 21.69 1.27
C ASP A 471 4.33 20.64 2.21
N LEU A 472 4.04 19.45 1.70
CA LEU A 472 3.55 18.37 2.55
C LEU A 472 4.67 17.41 2.90
N VAL A 473 5.66 17.30 2.03
CA VAL A 473 6.84 16.50 2.33
C VAL A 473 7.72 17.23 3.33
N ALA A 474 7.79 18.56 3.23
CA ALA A 474 8.67 19.33 4.11
C ALA A 474 8.10 19.42 5.52
N MET A 475 6.82 19.11 5.71
CA MET A 475 6.27 19.07 7.06
C MET A 475 6.42 17.67 7.65
N LEU A 476 6.43 16.64 6.81
CA LEU A 476 6.73 15.30 7.31
C LEU A 476 8.18 15.17 7.71
N ARG A 477 9.06 15.87 7.00
CA ARG A 477 10.49 15.81 7.29
C ARG A 477 10.83 16.59 8.53
N LEU A 478 10.04 17.61 8.87
CA LEU A 478 10.29 18.37 10.08
C LEU A 478 9.75 17.66 11.31
N ILE A 479 8.73 16.82 11.14
CA ILE A 479 8.21 16.03 12.25
C ILE A 479 9.14 14.86 12.55
N ALA A 480 9.55 14.14 11.51
CA ALA A 480 10.37 12.93 11.63
C ALA A 480 11.76 13.20 12.22
N ASP A 481 12.60 13.97 11.53
CA ASP A 481 13.94 14.28 12.04
C ASP A 481 14.19 15.78 12.09
N PRO A 482 14.43 16.36 13.25
CA PRO A 482 14.67 17.80 13.36
C PRO A 482 16.12 18.22 13.18
N THR A 483 16.80 17.63 12.21
CA THR A 483 18.11 18.08 11.79
C THR A 483 18.15 18.42 10.31
N ALA A 484 17.06 18.15 9.60
CA ALA A 484 16.92 18.60 8.21
C ALA A 484 16.62 20.08 8.27
N GLY A 485 17.68 20.88 8.24
CA GLY A 485 17.53 22.31 8.32
C GLY A 485 16.99 22.97 7.08
N SER A 486 17.08 22.29 5.93
CA SER A 486 16.58 22.89 4.71
C SER A 486 15.08 22.73 4.57
N ALA A 487 14.47 21.80 5.29
CA ALA A 487 13.02 21.68 5.32
C ALA A 487 12.38 22.67 6.27
N VAL A 488 13.13 23.16 7.24
CA VAL A 488 12.60 24.20 8.14
C VAL A 488 12.48 25.52 7.39
N MET A 489 13.48 25.87 6.59
CA MET A 489 13.45 27.12 5.85
C MET A 489 12.41 27.14 4.74
N ARG A 490 11.94 25.98 4.28
CA ARG A 490 10.78 25.97 3.40
C ARG A 490 9.54 26.41 4.15
N ILE A 491 9.49 26.13 5.44
CA ILE A 491 8.29 26.32 6.25
C ILE A 491 8.29 27.69 6.92
N LEU A 492 9.42 28.11 7.50
CA LEU A 492 9.46 29.41 8.16
C LEU A 492 9.40 30.57 7.18
N THR A 493 9.71 30.36 5.90
CA THR A 493 9.70 31.45 4.93
C THR A 493 8.58 31.35 3.91
N GLY A 494 7.74 30.32 3.99
CA GLY A 494 6.71 30.08 3.01
C GLY A 494 5.56 31.06 3.09
N PRO A 495 4.48 30.80 2.35
CA PRO A 495 3.38 31.76 2.33
C PRO A 495 2.53 31.72 3.59
N ARG A 496 2.56 30.62 4.33
CA ARG A 496 2.02 30.58 5.69
C ARG A 496 3.13 30.94 6.65
N TRP A 497 2.79 31.72 7.69
CA TRP A 497 3.72 32.33 8.67
C TRP A 497 5.01 32.86 8.07
N ARG A 498 4.93 33.90 7.26
CA ARG A 498 6.10 34.53 6.70
C ARG A 498 6.97 35.13 7.80
N PHE A 499 8.19 34.64 7.94
CA PHE A 499 9.12 35.19 8.90
C PHE A 499 10.06 36.16 8.23
N GLY A 500 10.39 37.24 8.92
CA GLY A 500 11.33 38.20 8.42
C GLY A 500 12.75 37.72 8.61
N ALA A 501 13.67 38.50 8.06
CA ALA A 501 15.07 38.15 8.19
C ALA A 501 15.62 38.39 9.58
N ARG A 502 14.92 39.20 10.40
CA ARG A 502 15.38 39.45 11.76
C ARG A 502 14.88 38.42 12.75
N ASP A 503 13.94 37.56 12.36
CA ASP A 503 13.49 36.49 13.25
C ASP A 503 14.14 35.16 12.91
N ILE A 504 14.56 34.96 11.68
CA ILE A 504 15.36 33.78 11.35
C ILE A 504 16.72 33.86 12.03
N ALA A 505 17.34 35.04 11.98
CA ALA A 505 18.63 35.23 12.63
C ALA A 505 18.53 35.24 14.14
N ALA A 506 17.34 35.45 14.70
CA ALA A 506 17.18 35.41 16.15
C ALA A 506 16.88 34.01 16.65
N LEU A 507 16.38 33.12 15.81
CA LEU A 507 16.26 31.72 16.22
C LEU A 507 17.62 31.05 16.26
N TRP A 508 18.59 31.52 15.46
CA TRP A 508 19.90 30.88 15.43
C TRP A 508 20.75 31.27 16.61
N ARG A 509 20.67 32.52 17.08
CA ARG A 509 21.41 32.90 18.28
C ARG A 509 20.89 32.18 19.51
N ARG A 510 19.60 31.84 19.51
CA ARG A 510 19.08 30.95 20.55
C ARG A 510 19.57 29.53 20.35
N ALA A 511 19.57 29.04 19.11
CA ALA A 511 19.89 27.65 18.85
C ALA A 511 21.38 27.36 18.94
N VAL A 512 22.23 28.38 19.00
CA VAL A 512 23.63 28.18 19.35
C VAL A 512 23.81 28.18 20.87
N GLU A 513 23.03 29.00 21.58
CA GLU A 513 23.12 29.08 23.03
C GLU A 513 22.61 27.83 23.72
N LEU A 514 21.78 27.04 23.06
CA LEU A 514 21.39 25.75 23.65
C LEU A 514 22.54 24.76 23.65
N ASP A 515 23.33 24.73 22.59
CA ASP A 515 24.42 23.78 22.47
C ASP A 515 25.60 24.15 23.36
N GLY A 523 41.98 17.95 18.22
CA GLY A 523 42.17 16.57 18.63
C GLY A 523 41.48 15.58 17.72
N THR A 524 42.26 14.70 17.10
CA THR A 524 41.78 13.80 16.05
C THR A 524 40.80 12.74 16.54
N ALA A 525 40.72 12.49 17.85
CA ALA A 525 39.67 11.62 18.35
C ALA A 525 38.39 12.40 18.62
N ASP A 526 38.50 13.70 18.89
CA ASP A 526 37.35 14.56 19.11
C ASP A 526 36.79 15.16 17.83
N ILE A 527 37.48 14.98 16.70
CA ILE A 527 36.90 15.32 15.41
C ILE A 527 35.99 14.19 14.94
N VAL A 528 36.39 12.95 15.21
CA VAL A 528 35.66 11.76 14.81
C VAL A 528 34.55 11.43 15.80
N ALA A 529 34.50 12.12 16.95
CA ALA A 529 33.33 12.04 17.80
C ALA A 529 32.12 12.68 17.14
N GLN A 530 32.35 13.74 16.37
CA GLN A 530 31.39 14.27 15.42
C GLN A 530 31.27 13.32 14.24
N ALA A 531 30.29 13.58 13.38
CA ALA A 531 29.89 12.68 12.29
C ALA A 531 29.61 11.28 12.82
N ALA A 532 28.68 11.22 13.74
CA ALA A 532 28.11 10.00 14.29
C ALA A 532 26.60 10.16 14.22
N PRO A 533 25.84 9.07 14.35
CA PRO A 533 24.39 9.22 14.51
C PRO A 533 23.99 9.85 15.83
N ASP A 534 24.85 9.80 16.84
CA ASP A 534 24.55 10.30 18.18
C ASP A 534 25.14 11.66 18.44
N ALA A 535 25.43 12.43 17.41
CA ALA A 535 26.07 13.72 17.59
C ALA A 535 25.05 14.82 17.86
N ASP A 536 25.50 15.88 18.50
CA ASP A 536 24.65 17.02 18.84
C ASP A 536 25.28 18.28 18.27
N THR A 537 24.58 18.91 17.32
CA THR A 537 25.20 19.88 16.43
C THR A 537 24.43 21.19 16.23
N ALA A 538 23.61 21.62 17.19
CA ALA A 538 23.01 22.96 17.26
C ALA A 538 22.12 23.26 16.04
N CYS A 539 21.00 22.55 15.98
CA CYS A 539 20.03 22.75 14.93
C CYS A 539 18.98 23.78 15.36
N VAL A 540 18.21 24.28 14.39
CA VAL A 540 17.18 25.28 14.66
C VAL A 540 15.93 24.69 15.27
N ALA A 541 15.48 23.52 14.79
CA ALA A 541 14.18 22.97 15.11
C ALA A 541 14.03 22.48 16.54
N ASP A 542 15.02 22.66 17.41
CA ASP A 542 14.80 22.57 18.84
C ASP A 542 14.96 23.90 19.56
N ALA A 543 14.92 25.00 18.81
CA ALA A 543 14.69 26.32 19.39
C ALA A 543 13.30 26.84 19.03
N ILE A 544 12.46 26.00 18.43
CA ILE A 544 11.04 26.32 18.32
C ILE A 544 10.30 25.77 19.53
N CYS A 545 10.78 24.65 20.08
CA CYS A 545 10.08 24.01 21.20
C CYS A 545 10.33 24.74 22.52
N ASP A 546 11.43 25.48 22.62
CA ASP A 546 11.66 26.41 23.73
C ASP A 546 12.35 27.66 23.20
N PRO A 547 11.57 28.65 22.76
CA PRO A 547 12.16 29.80 22.05
C PRO A 547 12.89 30.78 22.93
N GLY A 548 12.71 30.73 24.25
CA GLY A 548 13.35 31.68 25.13
C GLY A 548 12.35 32.66 25.73
N ASP A 549 12.88 33.78 26.19
CA ASP A 549 12.05 34.86 26.68
C ASP A 549 11.65 35.79 25.53
N ALA A 550 10.45 36.35 25.65
CA ALA A 550 9.79 37.00 24.51
C ALA A 550 10.18 38.46 24.37
N GLU A 551 11.47 38.74 24.41
CA GLU A 551 11.97 40.08 24.16
C GLU A 551 12.94 40.14 23.00
N ARG A 552 13.67 39.05 22.74
CA ARG A 552 14.60 38.99 21.63
C ARG A 552 13.91 38.85 20.28
N TYR A 553 12.63 38.49 20.26
CA TYR A 553 11.86 38.42 19.04
C TYR A 553 11.02 39.69 18.89
N SER A 554 10.13 39.68 17.91
CA SER A 554 9.17 40.75 17.76
C SER A 554 7.89 40.41 18.51
N PRO A 555 7.04 41.39 18.80
CA PRO A 555 5.73 41.05 19.39
C PRO A 555 4.83 40.25 18.47
N ALA A 556 4.91 40.48 17.16
CA ALA A 556 4.09 39.73 16.22
C ALA A 556 4.66 38.36 15.92
N GLY A 557 5.97 38.26 15.69
CA GLY A 557 6.60 37.00 15.34
C GLY A 557 6.95 36.13 16.51
N TYR A 558 6.56 36.49 17.72
CA TYR A 558 6.68 35.55 18.83
C TYR A 558 5.45 34.68 18.95
N GLU A 559 4.27 35.20 18.61
CA GLU A 559 3.06 34.39 18.71
C GLU A 559 2.95 33.41 17.55
N ARG A 560 3.79 33.53 16.54
CA ARG A 560 3.87 32.54 15.48
C ARG A 560 4.90 31.47 15.76
N ILE A 561 5.88 31.78 16.62
CA ILE A 561 6.87 30.75 17.03
C ILE A 561 6.14 29.74 17.92
N VAL A 562 5.32 30.25 18.85
CA VAL A 562 4.52 29.42 19.80
C VAL A 562 3.44 28.64 19.03
N ALA A 563 2.76 29.27 18.08
CA ALA A 563 1.69 28.61 17.31
C ALA A 563 2.27 27.42 16.53
N LEU A 564 3.44 27.61 15.94
CA LEU A 564 4.13 26.54 15.16
C LEU A 564 4.51 25.41 16.12
N GLY A 565 4.93 25.75 17.34
CA GLY A 565 5.36 24.79 18.37
C GLY A 565 4.26 23.82 18.79
N ARG A 566 3.02 24.28 18.95
CA ARG A 566 1.95 23.39 19.40
C ARG A 566 1.48 22.44 18.31
N GLU A 567 1.55 22.84 17.04
CA GLU A 567 1.23 21.88 15.98
C GLU A 567 2.26 20.77 15.92
N LEU A 568 3.52 21.10 16.18
CA LEU A 568 4.53 20.05 16.18
C LEU A 568 4.41 19.16 17.40
N THR A 569 3.99 19.69 18.54
CA THR A 569 3.76 18.85 19.71
C THR A 569 2.58 17.92 19.48
N MET A 570 1.54 18.40 18.80
CA MET A 570 0.38 17.56 18.52
C MET A 570 0.70 16.52 17.44
N LEU A 571 1.35 16.95 16.36
CA LEU A 571 1.57 16.04 15.23
C LEU A 571 2.69 15.05 15.48
N ARG A 572 3.65 15.34 16.36
CA ARG A 572 4.61 14.33 16.77
C ARG A 572 4.06 13.39 17.85
N ALA A 573 2.80 13.52 18.22
CA ALA A 573 2.17 12.46 19.01
C ALA A 573 1.49 11.46 18.11
N HIS A 574 1.37 11.79 16.82
CA HIS A 574 0.69 10.92 15.81
C HIS A 574 1.68 10.04 15.04
N LEU A 575 2.92 9.91 15.53
CA LEU A 575 3.97 9.09 14.86
C LEU A 575 3.56 7.61 14.77
N GLY A 576 2.79 7.14 15.75
CA GLY A 576 2.38 5.72 15.92
C GLY A 576 1.31 5.24 14.95
N HIS A 577 0.62 6.19 14.32
CA HIS A 577 -0.51 5.87 13.41
C HIS A 577 0.03 5.31 12.09
N PRO A 578 -0.81 4.69 11.23
CA PRO A 578 -0.34 4.17 9.95
C PRO A 578 0.06 5.36 9.06
N LEU A 579 0.91 5.13 8.05
CA LEU A 579 1.40 6.23 7.17
C LEU A 579 0.23 6.90 6.45
N PRO A 580 -0.77 6.16 5.91
CA PRO A 580 -1.89 6.80 5.21
C PRO A 580 -2.71 7.73 6.13
N GLU A 581 -2.89 7.36 7.39
CA GLU A 581 -3.68 8.17 8.36
C GLU A 581 -2.92 9.44 8.78
N LEU A 582 -1.62 9.30 9.06
CA LEU A 582 -0.71 10.39 9.50
C LEU A 582 -0.64 11.47 8.42
N VAL A 583 -0.54 11.07 7.16
CA VAL A 583 -0.53 12.00 6.04
C VAL A 583 -1.88 12.70 5.92
N ALA A 584 -2.96 12.00 6.25
CA ALA A 584 -4.28 12.60 6.16
C ALA A 584 -4.59 13.44 7.39
N GLU A 585 -3.80 13.31 8.46
CA GLU A 585 -3.99 14.18 9.61
C GLU A 585 -3.08 15.40 9.54
N VAL A 586 -2.03 15.33 8.72
CA VAL A 586 -1.22 16.51 8.46
C VAL A 586 -1.89 17.38 7.40
N ARG A 587 -2.63 16.76 6.48
CA ARG A 587 -3.19 17.50 5.36
C ARG A 587 -4.43 18.29 5.77
N ARG A 588 -4.96 18.05 6.97
CA ARG A 588 -6.06 18.88 7.44
C ARG A 588 -5.64 19.86 8.54
N VAL A 589 -4.51 19.62 9.20
CA VAL A 589 -3.91 20.67 10.03
C VAL A 589 -3.40 21.80 9.16
N LEU A 590 -2.55 21.49 8.18
CA LEU A 590 -2.31 22.37 7.06
C LEU A 590 -3.60 22.58 6.30
N GLY A 591 -3.71 23.71 5.63
CA GLY A 591 -4.89 23.93 4.82
C GLY A 591 -4.69 23.52 3.38
N LEU A 592 -4.23 22.29 3.14
CA LEU A 592 -3.80 21.94 1.80
C LEU A 592 -4.95 21.60 0.86
N ASP A 593 -6.10 21.20 1.37
CA ASP A 593 -7.20 20.90 0.47
C ASP A 593 -7.98 22.15 0.08
N ALA A 594 -7.99 23.16 0.94
CA ALA A 594 -8.73 24.38 0.67
C ALA A 594 -7.90 25.43 -0.06
N GLU A 595 -6.57 25.39 0.09
CA GLU A 595 -5.73 26.36 -0.58
C GLU A 595 -5.34 25.91 -1.97
N ALA A 596 -5.51 24.62 -2.27
CA ALA A 596 -5.22 24.12 -3.60
C ALA A 596 -6.44 24.21 -4.51
N ARG A 597 -7.64 24.16 -3.94
CA ARG A 597 -8.85 24.40 -4.72
C ARG A 597 -9.05 25.88 -5.00
N ALA A 598 -8.62 26.75 -4.10
CA ALA A 598 -8.84 28.19 -4.31
C ALA A 598 -7.79 28.79 -5.22
N ALA A 599 -6.80 28.00 -5.63
CA ALA A 599 -5.84 28.49 -6.62
C ALA A 599 -6.30 28.16 -8.03
N ARG A 600 -7.30 27.30 -8.15
CA ARG A 600 -7.77 26.84 -9.45
C ARG A 600 -8.66 27.89 -10.08
N PRO A 601 -8.56 28.11 -11.39
CA PRO A 601 -9.49 29.03 -12.06
C PRO A 601 -10.90 28.48 -12.17
N VAL A 602 -11.82 29.36 -12.58
CA VAL A 602 -13.25 29.07 -12.49
C VAL A 602 -13.68 28.13 -13.61
N ALA A 603 -12.91 28.10 -14.70
CA ALA A 603 -13.29 27.31 -15.87
C ALA A 603 -13.17 25.81 -15.61
N ALA A 604 -12.21 25.38 -14.81
CA ALA A 604 -12.23 24.04 -14.27
C ALA A 604 -13.34 23.94 -13.23
N GLY A 605 -13.85 22.74 -13.02
CA GLY A 605 -14.96 22.58 -12.11
C GLY A 605 -14.53 22.55 -10.66
N TRP A 606 -14.97 21.54 -9.95
CA TRP A 606 -14.62 21.34 -8.55
C TRP A 606 -13.28 20.61 -8.37
N ALA A 607 -12.42 20.64 -9.38
CA ALA A 607 -11.19 19.86 -9.38
C ALA A 607 -10.01 20.71 -8.98
N GLY A 608 -9.44 20.44 -7.80
CA GLY A 608 -8.20 21.09 -7.43
C GLY A 608 -7.27 20.21 -6.61
N THR A 609 -7.60 18.94 -6.43
CA THR A 609 -6.79 18.02 -5.65
C THR A 609 -6.35 16.81 -6.46
N GLU A 610 -6.06 17.03 -7.75
CA GLU A 610 -5.60 15.91 -8.62
C GLU A 610 -4.20 15.46 -8.21
N ASN A 611 -3.27 16.42 -8.09
CA ASN A 611 -1.85 16.14 -7.72
C ASN A 611 -1.74 15.68 -6.26
N LEU A 612 -2.51 16.29 -5.36
CA LEU A 612 -2.46 15.96 -3.91
C LEU A 612 -2.89 14.50 -3.73
N ASP A 613 -3.92 14.08 -4.44
CA ASP A 613 -4.43 12.68 -4.38
C ASP A 613 -3.38 11.70 -4.89
N ARG A 614 -2.62 12.09 -5.92
CA ARG A 614 -1.59 11.19 -6.53
C ARG A 614 -0.51 10.85 -5.48
N PHE A 615 -0.07 11.83 -4.69
CA PHE A 615 0.94 11.56 -3.67
C PHE A 615 0.43 10.60 -2.61
N SER A 616 -0.86 10.68 -2.27
CA SER A 616 -1.37 9.80 -1.24
C SER A 616 -1.65 8.40 -1.75
N ASP A 617 -1.57 8.19 -3.07
CA ASP A 617 -1.53 6.86 -3.63
C ASP A 617 -0.11 6.31 -3.72
N LEU A 618 0.90 7.17 -3.66
CA LEU A 618 2.28 6.71 -3.57
C LEU A 618 2.62 6.29 -2.15
N VAL A 619 2.07 6.97 -1.14
CA VAL A 619 2.23 6.57 0.24
C VAL A 619 1.51 5.26 0.51
N SER A 620 0.30 5.12 0.00
CA SER A 620 -0.54 3.98 0.30
C SER A 620 -0.23 2.76 -0.56
N ASP A 621 0.77 2.83 -1.42
CA ASP A 621 1.21 1.64 -2.14
C ASP A 621 1.90 0.67 -1.19
N PHE A 622 2.58 1.18 -0.17
CA PHE A 622 3.35 0.36 0.75
C PHE A 622 3.12 0.72 2.21
N ALA A 623 2.06 1.46 2.49
CA ALA A 623 1.78 1.93 3.84
C ALA A 623 1.41 0.78 4.79
N GLY A 627 6.21 0.77 7.40
CA GLY A 627 6.48 2.19 7.21
C GLY A 627 6.44 2.99 8.51
N ALA A 628 7.25 4.04 8.59
CA ALA A 628 7.32 4.85 9.80
C ALA A 628 7.51 6.33 9.56
N SER A 629 7.44 6.80 8.31
CA SER A 629 7.73 8.17 7.85
C SER A 629 9.14 8.62 8.20
N VAL A 630 10.04 7.71 8.55
CA VAL A 630 11.43 7.99 8.90
C VAL A 630 12.30 7.17 7.98
N SER A 631 12.20 5.84 8.12
CA SER A 631 12.88 4.93 7.22
C SER A 631 12.10 4.70 5.95
N ALA A 632 10.80 4.95 6.00
CA ALA A 632 9.98 4.99 4.80
C ALA A 632 9.58 6.43 4.55
N LEU A 633 9.17 6.68 3.30
CA LEU A 633 8.65 7.94 2.76
C LEU A 633 9.66 9.07 2.70
N LEU A 634 10.81 8.90 3.24
CA LEU A 634 11.87 9.89 3.14
C LEU A 634 13.13 9.27 2.61
N ALA A 635 13.40 8.03 2.99
CA ALA A 635 14.33 7.21 2.24
C ALA A 635 13.71 6.67 0.97
N TYR A 636 12.38 6.56 0.92
CA TYR A 636 11.72 6.03 -0.27
C TYR A 636 11.56 7.10 -1.33
N LEU A 637 11.08 8.29 -0.96
CA LEU A 637 10.87 9.37 -1.92
C LEU A 637 12.18 9.87 -2.50
N ASP A 638 13.21 10.01 -1.66
CA ASP A 638 14.49 10.49 -2.14
C ASP A 638 15.20 9.45 -3.02
N ALA A 639 14.80 8.19 -2.91
CA ALA A 639 15.33 7.17 -3.82
C ALA A 639 14.55 7.14 -5.13
N ALA A 640 13.33 7.66 -5.15
CA ALA A 640 12.54 7.67 -6.37
C ALA A 640 12.82 8.89 -7.22
N VAL A 641 13.38 9.95 -6.65
CA VAL A 641 13.78 11.12 -7.44
C VAL A 641 14.95 10.77 -8.34
N GLU A 642 15.92 10.03 -7.81
CA GLU A 642 17.07 9.60 -8.59
C GLU A 642 16.83 8.19 -9.15
N VAL A 643 15.80 8.10 -9.99
CA VAL A 643 15.34 6.88 -10.68
C VAL A 643 15.07 5.72 -9.72
N HIS A 656 -5.85 16.60 -18.82
CA HIS A 656 -7.13 17.07 -19.34
C HIS A 656 -7.01 18.50 -19.84
N ASP A 657 -6.88 19.45 -18.89
CA ASP A 657 -6.73 20.86 -19.22
C ASP A 657 -5.28 21.31 -19.25
N ARG A 658 -4.34 20.46 -18.89
CA ARG A 658 -2.96 20.88 -18.69
C ARG A 658 -2.09 20.56 -19.90
N VAL A 659 -1.04 21.36 -20.06
CA VAL A 659 0.01 21.10 -21.03
C VAL A 659 0.97 20.10 -20.42
N GLN A 660 1.33 19.06 -21.17
CA GLN A 660 2.19 18.00 -20.66
C GLN A 660 3.56 18.10 -21.31
N ILE A 661 4.60 18.19 -20.48
CA ILE A 661 5.98 18.30 -20.96
C ILE A 661 6.71 17.03 -20.56
N LEU A 662 7.24 16.32 -21.54
CA LEU A 662 7.79 14.99 -21.33
C LEU A 662 8.74 14.67 -22.47
N THR A 663 9.63 13.70 -22.22
CA THR A 663 10.64 13.33 -23.20
C THR A 663 10.01 12.57 -24.37
N VAL A 664 10.64 12.69 -25.54
CA VAL A 664 10.15 12.06 -26.76
C VAL A 664 10.33 10.55 -26.71
N HIS A 665 11.19 10.06 -25.83
CA HIS A 665 11.44 8.63 -25.67
C HIS A 665 10.38 7.94 -24.82
N ALA A 666 9.42 8.69 -24.28
CA ALA A 666 8.34 8.11 -23.49
C ALA A 666 6.97 8.57 -23.92
N ALA A 667 6.84 9.39 -24.96
CA ALA A 667 5.56 9.71 -25.57
C ALA A 667 5.43 8.85 -26.82
N LYS A 668 5.17 7.56 -26.62
CA LYS A 668 5.26 6.57 -27.68
C LYS A 668 3.91 6.11 -28.20
N GLY A 669 3.05 5.61 -27.32
CA GLY A 669 1.75 5.13 -27.75
C GLY A 669 0.67 6.19 -27.67
N LEU A 670 1.07 7.43 -27.42
CA LEU A 670 0.14 8.51 -27.19
C LEU A 670 -0.02 9.35 -28.46
N GLU A 671 -1.00 10.26 -28.43
CA GLU A 671 -1.25 11.17 -29.53
C GLU A 671 -2.01 12.38 -29.01
N TRP A 672 -1.50 13.58 -29.33
CA TRP A 672 -2.08 14.85 -28.92
C TRP A 672 -2.57 15.62 -30.15
N GLN A 673 -3.00 16.85 -29.91
CA GLN A 673 -3.47 17.71 -31.00
C GLN A 673 -2.42 18.73 -31.41
N VAL A 674 -1.92 19.53 -30.48
CA VAL A 674 -0.87 20.50 -30.76
C VAL A 674 0.41 20.00 -30.12
N VAL A 675 1.41 19.71 -30.96
CA VAL A 675 2.69 19.15 -30.44
C VAL A 675 3.84 20.07 -30.86
N ALA A 676 4.64 20.51 -29.89
CA ALA A 676 5.80 21.37 -30.19
C ALA A 676 7.05 20.71 -29.62
N VAL A 677 8.07 20.50 -30.46
CA VAL A 677 9.36 19.92 -29.97
C VAL A 677 10.21 21.14 -29.64
N PRO A 678 10.73 21.32 -28.40
CA PRO A 678 11.49 22.55 -28.11
C PRO A 678 12.77 22.96 -28.85
N HIS A 679 13.76 22.07 -29.04
CA HIS A 679 14.99 22.51 -29.74
C HIS A 679 15.77 21.33 -30.34
N LEU A 680 16.53 21.60 -31.41
CA LEU A 680 17.37 20.59 -32.11
C LEU A 680 18.67 21.25 -32.58
N SER A 681 19.57 21.60 -31.65
CA SER A 681 20.83 22.25 -31.99
C SER A 681 21.83 21.21 -32.49
N ALA A 682 23.11 21.59 -32.51
CA ALA A 682 24.16 20.70 -33.01
C ALA A 682 24.35 19.49 -32.09
N ARG A 683 24.72 19.73 -30.84
CA ARG A 683 25.04 18.65 -29.92
C ARG A 683 23.85 18.22 -29.07
N VAL A 684 22.66 18.76 -29.33
CA VAL A 684 21.53 18.55 -28.43
C VAL A 684 20.70 17.36 -28.88
N PHE A 685 20.09 17.44 -30.05
CA PHE A 685 19.23 16.34 -30.46
C PHE A 685 20.01 15.20 -31.14
N PRO A 686 20.95 15.43 -32.07
CA PRO A 686 21.79 14.29 -32.48
C PRO A 686 22.79 13.85 -31.42
N SER A 687 23.58 14.78 -30.88
CA SER A 687 24.72 14.52 -29.97
C SER A 687 25.69 13.49 -30.54
N THR A 693 29.16 1.57 -25.34
CA THR A 693 29.70 0.42 -26.04
C THR A 693 30.02 -0.71 -25.08
N TRP A 694 30.31 -1.88 -25.61
CA TRP A 694 30.64 -3.03 -24.75
C TRP A 694 32.11 -3.05 -24.35
N LEU A 695 32.92 -2.13 -24.86
CA LEU A 695 34.35 -2.12 -24.58
C LEU A 695 34.81 -0.86 -23.88
N THR A 696 33.89 0.03 -23.50
CA THR A 696 34.22 1.19 -22.68
C THR A 696 33.47 1.18 -21.35
N ASP A 697 32.20 0.81 -21.37
CA ASP A 697 31.38 0.74 -20.17
C ASP A 697 31.38 -0.68 -19.63
N ALA A 698 31.43 -0.79 -18.30
CA ALA A 698 31.44 -2.10 -17.60
C ALA A 698 30.14 -2.88 -17.83
N SER A 699 28.99 -2.20 -17.83
CA SER A 699 27.66 -2.85 -17.94
C SER A 699 27.19 -2.99 -19.39
N ASP A 700 27.96 -2.56 -20.40
CA ASP A 700 27.46 -2.66 -21.81
C ASP A 700 27.25 -4.13 -22.21
N LEU A 701 28.23 -4.98 -21.87
CA LEU A 701 28.27 -6.47 -22.11
C LEU A 701 28.78 -6.84 -23.52
N PRO A 702 29.25 -8.09 -23.74
CA PRO A 702 29.77 -8.52 -25.05
C PRO A 702 28.68 -9.00 -26.02
N PRO A 703 28.75 -8.66 -27.32
CA PRO A 703 27.73 -9.04 -28.29
C PRO A 703 27.60 -10.57 -28.52
N LEU A 704 28.73 -11.28 -28.56
CA LEU A 704 28.70 -12.75 -28.80
C LEU A 704 27.65 -13.40 -27.89
N LEU A 705 27.57 -12.96 -26.63
CA LEU A 705 26.57 -13.50 -25.65
C LEU A 705 25.19 -12.86 -25.86
N ARG A 706 25.13 -11.77 -26.65
CA ARG A 706 23.85 -11.04 -26.89
C ARG A 706 22.90 -11.87 -27.76
N GLY A 707 21.58 -11.65 -27.61
CA GLY A 707 20.58 -12.37 -28.38
C GLY A 707 20.23 -11.74 -29.71
N ASP A 708 20.73 -10.54 -29.97
CA ASP A 708 20.50 -9.88 -31.25
C ASP A 708 21.83 -9.49 -31.88
N LYS A 734 40.00 -4.01 -35.84
CA LYS A 734 38.71 -4.59 -35.48
C LYS A 734 38.14 -3.92 -34.24
N ILE A 735 39.03 -3.45 -33.36
CA ILE A 735 38.60 -2.71 -32.18
C ILE A 735 38.01 -1.37 -32.59
N SER A 736 38.73 -0.62 -33.42
CA SER A 736 38.22 0.64 -33.95
C SER A 736 37.28 0.45 -35.13
N ASP A 737 37.18 -0.75 -35.69
CA ASP A 737 36.15 -1.01 -36.70
C ASP A 737 34.80 -1.25 -36.04
N HIS A 738 34.79 -1.95 -34.90
CA HIS A 738 33.55 -2.15 -34.17
C HIS A 738 33.06 -0.87 -33.52
N LYS A 739 33.99 -0.02 -33.05
CA LYS A 739 33.59 1.22 -32.40
C LYS A 739 33.11 2.26 -33.40
N LYS A 740 33.44 2.07 -34.69
CA LYS A 740 32.87 2.95 -35.71
C LYS A 740 31.57 2.39 -36.25
N SER A 741 31.45 1.06 -36.33
CA SER A 741 30.24 0.45 -36.87
C SER A 741 29.09 0.52 -35.87
N LEU A 742 29.40 0.65 -34.57
CA LEU A 742 28.36 0.85 -33.57
C LEU A 742 27.99 2.31 -33.43
N ASP A 743 28.91 3.22 -33.74
CA ASP A 743 28.59 4.64 -33.71
C ASP A 743 27.66 5.02 -34.85
N GLN A 744 27.71 4.28 -35.96
CA GLN A 744 26.74 4.44 -37.04
C GLN A 744 25.49 3.62 -36.78
N ARG A 745 25.41 2.89 -35.67
CA ARG A 745 24.19 2.20 -35.29
C ARG A 745 23.30 3.10 -34.44
N ARG A 746 23.90 3.96 -33.61
CA ARG A 746 23.15 4.90 -32.80
C ARG A 746 22.62 6.07 -33.62
N VAL A 747 23.17 6.31 -34.82
CA VAL A 747 22.62 7.33 -35.70
C VAL A 747 21.32 6.85 -36.32
N ASP A 748 21.23 5.57 -36.67
CA ASP A 748 20.01 5.02 -37.23
C ASP A 748 18.88 4.96 -36.21
N GLU A 749 19.19 4.97 -34.92
CA GLU A 749 18.15 5.00 -33.90
C GLU A 749 17.74 6.43 -33.53
N GLU A 750 18.37 7.44 -34.12
CA GLU A 750 17.94 8.81 -33.91
C GLU A 750 17.32 9.46 -35.12
N ARG A 751 17.39 8.83 -36.28
CA ARG A 751 16.51 9.23 -37.36
C ARG A 751 15.11 8.65 -37.17
N ARG A 752 14.95 7.75 -36.22
CA ARG A 752 13.63 7.25 -35.82
C ARG A 752 12.93 8.14 -34.81
N LEU A 753 13.68 8.77 -33.89
CA LEU A 753 13.06 9.65 -32.91
C LEU A 753 12.52 10.92 -33.55
N LEU A 754 13.14 11.39 -34.63
CA LEU A 754 12.57 12.50 -35.39
C LEU A 754 11.31 12.07 -36.12
N TYR A 755 11.19 10.78 -36.42
CA TYR A 755 9.96 10.26 -37.03
C TYR A 755 8.86 10.05 -36.01
N VAL A 756 9.21 9.78 -34.75
CA VAL A 756 8.19 9.64 -33.71
C VAL A 756 7.58 11.00 -33.40
N ALA A 757 8.43 12.03 -33.20
CA ALA A 757 7.97 13.34 -32.75
C ALA A 757 7.12 14.05 -33.80
N ILE A 758 7.31 13.75 -35.08
CA ILE A 758 6.44 14.31 -36.10
C ILE A 758 5.06 13.67 -36.02
N THR A 759 5.00 12.35 -35.87
CA THR A 759 3.75 11.61 -36.01
C THR A 759 3.00 11.45 -34.70
N ARG A 760 3.18 12.36 -33.74
CA ARG A 760 2.34 12.32 -32.55
C ARG A 760 1.19 13.32 -32.60
N ALA A 761 1.25 14.25 -33.54
CA ALA A 761 0.30 15.35 -33.62
C ALA A 761 -0.87 15.03 -34.54
N GLU A 762 -1.94 15.80 -34.37
CA GLU A 762 -3.09 15.76 -35.26
C GLU A 762 -3.45 17.12 -35.83
N ASP A 763 -3.15 18.21 -35.13
CA ASP A 763 -3.52 19.54 -35.63
C ASP A 763 -2.32 20.29 -36.22
N THR A 764 -1.29 20.52 -35.42
CA THR A 764 -0.22 21.43 -35.84
C THR A 764 1.10 21.09 -35.17
N LEU A 765 2.19 21.18 -35.93
CA LEU A 765 3.54 20.81 -35.42
C LEU A 765 4.45 22.04 -35.38
N LEU A 766 5.12 22.26 -34.23
CA LEU A 766 6.08 23.38 -34.10
C LEU A 766 7.48 22.79 -33.92
N LEU A 767 8.40 23.14 -34.83
CA LEU A 767 9.80 22.64 -34.78
C LEU A 767 10.73 23.87 -34.78
N SER A 768 11.73 23.90 -33.89
CA SER A 768 12.58 25.08 -33.86
C SER A 768 13.98 24.67 -33.41
N GLY A 769 14.90 25.62 -33.49
CA GLY A 769 16.26 25.42 -33.02
C GLY A 769 16.81 26.72 -32.48
N HIS A 770 17.86 26.60 -31.67
CA HIS A 770 18.54 27.76 -31.12
C HIS A 770 19.97 27.83 -31.63
N HIS A 771 20.45 29.05 -31.87
CA HIS A 771 21.79 29.25 -32.41
C HIS A 771 22.82 29.46 -31.29
N TRP A 772 22.50 30.30 -30.32
CA TRP A 772 23.37 30.52 -29.17
C TRP A 772 22.85 29.74 -27.97
N GLY A 773 23.60 28.73 -27.55
CA GLY A 773 23.22 27.90 -26.43
C GLY A 773 23.33 28.60 -25.09
N PHE A 785 20.95 17.59 -39.78
CA PHE A 785 19.63 17.15 -39.35
C PHE A 785 18.75 18.34 -39.00
N LEU A 786 19.38 19.50 -38.82
CA LEU A 786 18.64 20.73 -38.54
C LEU A 786 18.20 21.46 -39.80
N CYS A 787 19.06 21.51 -40.82
CA CYS A 787 18.69 22.14 -42.09
C CYS A 787 18.01 21.16 -43.03
N GLU A 788 17.87 19.89 -42.62
CA GLU A 788 17.24 18.89 -43.49
C GLU A 788 15.73 19.07 -43.55
N LEU A 789 15.14 19.79 -42.61
CA LEU A 789 13.70 19.99 -42.61
C LEU A 789 13.28 21.27 -43.33
N LYS A 790 14.22 22.13 -43.67
CA LYS A 790 13.88 23.35 -44.40
C LYS A 790 13.60 23.07 -45.87
N THR A 791 14.33 22.14 -46.48
CA THR A 791 14.07 21.78 -47.87
C THR A 791 12.74 21.06 -48.02
N ILE A 792 12.38 20.22 -47.05
CA ILE A 792 11.11 19.51 -47.11
C ILE A 792 9.95 20.45 -46.77
N LEU A 793 10.23 21.59 -46.15
CA LEU A 793 9.18 22.57 -45.89
C LEU A 793 8.75 23.28 -47.17
N GLU A 794 9.63 23.35 -48.15
CA GLU A 794 9.33 23.98 -49.44
C GLU A 794 10.14 23.36 -50.56
N LEU A 821 26.97 36.02 -26.97
CA LEU A 821 26.52 35.05 -25.98
C LEU A 821 25.49 35.68 -25.05
N ARG A 822 25.33 35.07 -23.88
CA ARG A 822 24.38 35.56 -22.89
C ARG A 822 25.11 35.77 -21.58
N ASP A 823 25.49 37.01 -21.31
CA ASP A 823 26.10 37.40 -20.04
C ASP A 823 25.14 38.20 -19.17
N GLN A 824 23.84 38.12 -19.42
CA GLN A 824 22.86 38.76 -18.57
C GLN A 824 22.63 37.90 -17.32
N VAL A 825 22.34 38.57 -16.21
CA VAL A 825 22.19 37.92 -14.91
C VAL A 825 20.73 38.03 -14.49
N VAL A 826 20.11 36.89 -14.18
CA VAL A 826 18.74 36.89 -13.68
C VAL A 826 18.75 36.90 -12.17
N GLU A 827 17.82 37.65 -11.58
CA GLU A 827 17.78 37.84 -10.14
C GLU A 827 16.35 37.81 -9.66
N ALA A 828 16.22 37.47 -8.39
CA ALA A 828 15.00 37.66 -7.64
C ALA A 828 15.35 38.44 -6.38
N LEU A 829 14.36 38.53 -5.49
CA LEU A 829 14.44 39.19 -4.16
C LEU A 829 13.72 38.27 -3.15
N TRP A 830 14.29 38.00 -1.97
CA TRP A 830 13.65 37.04 -1.03
C TRP A 830 12.28 37.46 -0.46
N PRO A 831 12.09 38.68 0.07
CA PRO A 831 10.77 39.09 0.62
C PRO A 831 10.00 39.87 -0.44
N PRO A 832 8.85 39.36 -0.93
CA PRO A 832 8.16 40.02 -2.05
C PRO A 832 7.14 41.05 -1.56
N VAL A 833 7.28 42.31 -1.99
CA VAL A 833 6.34 43.40 -1.60
C VAL A 833 5.07 43.25 -2.45
N ALA A 834 4.07 42.54 -1.94
CA ALA A 834 2.83 42.33 -2.66
C ALA A 834 1.66 42.93 -1.91
N ASP A 838 -4.46 44.18 -6.50
CA ASP A 838 -4.40 42.73 -6.73
C ASP A 838 -5.80 42.15 -6.70
N HIS A 839 -6.01 41.05 -7.43
CA HIS A 839 -7.33 40.46 -7.52
C HIS A 839 -7.63 39.51 -6.36
N VAL A 840 -6.62 39.13 -5.58
CA VAL A 840 -6.91 38.37 -4.36
C VAL A 840 -7.45 39.30 -3.29
N HIS A 841 -6.92 40.52 -3.22
CA HIS A 841 -7.38 41.49 -2.23
C HIS A 841 -8.73 42.07 -2.56
N ARG A 842 -9.14 42.05 -3.83
CA ARG A 842 -10.49 42.46 -4.17
C ARG A 842 -11.52 41.45 -3.65
N GLY A 843 -11.16 40.17 -3.64
CA GLY A 843 -12.06 39.17 -3.10
C GLY A 843 -12.12 39.17 -1.58
N ALA A 844 -11.03 39.56 -0.93
CA ALA A 844 -11.02 39.61 0.52
C ALA A 844 -11.70 40.84 1.07
N GLN A 845 -11.99 41.83 0.24
CA GLN A 845 -12.78 42.97 0.68
C GLN A 845 -14.27 42.70 0.55
N LEU A 846 -14.68 41.94 -0.47
CA LEU A 846 -16.09 41.58 -0.62
C LEU A 846 -16.56 40.68 0.52
N VAL A 847 -15.69 39.78 0.98
CA VAL A 847 -16.06 38.89 2.08
C VAL A 847 -16.10 39.67 3.39
N ALA A 848 -15.18 40.61 3.58
CA ALA A 848 -15.17 41.41 4.80
C ALA A 848 -16.33 42.39 4.83
N ALA A 849 -16.74 42.92 3.68
CA ALA A 849 -17.90 43.80 3.63
C ALA A 849 -19.20 43.02 3.82
N ALA A 850 -19.26 41.78 3.34
CA ALA A 850 -20.47 40.99 3.51
C ALA A 850 -20.61 40.43 4.92
N MET A 851 -19.50 40.38 5.67
CA MET A 851 -19.59 40.00 7.07
C MET A 851 -19.89 41.19 7.97
N ALA A 852 -19.70 42.41 7.47
CA ALA A 852 -20.11 43.60 8.21
C ALA A 852 -21.59 43.91 7.97
N GLY A 853 -21.98 44.06 6.71
CA GLY A 853 -23.36 44.29 6.38
C GLY A 853 -24.16 43.00 6.25
N GLN A 861 -29.19 29.17 -7.43
CA GLN A 861 -28.27 29.28 -8.55
C GLN A 861 -27.62 27.94 -8.88
N GLU A 862 -26.35 27.78 -8.47
CA GLU A 862 -25.64 26.51 -8.61
C GLU A 862 -25.75 25.69 -7.33
N GLY A 863 -26.78 25.94 -6.54
CA GLY A 863 -27.03 25.18 -5.33
C GLY A 863 -26.03 25.43 -4.23
N TRP A 864 -25.98 26.66 -3.71
CA TRP A 864 -25.08 26.99 -2.62
C TRP A 864 -25.81 27.35 -1.34
N ALA A 865 -27.05 27.80 -1.42
CA ALA A 865 -27.79 28.14 -0.21
C ALA A 865 -28.24 26.90 0.55
N ALA A 866 -28.30 25.74 -0.09
CA ALA A 866 -28.71 24.51 0.56
C ALA A 866 -27.55 23.65 1.03
N ASP A 867 -26.38 23.76 0.39
CA ASP A 867 -25.21 23.05 0.89
C ASP A 867 -24.71 23.64 2.18
N VAL A 868 -24.67 24.98 2.26
CA VAL A 868 -24.20 25.66 3.46
C VAL A 868 -25.18 25.46 4.60
N ASP A 869 -26.48 25.47 4.29
CA ASP A 869 -27.50 25.22 5.31
C ASP A 869 -27.52 23.77 5.77
N ALA A 870 -26.92 22.86 5.01
CA ALA A 870 -26.81 21.47 5.44
C ALA A 870 -25.60 21.25 6.34
N LEU A 871 -24.50 21.94 6.07
CA LEU A 871 -23.29 21.74 6.86
C LEU A 871 -23.35 22.46 8.19
N LEU A 872 -23.98 23.62 8.25
CA LEU A 872 -24.11 24.36 9.50
C LEU A 872 -25.15 23.74 10.43
N ALA A 873 -26.11 22.98 9.90
CA ALA A 873 -26.98 22.20 10.75
C ALA A 873 -26.25 21.01 11.35
N GLU A 874 -25.24 20.49 10.64
CA GLU A 874 -24.46 19.37 11.15
C GLU A 874 -23.52 19.78 12.27
N ARG A 875 -23.18 21.08 12.35
CA ARG A 875 -22.22 21.53 13.34
C ARG A 875 -22.88 21.75 14.69
N GLU A 876 -24.17 22.08 14.68
CA GLU A 876 -24.93 22.36 15.90
C GLU A 876 -25.61 21.11 16.46
N ARG A 877 -25.11 19.93 16.13
CA ARG A 877 -25.65 18.66 16.63
C ARG A 877 -24.74 18.12 17.71
N PRO A 878 -25.26 17.83 18.92
CA PRO A 878 -24.47 17.37 20.08
C PRO A 878 -23.72 16.06 19.85
N UNK A 887 -27.83 -0.91 31.50
CA UNK A 887 -27.48 -2.32 31.49
C UNK A 887 -27.86 -2.94 30.16
N UNK A 888 -27.30 -4.11 29.89
CA UNK A 888 -27.61 -4.88 28.70
C UNK A 888 -28.67 -5.91 29.04
N UNK A 889 -29.89 -5.71 28.55
CA UNK A 889 -30.98 -6.64 28.79
C UNK A 889 -31.02 -7.78 27.78
N UNK A 890 -29.99 -7.94 26.97
CA UNK A 890 -29.98 -9.02 25.99
C UNK A 890 -29.51 -10.34 26.58
N UNK A 891 -28.24 -10.40 27.00
CA UNK A 891 -27.70 -11.68 27.45
C UNK A 891 -28.01 -11.93 28.93
N UNK A 892 -27.37 -11.16 29.81
CA UNK A 892 -27.41 -11.33 31.28
C UNK A 892 -27.24 -12.79 31.70
N UNK A 893 -26.09 -13.36 31.36
CA UNK A 893 -25.93 -14.82 31.28
C UNK A 893 -25.59 -15.48 32.61
N UNK A 894 -26.38 -15.21 33.66
CA UNK A 894 -26.46 -15.93 34.93
C UNK A 894 -25.19 -15.85 35.78
N UNK A 895 -24.11 -15.28 35.28
CA UNK A 895 -22.95 -14.90 36.06
C UNK A 895 -22.72 -13.40 36.06
N UNK A 896 -23.20 -12.70 35.03
CA UNK A 896 -23.21 -11.24 35.04
C UNK A 896 -24.20 -10.72 36.06
N UNK A 897 -25.24 -11.50 36.38
CA UNK A 897 -26.10 -11.18 37.51
C UNK A 897 -25.46 -11.56 38.84
N UNK A 898 -24.47 -12.45 38.81
CA UNK A 898 -23.72 -12.79 40.01
C UNK A 898 -22.41 -12.04 40.11
N UNK A 899 -22.03 -11.30 39.07
CA UNK A 899 -20.88 -10.41 39.17
C UNK A 899 -21.28 -9.06 39.73
N UNK A 900 -22.52 -8.63 39.51
CA UNK A 900 -22.98 -7.33 39.97
C UNK A 900 -23.17 -7.26 41.48
N UNK A 901 -23.30 -8.40 42.15
CA UNK A 901 -23.49 -8.40 43.59
C UNK A 901 -22.19 -8.25 44.36
N UNK A 902 -21.06 -8.17 43.68
CA UNK A 902 -19.77 -7.87 44.29
C UNK A 902 -19.14 -6.59 43.75
N UNK A 903 -19.00 -6.49 42.43
CA UNK A 903 -18.36 -5.35 41.76
C UNK A 903 -19.42 -4.62 40.94
N UNK A 904 -19.97 -3.56 41.52
CA UNK A 904 -21.18 -2.94 40.96
C UNK A 904 -20.89 -2.15 39.70
N UNK A 905 -19.68 -1.61 39.55
CA UNK A 905 -19.38 -0.73 38.42
C UNK A 905 -18.52 -1.39 37.37
N UNK A 906 -17.61 -2.28 37.78
CA UNK A 906 -16.71 -2.93 36.83
C UNK A 906 -17.44 -3.94 35.96
N UNK A 907 -18.54 -4.52 36.45
CA UNK A 907 -19.31 -5.46 35.65
C UNK A 907 -20.02 -4.76 34.49
N UNK A 908 -20.42 -3.50 34.69
CA UNK A 908 -20.98 -2.73 33.59
C UNK A 908 -19.91 -2.38 32.57
N UNK A 909 -18.71 -2.04 33.04
CA UNK A 909 -17.63 -1.68 32.13
C UNK A 909 -17.00 -2.88 31.46
N UNK A 910 -17.29 -4.09 31.95
CA UNK A 910 -16.77 -5.29 31.31
C UNK A 910 -17.71 -5.79 30.22
N UNK A 911 -19.00 -5.49 30.34
CA UNK A 911 -19.96 -5.88 29.32
C UNK A 911 -20.25 -4.78 28.33
N UNK A 912 -19.82 -3.54 28.61
CA UNK A 912 -19.93 -2.47 27.62
C UNK A 912 -19.00 -2.72 26.45
N UNK A 913 -17.72 -2.94 26.73
CA UNK A 913 -16.75 -3.33 25.72
C UNK A 913 -15.89 -4.45 26.28
N UNK A 914 -15.25 -5.18 25.37
CA UNK A 914 -14.35 -6.27 25.72
C UNK A 914 -12.97 -5.77 26.15
N UNK A 915 -12.75 -4.47 26.19
CA UNK A 915 -11.43 -3.87 26.39
C UNK A 915 -11.00 -3.99 27.85
N UNK A 916 -10.70 -5.22 28.26
CA UNK A 916 -10.09 -5.53 29.53
C UNK A 916 -9.28 -6.79 29.34
N UNK A 917 -8.15 -6.88 30.03
CA UNK A 917 -7.22 -7.96 29.70
C UNK A 917 -7.61 -9.28 30.36
N UNK A 918 -7.43 -9.36 31.67
CA UNK A 918 -7.51 -10.62 32.42
C UNK A 918 -7.40 -10.29 33.90
N UNK A 919 -7.28 -11.34 34.71
CA UNK A 919 -6.91 -11.18 36.10
C UNK A 919 -5.50 -11.72 36.34
N HIS A 920 -7.26 -21.93 37.18
CA HIS A 920 -8.43 -22.10 38.04
C HIS A 920 -9.69 -21.73 37.28
N ALA A 921 -9.56 -21.53 35.96
CA ALA A 921 -10.71 -21.23 35.13
C ALA A 921 -10.91 -22.27 34.04
N LEU A 922 -9.82 -22.85 33.53
CA LEU A 922 -9.93 -23.95 32.59
C LEU A 922 -10.29 -25.25 33.29
N LEU A 923 -10.04 -25.36 34.59
CA LEU A 923 -10.46 -26.53 35.35
C LEU A 923 -11.97 -26.63 35.48
N GLY A 924 -12.69 -25.53 35.23
CA GLY A 924 -14.14 -25.56 35.20
C GLY A 924 -14.69 -26.36 34.04
N THR A 925 -14.46 -25.90 32.82
CA THR A 925 -15.12 -26.52 31.66
C THR A 925 -14.51 -27.85 31.26
N THR A 926 -13.37 -28.22 31.84
CA THR A 926 -12.88 -29.58 31.67
C THR A 926 -13.56 -30.54 32.62
N PHE A 927 -14.28 -30.01 33.62
CA PHE A 927 -14.94 -30.87 34.60
C PHE A 927 -16.43 -30.99 34.31
N HIS A 928 -17.06 -29.95 33.78
CA HIS A 928 -18.48 -30.01 33.45
C HIS A 928 -18.76 -30.98 32.31
N GLU A 929 -17.81 -31.17 31.40
CA GLU A 929 -17.97 -32.16 30.35
C GLU A 929 -17.80 -33.57 30.86
N TRP A 930 -17.02 -33.78 31.92
CA TRP A 930 -16.82 -35.13 32.43
C TRP A 930 -18.02 -35.61 33.24
N VAL A 931 -18.68 -34.70 33.96
CA VAL A 931 -19.84 -35.05 34.76
C VAL A 931 -20.99 -35.51 33.86
N GLN A 932 -21.13 -34.90 32.69
CA GLN A 932 -22.12 -35.33 31.71
C GLN A 932 -21.83 -36.70 31.11
N ARG A 933 -20.59 -37.18 31.22
CA ARG A 933 -20.25 -38.53 30.80
C ARG A 933 -20.31 -39.53 31.94
N TYR A 934 -20.08 -39.09 33.18
CA TYR A 934 -20.18 -39.99 34.33
C TYR A 934 -21.63 -40.35 34.63
N PHE A 935 -22.57 -39.47 34.25
CA PHE A 935 -23.98 -39.75 34.43
C PHE A 935 -24.69 -40.16 33.15
N HIS A 936 -24.00 -40.13 32.00
CA HIS A 936 -24.46 -40.56 30.69
C HIS A 936 -25.73 -39.83 30.25
N ALA A 937 -25.65 -38.52 30.09
CA ALA A 937 -26.81 -37.72 29.73
C ALA A 937 -26.83 -37.53 28.21
N GLU A 938 -27.97 -37.04 27.72
CA GLU A 938 -28.20 -36.84 26.30
C GLU A 938 -28.71 -35.44 25.96
N ARG A 939 -28.06 -34.40 26.49
CA ARG A 939 -28.57 -33.04 26.39
C ARG A 939 -28.21 -32.36 25.08
N LEU A 940 -27.52 -33.10 24.19
CA LEU A 940 -27.20 -32.68 22.82
C LEU A 940 -26.35 -31.40 22.82
N PHE A 941 -25.10 -31.60 23.27
CA PHE A 941 -24.06 -30.58 23.37
C PHE A 941 -23.88 -29.78 22.07
N ASP A 942 -23.44 -28.53 22.21
CA ASP A 942 -23.23 -27.64 21.07
C ASP A 942 -21.84 -27.01 21.09
N LEU A 943 -21.31 -26.75 19.90
CA LEU A 943 -19.97 -26.17 19.80
C LEU A 943 -19.96 -24.71 20.16
N ASP A 944 -20.69 -23.88 19.41
CA ASP A 944 -20.76 -22.46 19.69
C ASP A 944 -21.53 -22.24 20.97
N ASP A 945 -20.80 -21.88 22.04
CA ASP A 945 -21.33 -21.89 23.39
C ASP A 945 -22.38 -20.81 23.61
N VAL A 958 -6.37 -32.09 33.04
CA VAL A 958 -5.03 -31.96 33.67
C VAL A 958 -4.97 -32.80 34.94
N GLU A 959 -3.84 -32.76 35.65
CA GLU A 959 -3.66 -33.54 36.90
C GLU A 959 -4.69 -33.07 37.94
N GLU A 960 -4.91 -31.76 38.02
CA GLU A 960 -5.89 -31.19 38.97
C GLU A 960 -7.29 -31.71 38.61
N SER A 961 -7.59 -31.77 37.31
CA SER A 961 -8.91 -32.25 36.83
C SER A 961 -9.08 -33.73 37.24
N LEU A 962 -8.01 -34.52 37.07
CA LEU A 962 -8.04 -35.96 37.43
C LEU A 962 -8.29 -36.10 38.94
N ALA A 963 -7.63 -35.25 39.74
CA ALA A 963 -7.79 -35.29 41.21
C ALA A 963 -9.24 -34.96 41.56
N GLU A 964 -9.82 -33.96 40.88
CA GLU A 964 -11.22 -33.55 41.12
C GLU A 964 -12.15 -34.72 40.78
N LEU A 965 -11.87 -35.42 39.68
CA LEU A 965 -12.70 -36.57 39.25
C LEU A 965 -12.62 -37.66 40.32
N GLN A 966 -11.43 -37.91 40.87
CA GLN A 966 -11.26 -38.93 41.93
C GLN A 966 -12.12 -38.57 43.14
N ASP A 967 -12.08 -37.33 43.60
CA ASP A 967 -12.88 -36.96 44.80
C ASP A 967 -14.37 -37.18 44.49
N ALA A 968 -14.81 -36.75 43.30
CA ALA A 968 -16.23 -36.94 42.89
C ALA A 968 -16.55 -38.42 42.73
N PHE A 969 -15.61 -39.18 42.15
CA PHE A 969 -15.84 -40.63 41.85
C PHE A 969 -16.04 -41.49 43.10
N VAL A 970 -15.22 -41.33 44.15
CA VAL A 970 -15.38 -42.24 45.32
C VAL A 970 -15.68 -41.50 46.62
N LYS A 971 -15.40 -40.19 46.71
CA LYS A 971 -15.64 -39.48 47.99
C LYS A 971 -16.93 -38.65 47.95
N SER A 972 -17.65 -38.68 46.83
CA SER A 972 -18.85 -37.80 46.70
C SER A 972 -20.09 -38.49 47.27
N PRO A 973 -20.79 -37.89 48.26
CA PRO A 973 -22.03 -38.46 48.80
C PRO A 973 -23.06 -38.44 47.66
N TRP A 974 -23.10 -37.33 46.90
CA TRP A 974 -24.02 -37.20 45.73
C TRP A 974 -23.35 -37.73 44.46
N ALA A 975 -22.89 -38.98 44.48
CA ALA A 975 -22.27 -39.61 43.28
C ALA A 975 -23.15 -40.80 42.90
N ALA A 976 -23.47 -41.62 43.90
CA ALA A 976 -24.35 -42.81 43.74
C ALA A 976 -25.76 -42.37 43.35
N ARG A 977 -26.27 -41.29 43.96
CA ARG A 977 -27.67 -40.88 43.66
C ARG A 977 -27.82 -40.63 42.16
N THR A 978 -28.96 -41.06 41.60
CA THR A 978 -29.26 -40.88 40.19
C THR A 978 -29.94 -39.53 39.96
N PRO A 979 -29.41 -38.70 39.07
CA PRO A 979 -29.99 -37.36 38.86
C PRO A 979 -31.28 -37.44 38.05
N VAL A 980 -32.31 -36.73 38.54
CA VAL A 980 -33.55 -36.58 37.79
C VAL A 980 -33.30 -35.80 36.50
N GLU A 981 -32.45 -34.78 36.55
CA GLU A 981 -32.03 -34.07 35.36
C GLU A 981 -30.53 -33.78 35.44
N VAL A 982 -29.91 -33.67 34.27
CA VAL A 982 -28.54 -33.17 34.12
C VAL A 982 -28.80 -31.94 33.27
N GLU A 983 -27.74 -31.21 32.86
CA GLU A 983 -27.75 -29.77 32.57
C GLU A 983 -28.92 -29.22 31.76
N VAL A 984 -29.73 -28.40 32.41
CA VAL A 984 -31.02 -27.93 31.90
C VAL A 984 -30.88 -26.45 31.54
N PRO A 985 -31.04 -26.06 30.28
CA PRO A 985 -31.07 -24.64 29.94
C PRO A 985 -32.45 -24.04 30.07
N PHE A 986 -32.48 -22.72 30.26
CA PHE A 986 -33.71 -22.02 30.63
C PHE A 986 -33.62 -20.56 30.24
N ASP A 987 -34.72 -19.83 30.46
CA ASP A 987 -34.77 -18.38 30.32
C ASP A 987 -35.64 -17.80 31.41
N MET A 988 -35.08 -16.94 32.25
CA MET A 988 -35.84 -16.22 33.25
C MET A 988 -36.08 -14.79 32.77
N VAL A 989 -37.17 -14.19 33.26
CA VAL A 989 -37.48 -12.80 33.01
C VAL A 989 -37.35 -12.07 34.33
N LEU A 990 -36.19 -11.44 34.55
CA LEU A 990 -35.93 -10.90 35.88
C LEU A 990 -36.67 -9.59 36.12
N GLY A 991 -36.29 -8.54 35.40
CA GLY A 991 -37.02 -7.30 35.40
C GLY A 991 -37.50 -7.00 34.00
N GLU A 992 -36.80 -6.08 33.33
CA GLU A 992 -36.89 -5.95 31.89
C GLU A 992 -35.77 -6.68 31.18
N THR A 993 -35.12 -7.62 31.85
CA THR A 993 -33.97 -8.36 31.30
C THR A 993 -34.32 -9.82 31.20
N VAL A 994 -33.84 -10.48 30.13
CA VAL A 994 -33.98 -11.92 30.01
C VAL A 994 -32.70 -12.59 30.46
N VAL A 995 -32.79 -13.50 31.41
CA VAL A 995 -31.63 -14.12 32.06
C VAL A 995 -31.54 -15.57 31.60
N ARG A 996 -30.39 -15.95 31.07
CA ARG A 996 -30.20 -17.25 30.43
C ARG A 996 -29.06 -18.00 31.09
N GLY A 997 -29.24 -19.30 31.30
CA GLY A 997 -28.23 -20.09 31.97
C GLY A 997 -28.40 -21.57 31.72
N ARG A 998 -27.86 -22.36 32.65
CA ARG A 998 -27.96 -23.83 32.58
C ARG A 998 -27.95 -24.41 34.00
N ILE A 999 -29.00 -25.17 34.36
CA ILE A 999 -29.01 -25.82 35.71
C ILE A 999 -28.02 -26.98 35.63
N ASP A 1000 -27.37 -27.33 36.76
CA ASP A 1000 -26.37 -28.43 36.71
C ASP A 1000 -27.08 -29.74 37.05
N ALA A 1001 -26.81 -30.32 38.23
CA ALA A 1001 -27.47 -31.60 38.58
C ALA A 1001 -28.56 -31.34 39.62
N VAL A 1002 -29.81 -31.71 39.29
CA VAL A 1002 -30.97 -31.54 40.21
C VAL A 1002 -31.59 -32.92 40.41
N PHE A 1003 -31.79 -33.33 41.67
CA PHE A 1003 -32.37 -34.67 41.95
C PHE A 1003 -32.94 -34.67 43.38
N ALA A 1004 -34.18 -35.17 43.55
CA ALA A 1004 -34.77 -35.23 44.88
C ALA A 1004 -34.24 -36.43 45.64
N THR A 1010 -36.46 -31.65 45.37
CA THR A 1010 -35.62 -30.49 45.63
C THR A 1010 -34.15 -30.86 45.46
N MET A 1011 -33.31 -30.36 46.37
CA MET A 1011 -31.86 -30.61 46.42
C MET A 1011 -31.18 -30.18 45.11
N VAL A 1012 -31.29 -28.88 44.85
CA VAL A 1012 -30.62 -28.28 43.70
C VAL A 1012 -29.14 -28.15 44.00
N LEU A 1013 -28.30 -28.62 43.09
CA LEU A 1013 -26.87 -28.73 43.31
C LEU A 1013 -26.14 -27.84 42.32
N ALA A 1014 -24.95 -27.39 42.70
CA ALA A 1014 -24.10 -26.56 41.86
C ALA A 1014 -22.65 -26.98 42.02
N TRP A 1015 -22.05 -27.47 40.95
CA TRP A 1015 -20.67 -27.96 41.00
C TRP A 1015 -19.72 -26.77 40.96
N LYS A 1016 -18.90 -26.63 41.99
CA LYS A 1016 -17.91 -25.56 42.08
C LYS A 1016 -16.55 -26.17 42.35
N THR A 1017 -15.55 -25.79 41.56
CA THR A 1017 -14.20 -26.32 41.67
C THR A 1017 -13.23 -25.18 41.97
N GLY A 1018 -12.66 -25.18 43.17
CA GLY A 1018 -11.65 -24.21 43.51
C GLY A 1018 -11.76 -23.80 44.97
N ASP A 1019 -11.30 -22.59 45.24
CA ASP A 1019 -11.27 -22.10 46.61
C ASP A 1019 -12.66 -21.70 47.06
N PRO A 1020 -13.09 -22.09 48.27
CA PRO A 1020 -14.40 -21.73 48.84
C PRO A 1020 -14.55 -20.24 49.09
N LYS A 1027 -19.56 -14.46 51.21
CA LYS A 1027 -20.45 -15.59 51.06
C LYS A 1027 -21.80 -15.15 50.52
N GLU A 1028 -22.03 -13.83 50.54
CA GLU A 1028 -23.27 -13.30 49.98
C GLU A 1028 -23.23 -13.23 48.46
N HIS A 1029 -22.06 -13.44 47.86
CA HIS A 1029 -21.97 -13.48 46.39
C HIS A 1029 -22.32 -14.86 45.85
N ALA A 1030 -22.20 -15.90 46.69
CA ALA A 1030 -22.46 -17.25 46.22
C ALA A 1030 -23.96 -17.55 46.13
N ALA A 1031 -24.75 -17.03 47.08
CA ALA A 1031 -26.17 -17.31 47.09
C ALA A 1031 -26.97 -16.47 46.11
N VAL A 1032 -26.34 -15.49 45.46
CA VAL A 1032 -27.02 -14.73 44.41
C VAL A 1032 -27.17 -15.60 43.17
N GLN A 1033 -26.14 -16.41 42.87
CA GLN A 1033 -26.17 -17.31 41.74
C GLN A 1033 -27.28 -18.35 41.86
N LEU A 1034 -27.35 -19.03 42.99
CA LEU A 1034 -28.26 -20.16 43.16
C LEU A 1034 -29.71 -19.72 43.37
N ALA A 1035 -29.97 -18.42 43.51
CA ALA A 1035 -31.35 -17.94 43.55
C ALA A 1035 -32.03 -18.08 42.20
N VAL A 1036 -31.28 -17.89 41.12
CA VAL A 1036 -31.84 -18.09 39.78
C VAL A 1036 -32.08 -19.58 39.53
N TYR A 1037 -31.19 -20.43 40.06
CA TYR A 1037 -31.40 -21.87 40.01
C TYR A 1037 -32.61 -22.28 40.83
N ARG A 1038 -32.93 -21.52 41.88
CA ARG A 1038 -34.09 -21.82 42.69
C ARG A 1038 -35.39 -21.46 41.97
N LEU A 1039 -35.42 -20.30 41.32
CA LEU A 1039 -36.66 -19.82 40.73
C LEU A 1039 -37.01 -20.58 39.46
N ALA A 1040 -35.99 -20.99 38.70
CA ALA A 1040 -36.23 -21.54 37.37
C ALA A 1040 -36.77 -22.97 37.45
N TRP A 1041 -36.31 -23.75 38.42
CA TRP A 1041 -36.83 -25.11 38.57
C TRP A 1041 -38.23 -25.08 39.19
N ALA A 1042 -38.55 -24.03 39.94
CA ALA A 1042 -39.82 -23.97 40.64
C ALA A 1042 -40.99 -23.80 39.67
N ALA A 1043 -40.77 -23.09 38.57
CA ALA A 1043 -41.83 -22.91 37.58
C ALA A 1043 -41.78 -23.97 36.49
N MET A 1044 -41.30 -25.17 36.80
CA MET A 1044 -41.28 -26.26 35.83
C MET A 1044 -41.39 -27.61 36.53
N ALA A 1054 -31.07 -26.98 47.43
CA ALA A 1054 -30.36 -25.71 47.38
C ALA A 1054 -29.02 -25.80 48.08
N ALA A 1055 -28.03 -26.38 47.40
CA ALA A 1055 -26.77 -26.70 48.06
C ALA A 1055 -25.59 -26.45 47.12
N PHE A 1056 -24.39 -26.60 47.66
CA PHE A 1056 -23.14 -26.42 46.92
C PHE A 1056 -22.28 -27.66 47.07
N HIS A 1057 -21.23 -27.75 46.24
CA HIS A 1057 -20.23 -28.82 46.35
C HIS A 1057 -18.89 -28.29 45.87
N TYR A 1058 -17.84 -28.62 46.60
CA TYR A 1058 -16.51 -28.10 46.37
C TYR A 1058 -15.52 -29.24 46.11
N VAL A 1059 -14.24 -28.91 46.10
CA VAL A 1059 -13.18 -29.91 46.08
C VAL A 1059 -12.98 -30.41 47.51
N ARG A 1060 -13.32 -31.70 47.71
CA ARG A 1060 -13.29 -32.41 48.99
C ARG A 1060 -14.14 -31.74 50.07
N SER A 1061 -15.24 -31.08 49.69
CA SER A 1061 -16.13 -30.47 50.67
C SER A 1061 -17.51 -30.37 50.06
N GLY A 1062 -18.43 -31.21 50.52
CA GLY A 1062 -19.81 -31.13 50.08
C GLY A 1062 -20.64 -30.31 51.03
N UNK A 1063 -19.98 -29.41 51.76
CA UNK A 1063 -20.60 -28.59 52.78
C UNK A 1063 -21.30 -27.39 52.12
N UNK A 1064 -21.66 -26.41 52.97
CA UNK A 1064 -22.52 -25.27 52.63
C UNK A 1064 -23.84 -25.76 52.03
N UNK A 1065 -24.39 -26.82 52.62
CA UNK A 1065 -25.60 -27.46 52.10
C UNK A 1065 -26.83 -26.58 52.30
N UNK A 1066 -26.81 -25.68 53.27
CA UNK A 1066 -27.93 -24.79 53.57
C UNK A 1066 -27.43 -23.36 53.50
N UNK A 1067 -27.63 -22.67 52.38
CA UNK A 1067 -27.24 -21.26 52.36
C UNK A 1067 -28.46 -20.37 52.59
N UNK A 1068 -30.55 -15.97 49.90
CA UNK A 1068 -30.64 -14.71 49.18
C UNK A 1068 -31.71 -14.76 48.10
N UNK A 1069 -32.98 -14.72 48.51
CA UNK A 1069 -34.07 -14.81 47.54
C UNK A 1069 -34.17 -13.54 46.70
N UNK A 1070 -34.09 -13.69 45.39
CA UNK A 1070 -33.93 -12.55 44.51
C UNK A 1070 -35.06 -12.28 43.56
N UNK A 1071 -36.29 -12.62 43.94
CA UNK A 1071 -37.44 -12.27 43.11
C UNK A 1071 -37.70 -10.76 43.14
N UNK A 1072 -37.25 -10.08 44.18
CA UNK A 1072 -37.31 -8.63 44.27
C UNK A 1072 -35.94 -8.06 44.61
N UNK A 1073 -35.13 -8.86 45.32
CA UNK A 1073 -33.80 -8.40 45.71
C UNK A 1073 -32.85 -8.37 44.53
N UNK A 1074 -32.87 -9.42 43.69
CA UNK A 1074 -32.09 -9.37 42.47
C UNK A 1074 -32.81 -8.61 41.38
N UNK A 1075 -34.14 -8.48 41.49
CA UNK A 1075 -34.89 -7.68 40.53
C UNK A 1075 -34.60 -6.20 40.71
N UNK A 1076 -34.17 -5.78 41.89
CA UNK A 1076 -33.66 -4.44 42.08
C UNK A 1076 -32.18 -4.32 41.75
N UNK A 1077 -31.46 -5.44 41.73
CA UNK A 1077 -30.03 -5.41 41.46
C UNK A 1077 -29.72 -5.17 39.99
N UNK A 1078 -30.64 -5.52 39.09
CA UNK A 1078 -30.37 -5.40 37.67
C UNK A 1078 -30.45 -3.96 37.19
N UNK A 1079 -31.18 -3.11 37.89
CA UNK A 1079 -31.31 -1.72 37.50
C UNK A 1079 -30.41 -0.82 38.33
N SER B 14 -50.66 -22.76 4.51
CA SER B 14 -51.23 -22.31 5.78
C SER B 14 -51.92 -23.47 6.48
N THR B 15 -52.56 -24.33 5.70
CA THR B 15 -53.24 -25.51 6.23
C THR B 15 -52.30 -26.69 6.43
N LEU B 16 -51.05 -26.58 5.98
CA LEU B 16 -50.09 -27.66 6.11
C LEU B 16 -49.23 -27.53 7.36
N LEU B 17 -49.30 -26.40 8.06
CA LEU B 17 -48.53 -26.19 9.29
C LEU B 17 -49.49 -26.13 10.48
N GLU B 18 -49.79 -27.30 11.01
CA GLU B 18 -50.69 -27.48 12.14
C GLU B 18 -50.15 -28.62 13.00
N PRO B 19 -50.49 -28.64 14.30
CA PRO B 19 -50.00 -29.74 15.16
C PRO B 19 -50.50 -31.11 14.76
N GLY B 20 -51.68 -31.22 14.16
CA GLY B 20 -52.06 -32.49 13.56
C GLY B 20 -51.73 -32.52 12.08
N SER B 21 -50.55 -33.05 11.76
CA SER B 21 -49.98 -33.09 10.41
C SER B 21 -48.72 -33.92 10.44
N ASN B 22 -48.35 -34.44 9.28
CA ASN B 22 -47.13 -35.25 9.16
C ASN B 22 -46.51 -35.07 7.79
N GLY B 23 -45.36 -35.71 7.57
CA GLY B 23 -44.71 -35.66 6.28
C GLY B 23 -43.73 -34.50 6.17
N VAL B 24 -43.29 -34.28 4.93
CA VAL B 24 -42.32 -33.25 4.62
C VAL B 24 -43.02 -32.15 3.83
N VAL B 25 -42.91 -30.92 4.31
CA VAL B 25 -43.42 -29.74 3.63
C VAL B 25 -42.22 -28.96 3.15
N ARG B 26 -42.29 -28.42 1.93
CA ARG B 26 -41.23 -27.62 1.36
C ARG B 26 -41.73 -26.20 1.21
N LEU B 27 -40.88 -25.23 1.53
CA LEU B 27 -41.27 -23.82 1.64
C LEU B 27 -40.29 -22.97 0.85
N LEU B 28 -40.65 -22.62 -0.38
CA LEU B 28 -39.75 -21.88 -1.26
C LEU B 28 -40.35 -20.53 -1.62
N GLY B 29 -39.49 -19.52 -1.70
CA GLY B 29 -39.95 -18.17 -1.97
C GLY B 29 -38.80 -17.29 -2.43
N GLY B 30 -39.12 -16.05 -2.76
CA GLY B 30 -38.16 -15.17 -3.37
C GLY B 30 -37.24 -14.52 -2.36
N PRO B 31 -36.38 -13.63 -2.85
CA PRO B 31 -35.44 -12.90 -1.98
C PRO B 31 -36.17 -11.80 -1.21
N GLY B 32 -36.24 -11.95 0.10
CA GLY B 32 -36.82 -10.95 0.96
C GLY B 32 -38.11 -11.35 1.64
N THR B 33 -38.82 -12.34 1.13
CA THR B 33 -40.15 -12.70 1.58
C THR B 33 -40.09 -13.34 2.97
N GLY B 34 -41.26 -13.61 3.54
CA GLY B 34 -41.31 -14.03 4.93
C GLY B 34 -40.99 -15.48 5.18
N LYS B 35 -39.77 -15.94 4.87
CA LYS B 35 -39.42 -17.34 5.04
C LYS B 35 -38.86 -17.65 6.41
N SER B 36 -37.73 -17.03 6.77
CA SER B 36 -37.07 -17.31 8.04
C SER B 36 -37.85 -16.81 9.24
N SER B 37 -38.80 -15.91 9.04
CA SER B 37 -39.69 -15.49 10.10
C SER B 37 -41.00 -16.27 10.09
N LEU B 38 -41.12 -17.27 9.24
CA LEU B 38 -42.24 -18.19 9.28
C LEU B 38 -41.84 -19.51 9.90
N LEU B 39 -40.55 -19.84 9.90
CA LEU B 39 -40.07 -20.95 10.71
C LEU B 39 -40.09 -20.61 12.18
N VAL B 40 -39.85 -19.35 12.54
CA VAL B 40 -40.02 -18.88 13.91
C VAL B 40 -41.49 -18.80 14.29
N ASP B 41 -42.37 -18.53 13.34
CA ASP B 41 -43.81 -18.51 13.61
C ASP B 41 -44.39 -19.91 13.77
N THR B 42 -43.77 -20.95 13.22
CA THR B 42 -44.21 -22.31 13.47
C THR B 42 -43.43 -23.00 14.56
N ALA B 43 -42.29 -22.46 14.97
CA ALA B 43 -41.62 -22.98 16.15
C ALA B 43 -42.44 -22.67 17.40
N VAL B 44 -42.97 -21.45 17.47
CA VAL B 44 -43.72 -21.03 18.65
C VAL B 44 -45.12 -21.64 18.66
N GLN B 45 -45.73 -21.79 17.48
CA GLN B 45 -47.11 -22.25 17.41
C GLN B 45 -47.25 -23.73 17.74
N HIS B 46 -46.20 -24.52 17.48
CA HIS B 46 -46.20 -25.93 17.87
C HIS B 46 -45.83 -26.15 19.32
N ILE B 47 -45.17 -25.19 19.97
CA ILE B 47 -44.88 -25.30 21.39
C ILE B 47 -46.10 -24.99 22.23
N LEU B 48 -46.81 -23.91 21.90
CA LEU B 48 -48.04 -23.56 22.60
C LEU B 48 -49.17 -24.51 22.25
N ASP B 52 -43.93 -28.92 23.76
CA ASP B 52 -42.70 -29.50 24.35
C ASP B 52 -41.50 -28.64 23.95
N PRO B 53 -40.60 -28.27 24.90
CA PRO B 53 -39.44 -27.44 24.54
C PRO B 53 -38.54 -28.20 23.54
N GLU B 54 -38.37 -29.50 23.75
CA GLU B 54 -37.57 -30.39 22.86
C GLU B 54 -38.36 -30.71 21.59
N SER B 55 -37.62 -31.14 20.54
CA SER B 55 -38.08 -31.53 19.17
C SER B 55 -38.34 -30.31 18.28
N VAL B 56 -38.04 -29.11 18.78
CA VAL B 56 -38.18 -27.85 17.99
C VAL B 56 -36.76 -27.50 17.53
N LEU B 57 -36.24 -28.29 16.59
CA LEU B 57 -34.88 -28.18 16.12
C LEU B 57 -34.80 -27.26 14.90
N LEU B 58 -33.86 -26.31 14.93
CA LEU B 58 -33.53 -25.46 13.80
C LEU B 58 -32.14 -25.78 13.28
N LEU B 59 -31.89 -25.46 12.01
CA LEU B 59 -30.57 -25.58 11.42
C LEU B 59 -30.27 -24.30 10.65
N THR B 60 -29.70 -23.31 11.33
CA THR B 60 -29.65 -21.96 10.78
C THR B 60 -28.53 -21.75 9.76
N GLY B 61 -27.48 -22.54 9.81
CA GLY B 61 -26.43 -22.44 8.83
C GLY B 61 -25.40 -21.35 9.06
N SER B 62 -25.48 -20.62 10.16
CA SER B 62 -24.45 -19.64 10.49
C SER B 62 -24.31 -19.56 12.00
N ALA B 63 -23.12 -19.17 12.46
CA ALA B 63 -22.92 -19.02 13.90
C ALA B 63 -23.52 -17.74 14.43
N ARG B 64 -23.70 -16.73 13.56
CA ARG B 64 -24.31 -15.47 13.98
C ARG B 64 -25.81 -15.47 13.80
N LEU B 65 -26.32 -16.23 12.83
CA LEU B 65 -27.76 -16.39 12.65
C LEU B 65 -28.36 -17.37 13.64
N ARG B 66 -27.54 -18.12 14.38
CA ARG B 66 -28.05 -19.01 15.41
C ARG B 66 -28.60 -18.21 16.60
N THR B 67 -27.93 -17.11 16.95
CA THR B 67 -28.42 -16.24 18.01
C THR B 67 -29.51 -15.30 17.54
N ALA B 68 -29.63 -15.08 16.22
CA ALA B 68 -30.66 -14.18 15.72
C ALA B 68 -32.02 -14.85 15.72
N ALA B 69 -32.05 -16.17 15.58
CA ALA B 69 -33.31 -16.90 15.65
C ALA B 69 -33.59 -17.46 17.03
N ARG B 70 -32.55 -17.58 17.87
CA ARG B 70 -32.77 -18.00 19.26
C ARG B 70 -33.51 -16.93 20.03
N ALA B 71 -33.04 -15.68 19.93
CA ALA B 71 -33.68 -14.59 20.66
C ALA B 71 -35.04 -14.23 20.09
N ALA B 72 -35.31 -14.59 18.84
CA ALA B 72 -36.62 -14.33 18.26
C ALA B 72 -37.67 -15.27 18.85
N ILE B 73 -37.33 -16.55 19.02
CA ILE B 73 -38.27 -17.49 19.60
C ILE B 73 -38.45 -17.24 21.09
N THR B 74 -37.34 -17.14 21.82
CA THR B 74 -37.39 -17.09 23.28
C THR B 74 -37.95 -15.79 23.82
N ALA B 75 -38.02 -14.73 23.02
CA ALA B 75 -38.72 -13.53 23.46
C ALA B 75 -40.23 -13.69 23.29
N ARG B 76 -40.65 -14.40 22.25
CA ARG B 76 -42.07 -14.56 21.97
C ARG B 76 -42.75 -15.55 22.91
N LEU B 77 -42.00 -16.40 23.58
CA LEU B 77 -42.59 -17.36 24.51
C LEU B 77 -42.88 -16.68 25.85
N GLY B 84 -43.05 -16.48 34.58
CA GLY B 84 -43.15 -17.67 33.76
C GLY B 84 -41.90 -17.92 32.94
N VAL B 85 -41.07 -18.87 33.40
CA VAL B 85 -39.83 -19.18 32.70
C VAL B 85 -40.10 -20.28 31.68
N VAL B 86 -39.18 -20.40 30.71
CA VAL B 86 -39.35 -21.33 29.60
C VAL B 86 -38.11 -22.18 29.43
N ARG B 87 -38.27 -23.28 28.69
CA ARG B 87 -37.14 -24.08 28.28
C ARG B 87 -36.65 -23.65 26.90
N GLU B 88 -35.69 -24.37 26.37
CA GLU B 88 -35.02 -23.92 25.16
C GLU B 88 -35.43 -24.74 23.94
N PRO B 89 -35.82 -24.11 22.85
CA PRO B 89 -35.81 -24.80 21.57
C PRO B 89 -34.37 -24.98 21.11
N LEU B 90 -34.09 -26.10 20.47
CA LEU B 90 -32.73 -26.44 20.09
C LEU B 90 -32.38 -25.75 18.79
N VAL B 91 -31.61 -24.67 18.86
CA VAL B 91 -31.26 -23.88 17.70
C VAL B 91 -29.77 -24.10 17.44
N ARG B 92 -29.44 -24.78 16.34
CA ARG B 92 -28.06 -25.12 16.03
C ARG B 92 -27.76 -24.96 14.55
N THR B 93 -26.55 -25.35 14.18
CA THR B 93 -26.11 -25.36 12.80
C THR B 93 -25.92 -26.81 12.36
N VAL B 94 -25.46 -27.01 11.12
CA VAL B 94 -25.28 -28.39 10.65
C VAL B 94 -24.01 -28.99 11.23
N HIS B 95 -22.93 -28.22 11.25
CA HIS B 95 -21.66 -28.74 11.76
C HIS B 95 -21.70 -28.96 13.26
N SER B 96 -22.36 -28.07 14.00
CA SER B 96 -22.44 -28.24 15.45
C SER B 96 -23.42 -29.32 15.85
N TYR B 97 -24.27 -29.78 14.93
CA TYR B 97 -25.16 -30.90 15.24
C TYR B 97 -24.53 -32.24 14.92
N ALA B 98 -23.72 -32.30 13.86
CA ALA B 98 -23.06 -33.56 13.51
C ALA B 98 -21.96 -33.90 14.50
N PHE B 99 -21.47 -32.92 15.25
CA PHE B 99 -20.55 -33.20 16.33
C PHE B 99 -21.26 -33.80 17.53
N ALA B 100 -22.50 -33.39 17.79
CA ALA B 100 -23.23 -33.93 18.94
C ALA B 100 -23.70 -35.35 18.70
N VAL B 101 -23.82 -35.75 17.43
CA VAL B 101 -24.07 -37.17 17.15
C VAL B 101 -22.85 -37.99 17.49
N LEU B 102 -21.67 -37.53 17.08
CA LEU B 102 -20.42 -38.23 17.37
C LEU B 102 -20.10 -38.19 18.85
N ARG B 103 -20.47 -37.12 19.53
CA ARG B 103 -20.28 -37.02 20.97
C ARG B 103 -21.13 -38.04 21.71
N LEU B 104 -22.31 -38.35 21.18
CA LEU B 104 -23.19 -39.31 21.81
C LEU B 104 -22.96 -40.73 21.30
N ALA B 105 -22.38 -40.88 20.11
CA ALA B 105 -22.14 -42.21 19.57
C ALA B 105 -20.98 -42.92 20.24
N ALA B 106 -20.16 -42.20 21.02
CA ALA B 106 -19.10 -42.81 21.79
C ALA B 106 -19.54 -43.28 23.16
N GLN B 107 -20.84 -43.46 23.37
CA GLN B 107 -21.35 -43.93 24.66
C GLN B 107 -21.72 -45.40 24.58
N PRO B 112 -14.50 -39.37 23.92
CA PRO B 112 -14.97 -38.19 23.18
C PRO B 112 -14.29 -38.04 21.84
N PRO B 113 -15.05 -37.72 20.79
CA PRO B 113 -14.45 -37.55 19.47
C PRO B 113 -13.85 -36.16 19.34
N PRO B 114 -12.53 -36.06 19.24
CA PRO B 114 -11.89 -34.75 19.17
C PRO B 114 -11.82 -34.24 17.73
N ARG B 115 -11.73 -32.93 17.61
CA ARG B 115 -11.61 -32.26 16.33
C ARG B 115 -10.24 -31.61 16.21
N LEU B 116 -9.64 -31.74 15.04
CA LEU B 116 -8.31 -31.19 14.81
C LEU B 116 -8.36 -29.67 14.72
N ILE B 117 -7.18 -29.07 14.67
CA ILE B 117 -7.03 -27.62 14.65
C ILE B 117 -7.40 -27.09 13.28
N THR B 118 -7.42 -25.76 13.16
CA THR B 118 -7.51 -25.11 11.86
C THR B 118 -6.31 -25.50 10.99
N SER B 119 -6.41 -25.17 9.70
CA SER B 119 -5.59 -25.79 8.65
C SER B 119 -4.09 -25.52 8.77
N ALA B 120 -3.63 -24.73 9.74
CA ALA B 120 -2.19 -24.65 10.02
C ALA B 120 -1.65 -25.99 10.50
N GLU B 121 -2.31 -26.59 11.50
CA GLU B 121 -1.88 -27.91 11.98
C GLU B 121 -2.37 -29.02 11.08
N GLN B 122 -3.28 -28.73 10.15
CA GLN B 122 -3.80 -29.76 9.25
C GLN B 122 -3.07 -29.76 7.91
N ASP B 123 -2.50 -28.63 7.49
CA ASP B 123 -1.57 -28.64 6.36
C ASP B 123 -0.12 -28.67 6.79
N GLY B 124 0.15 -28.62 8.11
CA GLY B 124 1.47 -28.98 8.59
C GLY B 124 1.75 -30.46 8.52
N ILE B 125 0.70 -31.28 8.38
CA ILE B 125 0.87 -32.69 8.09
C ILE B 125 1.12 -32.90 6.60
N ILE B 126 0.57 -32.02 5.77
CA ILE B 126 0.74 -32.15 4.32
C ILE B 126 2.16 -31.79 3.91
N ARG B 127 2.78 -30.83 4.61
CA ARG B 127 4.15 -30.47 4.30
C ARG B 127 5.13 -31.57 4.70
N GLU B 128 4.73 -32.45 5.61
CA GLU B 128 5.62 -33.53 6.03
C GLU B 128 5.58 -34.69 5.05
N LEU B 129 4.39 -35.08 4.60
CA LEU B 129 4.27 -36.25 3.74
C LEU B 129 4.77 -36.00 2.32
N LEU B 130 4.90 -34.74 1.92
CA LEU B 130 5.49 -34.46 0.61
C LEU B 130 7.01 -34.38 0.70
N ALA B 131 7.51 -33.76 1.77
CA ALA B 131 8.96 -33.77 2.02
C ALA B 131 9.44 -35.15 2.41
N GLY B 132 8.57 -35.96 3.01
CA GLY B 132 8.89 -37.35 3.30
C GLY B 132 8.71 -38.28 2.11
N ASP B 133 8.36 -37.75 0.95
CA ASP B 133 8.25 -38.55 -0.26
C ASP B 133 9.30 -38.17 -1.29
N LEU B 134 9.70 -36.90 -1.32
CA LEU B 134 10.75 -36.47 -2.23
C LEU B 134 12.11 -36.98 -1.76
N GLU B 135 12.27 -37.19 -0.46
CA GLU B 135 13.50 -37.78 0.06
C GLU B 135 13.61 -39.23 -0.36
N ASP B 136 12.50 -39.96 -0.39
CA ASP B 136 12.48 -41.31 -0.93
C ASP B 136 12.34 -41.28 -2.45
N GLY B 137 12.31 -42.46 -3.04
CA GLY B 137 12.12 -42.61 -4.48
C GLY B 137 10.79 -43.23 -4.85
N PRO B 141 5.69 -45.21 -3.41
CA PRO B 141 4.38 -45.80 -3.16
C PRO B 141 3.23 -44.93 -3.66
N VAL B 142 3.41 -43.60 -3.58
CA VAL B 142 2.43 -42.69 -4.15
C VAL B 142 2.52 -42.68 -5.66
N GLY B 143 3.71 -42.41 -6.19
CA GLY B 143 3.91 -42.43 -7.62
C GLY B 143 3.46 -41.16 -8.31
N TRP B 144 4.07 -40.04 -7.95
CA TRP B 144 3.80 -38.80 -8.65
C TRP B 144 4.37 -38.88 -10.06
N PRO B 145 3.78 -38.16 -11.03
CA PRO B 145 4.09 -38.44 -12.44
C PRO B 145 5.45 -37.95 -12.96
N GLU B 146 6.37 -37.59 -12.09
CA GLU B 146 7.79 -37.31 -12.31
C GLU B 146 8.04 -35.98 -13.03
N GLN B 147 7.01 -35.32 -13.55
CA GLN B 147 7.12 -33.94 -13.95
C GLN B 147 6.88 -33.01 -12.78
N LEU B 148 6.15 -33.47 -11.77
CA LEU B 148 5.80 -32.72 -10.59
C LEU B 148 6.85 -32.87 -9.48
N TRP B 149 8.02 -33.43 -9.79
CA TRP B 149 9.05 -33.58 -8.78
C TRP B 149 9.63 -32.27 -8.23
N PRO B 150 9.93 -31.23 -9.01
CA PRO B 150 10.38 -29.99 -8.36
C PRO B 150 9.28 -29.24 -7.64
N ALA B 151 8.02 -29.58 -7.89
CA ALA B 151 6.90 -28.86 -7.29
C ALA B 151 6.66 -29.24 -5.84
N LEU B 152 7.13 -30.41 -5.40
CA LEU B 152 6.67 -30.99 -4.15
C LEU B 152 7.16 -30.22 -2.93
N THR B 153 8.28 -29.51 -3.04
CA THR B 153 8.79 -28.77 -1.90
C THR B 153 8.17 -27.39 -1.76
N THR B 154 7.41 -26.95 -2.75
CA THR B 154 6.87 -25.59 -2.73
C THR B 154 5.68 -25.50 -1.78
N ALA B 155 5.51 -24.32 -1.19
CA ALA B 155 4.34 -24.06 -0.36
C ALA B 155 3.07 -23.95 -1.18
N GLY B 156 3.17 -23.63 -2.47
CA GLY B 156 1.99 -23.49 -3.30
C GLY B 156 1.48 -24.79 -3.88
N PHE B 157 2.22 -25.89 -3.70
CA PHE B 157 1.70 -27.18 -4.10
C PHE B 157 0.86 -27.80 -3.01
N ALA B 158 1.25 -27.60 -1.74
CA ALA B 158 0.51 -28.21 -0.65
C ALA B 158 -0.74 -27.43 -0.30
N THR B 159 -0.89 -26.19 -0.78
CA THR B 159 -2.15 -25.50 -0.65
C THR B 159 -3.03 -25.65 -1.88
N GLU B 160 -2.70 -26.58 -2.78
CA GLU B 160 -3.60 -26.99 -3.84
C GLU B 160 -3.94 -28.46 -3.74
N LEU B 161 -3.00 -29.29 -3.27
CA LEU B 161 -3.30 -30.67 -2.94
C LEU B 161 -4.30 -30.76 -1.80
N ARG B 162 -4.28 -29.78 -0.90
CA ARG B 162 -5.24 -29.75 0.20
C ARG B 162 -6.65 -29.49 -0.29
N ASP B 163 -6.81 -28.87 -1.47
CA ASP B 163 -8.14 -28.55 -1.98
C ASP B 163 -8.76 -29.68 -2.78
N LEU B 164 -7.94 -30.53 -3.42
CA LEU B 164 -8.49 -31.68 -4.12
C LEU B 164 -9.00 -32.72 -3.13
N MET B 165 -8.52 -32.69 -1.90
CA MET B 165 -9.09 -33.51 -0.83
C MET B 165 -10.25 -32.83 -0.13
N ALA B 166 -10.21 -31.50 -0.02
CA ALA B 166 -11.27 -30.80 0.68
C ALA B 166 -12.50 -30.57 -0.18
N ARG B 167 -12.43 -30.83 -1.48
CA ARG B 167 -13.60 -30.73 -2.32
C ARG B 167 -14.13 -32.08 -2.77
N CYS B 168 -13.48 -33.17 -2.40
CA CYS B 168 -14.09 -34.48 -2.48
C CYS B 168 -14.68 -34.90 -1.16
N THR B 169 -14.20 -34.33 -0.05
CA THR B 169 -14.76 -34.61 1.26
C THR B 169 -16.17 -34.06 1.36
N GLU B 170 -16.45 -32.96 0.66
CA GLU B 170 -17.80 -32.41 0.63
C GLU B 170 -18.72 -33.21 -0.28
N ARG B 171 -18.18 -34.11 -1.11
CA ARG B 171 -18.99 -34.85 -2.07
C ARG B 171 -18.92 -36.36 -1.85
N GLY B 172 -18.37 -36.79 -0.73
CA GLY B 172 -18.48 -38.17 -0.30
C GLY B 172 -17.70 -39.17 -1.12
N VAL B 173 -16.56 -38.78 -1.67
CA VAL B 173 -15.77 -39.64 -2.52
C VAL B 173 -14.63 -40.23 -1.73
N ASP B 174 -14.67 -41.54 -1.52
CA ASP B 174 -13.59 -42.24 -0.86
C ASP B 174 -12.35 -42.25 -1.76
N PRO B 175 -11.15 -42.28 -1.16
CA PRO B 175 -9.93 -42.38 -1.98
C PRO B 175 -9.82 -43.67 -2.77
N ILE B 176 -10.54 -44.73 -2.40
CA ILE B 176 -10.59 -45.92 -3.24
C ILE B 176 -11.49 -45.69 -4.44
N ALA B 177 -12.29 -44.63 -4.42
CA ALA B 177 -13.16 -44.30 -5.55
C ALA B 177 -12.62 -43.15 -6.39
N LEU B 178 -11.65 -42.38 -5.89
CA LEU B 178 -11.00 -41.38 -6.71
C LEU B 178 -10.04 -42.03 -7.68
N GLN B 179 -9.45 -43.17 -7.29
CA GLN B 179 -8.53 -43.90 -8.14
C GLN B 179 -9.24 -44.63 -9.27
N ARG B 180 -10.56 -44.82 -9.17
CA ARG B 180 -11.30 -45.34 -10.30
C ARG B 180 -11.41 -44.29 -11.41
N LEU B 181 -11.45 -43.01 -11.05
CA LEU B 181 -11.41 -41.95 -12.05
C LEU B 181 -10.05 -41.82 -12.72
N GLY B 182 -8.97 -42.21 -12.05
CA GLY B 182 -7.66 -42.13 -12.64
C GLY B 182 -7.37 -43.18 -13.69
N ARG B 183 -8.22 -44.20 -13.80
CA ARG B 183 -8.06 -45.22 -14.82
C ARG B 183 -8.98 -45.02 -16.01
N THR B 184 -10.20 -44.53 -15.78
CA THR B 184 -11.12 -44.32 -16.89
C THR B 184 -10.67 -43.18 -17.79
N ALA B 185 -10.15 -42.11 -17.19
CA ALA B 185 -9.50 -41.06 -17.94
C ALA B 185 -7.99 -41.18 -17.79
N LYS B 186 -7.27 -40.74 -18.81
CA LYS B 186 -5.81 -40.82 -18.81
C LYS B 186 -5.19 -39.65 -18.06
N ARG B 187 -5.43 -39.61 -16.74
CA ARG B 187 -4.90 -38.56 -15.89
C ARG B 187 -4.01 -39.19 -14.82
N PRO B 188 -2.69 -39.07 -14.92
CA PRO B 188 -1.83 -39.72 -13.93
C PRO B 188 -1.83 -39.03 -12.58
N GLU B 189 -2.11 -37.73 -12.52
CA GLU B 189 -2.04 -37.02 -11.25
C GLU B 189 -3.29 -37.17 -10.40
N TRP B 190 -4.27 -37.95 -10.83
CA TRP B 190 -5.38 -38.30 -9.95
C TRP B 190 -5.13 -39.62 -9.23
N LEU B 191 -4.50 -40.58 -9.91
CA LEU B 191 -4.05 -41.78 -9.22
C LEU B 191 -2.97 -41.47 -8.19
N ALA B 192 -2.14 -40.48 -8.47
CA ALA B 192 -1.17 -40.05 -7.47
C ALA B 192 -1.83 -39.27 -6.35
N ALA B 193 -2.92 -38.57 -6.63
CA ALA B 193 -3.60 -37.82 -5.58
C ALA B 193 -4.45 -38.72 -4.71
N GLY B 194 -5.07 -39.75 -5.29
CA GLY B 194 -5.87 -40.67 -4.49
C GLY B 194 -5.04 -41.52 -3.56
N ARG B 195 -3.81 -41.85 -3.96
CA ARG B 195 -2.92 -42.58 -3.09
C ARG B 195 -2.32 -41.70 -2.01
N PHE B 196 -2.33 -40.37 -2.20
CA PHE B 196 -1.98 -39.49 -1.11
C PHE B 196 -3.11 -39.39 -0.10
N ALA B 197 -4.35 -39.26 -0.59
CA ALA B 197 -5.48 -39.06 0.30
C ALA B 197 -5.87 -40.34 1.03
N GLN B 198 -5.38 -41.49 0.55
CA GLN B 198 -5.60 -42.74 1.28
C GLN B 198 -4.54 -42.93 2.35
N ALA B 199 -3.29 -42.60 2.03
CA ALA B 199 -2.22 -42.72 3.02
C ALA B 199 -2.28 -41.62 4.05
N TYR B 200 -2.98 -40.52 3.76
CA TYR B 200 -3.21 -39.48 4.74
C TYR B 200 -4.17 -39.94 5.82
N GLU B 201 -5.21 -40.68 5.43
CA GLU B 201 -6.25 -41.08 6.37
C GLU B 201 -5.86 -42.29 7.22
N GLN B 202 -4.67 -42.84 7.02
CA GLN B 202 -4.23 -43.95 7.85
C GLN B 202 -3.23 -43.53 8.92
N ILE B 203 -2.68 -42.32 8.84
CA ILE B 203 -1.90 -41.82 9.97
C ILE B 203 -2.70 -40.82 10.79
N MET B 204 -3.86 -40.39 10.30
CA MET B 204 -4.77 -39.61 11.12
C MET B 204 -5.66 -40.50 11.98
N LEU B 205 -5.81 -41.77 11.61
CA LEU B 205 -6.50 -42.74 12.45
C LEU B 205 -5.54 -43.53 13.33
N LEU B 206 -4.26 -43.54 13.02
CA LEU B 206 -3.27 -44.24 13.84
C LEU B 206 -2.26 -43.26 14.43
N PRO B 220 -10.79 -40.29 16.80
CA PRO B 220 -9.50 -40.14 16.12
C PRO B 220 -9.07 -38.68 16.05
N ALA B 221 -9.10 -38.11 14.86
CA ALA B 221 -8.82 -36.69 14.66
C ALA B 221 -9.57 -36.25 13.43
N LEU B 222 -10.62 -35.44 13.61
CA LEU B 222 -11.49 -35.03 12.52
C LEU B 222 -11.14 -33.62 12.10
N GLY B 223 -11.21 -33.34 10.81
CA GLY B 223 -11.04 -32.00 10.31
C GLY B 223 -12.29 -31.17 10.49
N ALA B 224 -12.30 -30.03 9.82
CA ALA B 224 -13.51 -29.20 9.85
C ALA B 224 -14.56 -29.73 8.89
N ALA B 225 -14.22 -29.86 7.61
CA ALA B 225 -15.20 -30.26 6.60
C ALA B 225 -15.52 -31.73 6.65
N GLU B 226 -14.69 -32.54 7.31
CA GLU B 226 -14.92 -33.97 7.42
C GLU B 226 -15.81 -34.33 8.60
N LEU B 227 -16.59 -33.38 9.11
CA LEU B 227 -17.34 -33.59 10.34
C LEU B 227 -18.77 -34.04 10.07
N VAL B 228 -19.34 -33.64 8.94
CA VAL B 228 -20.65 -34.14 8.54
C VAL B 228 -20.53 -35.54 7.94
N GLY B 229 -19.48 -35.76 7.14
CA GLY B 229 -19.32 -37.05 6.50
C GLY B 229 -18.92 -38.17 7.45
N ALA B 230 -18.24 -37.83 8.53
CA ALA B 230 -17.87 -38.85 9.51
C ALA B 230 -19.04 -39.23 10.39
N ALA B 231 -19.96 -38.29 10.64
CA ALA B 231 -21.12 -38.60 11.46
C ALA B 231 -22.11 -39.47 10.71
N LEU B 232 -22.21 -39.29 9.39
CA LEU B 232 -23.20 -40.02 8.61
C LEU B 232 -22.86 -41.51 8.53
N GLU B 233 -21.57 -41.85 8.63
CA GLU B 233 -21.19 -43.26 8.74
C GLU B 233 -21.59 -43.85 10.08
N ALA B 234 -21.72 -43.02 11.12
CA ALA B 234 -22.07 -43.51 12.44
C ALA B 234 -23.57 -43.55 12.69
N LEU B 235 -24.39 -42.96 11.81
CA LEU B 235 -25.82 -43.17 11.92
C LEU B 235 -26.22 -44.55 11.41
N GLY B 236 -25.70 -44.94 10.25
CA GLY B 236 -26.00 -46.24 9.68
C GLY B 236 -25.17 -47.38 10.23
N ALA B 237 -24.35 -47.13 11.25
CA ALA B 237 -23.52 -48.18 11.82
C ALA B 237 -24.27 -48.93 12.92
N ASP B 238 -24.75 -48.22 13.93
CA ASP B 238 -25.34 -48.88 15.09
C ASP B 238 -26.72 -49.45 14.79
N ASP B 239 -27.50 -48.72 13.98
CA ASP B 239 -28.89 -48.96 13.56
C ASP B 239 -29.91 -48.85 14.70
N GLU B 240 -29.46 -48.65 15.93
CA GLU B 240 -30.32 -48.21 17.03
C GLU B 240 -30.03 -46.78 17.44
N LEU B 241 -28.92 -46.21 16.98
CA LEU B 241 -28.64 -44.79 17.18
C LEU B 241 -29.56 -43.93 16.33
N LEU B 242 -30.04 -44.47 15.20
CA LEU B 242 -31.07 -43.77 14.42
C LEU B 242 -32.39 -43.69 15.18
N ASP B 243 -32.90 -44.84 15.63
CA ASP B 243 -34.23 -44.89 16.22
C ASP B 243 -34.28 -44.19 17.58
N THR B 244 -33.14 -44.06 18.25
CA THR B 244 -33.07 -43.23 19.44
C THR B 244 -32.74 -41.78 19.14
N GLU B 245 -32.70 -41.40 17.86
CA GLU B 245 -32.56 -40.01 17.47
C GLU B 245 -33.83 -39.47 16.83
N ARG B 246 -34.43 -40.25 15.93
CA ARG B 246 -35.67 -39.85 15.27
C ARG B 246 -36.85 -39.79 16.25
N ASN B 247 -36.82 -40.61 17.30
CA ASN B 247 -37.89 -40.59 18.29
C ASN B 247 -37.82 -39.35 19.17
N ARG B 248 -36.67 -38.67 19.20
CA ARG B 248 -36.55 -37.41 19.91
C ARG B 248 -37.20 -36.28 19.13
N ILE B 249 -36.67 -35.99 17.95
CA ILE B 249 -36.95 -34.76 17.20
C ILE B 249 -38.36 -34.79 16.64
N LYS B 250 -39.02 -33.63 16.62
CA LYS B 250 -40.38 -33.53 16.11
C LYS B 250 -40.59 -32.50 15.01
N LEU B 251 -39.76 -31.45 14.91
CA LEU B 251 -40.04 -30.44 13.91
C LEU B 251 -39.02 -30.35 12.80
N LEU B 252 -37.71 -30.34 13.10
CA LEU B 252 -36.63 -30.20 12.12
C LEU B 252 -36.83 -29.00 11.21
N LEU B 253 -36.84 -27.82 11.80
CA LEU B 253 -37.03 -26.61 11.01
C LEU B 253 -35.67 -26.26 10.40
N VAL B 254 -35.30 -27.01 9.37
CA VAL B 254 -34.03 -26.76 8.69
C VAL B 254 -34.16 -25.45 7.92
N ASP B 255 -33.05 -24.73 7.75
CA ASP B 255 -33.12 -23.39 7.10
C ASP B 255 -31.92 -23.17 6.18
N ASP B 256 -32.06 -22.24 5.22
CA ASP B 256 -30.97 -21.92 4.26
C ASP B 256 -30.51 -23.20 3.57
N ALA B 257 -31.44 -23.96 3.01
CA ALA B 257 -31.20 -25.27 2.35
C ALA B 257 -30.32 -25.15 1.08
N GLN B 258 -30.35 -24.01 0.39
CA GLN B 258 -29.61 -23.86 -0.90
C GLN B 258 -28.09 -24.04 -0.78
N HIS B 259 -27.47 -23.60 0.32
CA HIS B 259 -25.98 -23.68 0.46
C HIS B 259 -25.51 -25.06 0.96
N LEU B 260 -26.45 -25.96 1.23
CA LEU B 260 -26.18 -27.31 1.82
C LEU B 260 -25.40 -28.15 0.80
N ASP B 261 -24.38 -28.87 1.27
CA ASP B 261 -23.57 -29.73 0.43
C ASP B 261 -24.31 -31.04 0.18
N PRO B 262 -23.96 -31.78 -0.88
CA PRO B 262 -24.59 -33.10 -1.08
C PRO B 262 -24.15 -34.17 -0.09
N GLN B 263 -23.30 -33.86 0.89
CA GLN B 263 -23.13 -34.74 2.04
C GLN B 263 -23.89 -34.25 3.25
N ALA B 264 -24.17 -32.94 3.34
CA ALA B 264 -25.02 -32.43 4.39
C ALA B 264 -26.49 -32.47 4.01
N ALA B 265 -26.80 -32.70 2.73
CA ALA B 265 -28.18 -32.88 2.31
C ALA B 265 -28.68 -34.29 2.58
N ARG B 266 -27.85 -35.18 3.10
CA ARG B 266 -28.28 -36.53 3.41
C ARG B 266 -28.54 -36.77 4.88
N LEU B 267 -28.02 -35.91 5.78
CA LEU B 267 -28.47 -35.95 7.17
C LEU B 267 -29.91 -35.49 7.29
N VAL B 268 -30.28 -34.46 6.53
CA VAL B 268 -31.65 -33.97 6.57
C VAL B 268 -32.59 -34.98 5.94
N ARG B 269 -32.09 -35.78 5.00
CA ARG B 269 -32.91 -36.89 4.51
C ARG B 269 -32.90 -38.07 5.46
N ALA B 270 -31.90 -38.19 6.32
CA ALA B 270 -31.86 -39.31 7.25
C ALA B 270 -32.67 -39.03 8.50
N LEU B 271 -32.58 -37.81 9.04
CA LEU B 271 -33.36 -37.42 10.20
C LEU B 271 -34.84 -37.30 9.88
N ALA B 272 -35.19 -36.85 8.69
CA ALA B 272 -36.57 -36.80 8.26
C ALA B 272 -36.99 -38.04 7.50
N ALA B 273 -36.45 -39.21 7.88
CA ALA B 273 -36.87 -40.44 7.22
C ALA B 273 -38.32 -40.75 7.53
N GLY B 274 -38.66 -41.02 8.79
CA GLY B 274 -40.03 -40.94 9.24
C GLY B 274 -40.14 -40.61 10.72
N THR B 275 -40.75 -39.44 10.97
CA THR B 275 -41.54 -39.03 12.14
C THR B 275 -42.01 -37.61 11.90
N GLY B 276 -43.16 -37.25 12.48
CA GLY B 276 -43.70 -35.88 12.51
C GLY B 276 -43.82 -35.17 11.17
N LEU B 277 -43.36 -33.90 11.15
CA LEU B 277 -43.42 -32.99 9.97
C LEU B 277 -42.13 -32.16 9.90
N THR B 278 -41.62 -31.90 8.68
CA THR B 278 -40.38 -31.09 8.49
C THR B 278 -40.59 -30.00 7.44
N VAL B 279 -40.12 -28.78 7.71
CA VAL B 279 -40.21 -27.61 6.78
C VAL B 279 -38.80 -27.34 6.24
N ILE B 280 -38.62 -27.22 4.92
CA ILE B 280 -37.25 -27.01 4.36
C ILE B 280 -36.95 -25.52 4.12
N ALA B 281 -37.86 -24.81 3.44
CA ALA B 281 -37.80 -23.36 3.12
C ALA B 281 -36.67 -23.01 2.13
N GLY B 282 -36.31 -21.72 2.06
CA GLY B 282 -35.23 -21.22 1.18
C GLY B 282 -35.71 -20.88 -0.22
N ASP B 283 -34.81 -20.34 -1.06
CA ASP B 283 -35.08 -19.97 -2.47
C ASP B 283 -34.33 -20.97 -3.34
N PRO B 284 -34.96 -21.64 -4.34
CA PRO B 284 -34.27 -22.71 -5.09
C PRO B 284 -33.41 -22.23 -6.24
N ASP B 285 -33.61 -21.02 -6.74
CA ASP B 285 -32.92 -20.54 -7.94
C ASP B 285 -31.71 -19.68 -7.61
N GLN B 286 -31.21 -19.76 -6.38
CA GLN B 286 -29.97 -19.10 -6.00
C GLN B 286 -28.99 -20.15 -5.50
N SER B 287 -28.23 -20.72 -6.42
CA SER B 287 -27.25 -21.74 -6.06
C SER B 287 -25.99 -21.10 -5.51
N VAL B 288 -25.31 -20.30 -6.34
CA VAL B 288 -24.06 -19.57 -6.05
C VAL B 288 -22.94 -20.50 -5.56
N VAL B 297 -31.58 -31.62 2.53
CA VAL B 297 -32.70 -31.86 1.64
C VAL B 297 -32.54 -31.00 0.40
N LEU B 298 -33.19 -31.41 -0.68
CA LEU B 298 -33.09 -30.69 -1.93
C LEU B 298 -34.45 -30.11 -2.29
N LEU B 299 -34.43 -28.98 -2.99
CA LEU B 299 -35.62 -28.19 -3.22
C LEU B 299 -36.21 -28.35 -4.62
N ARG B 300 -35.37 -28.52 -5.64
CA ARG B 300 -35.85 -28.45 -7.01
C ARG B 300 -36.65 -29.70 -7.38
N ASP B 301 -36.23 -30.86 -6.89
CA ASP B 301 -36.86 -32.12 -7.25
C ASP B 301 -37.32 -32.82 -5.98
N ASP B 302 -38.62 -32.73 -5.71
CA ASP B 302 -39.19 -33.48 -4.60
C ASP B 302 -40.64 -33.81 -4.91
N THR B 303 -41.13 -34.86 -4.28
CA THR B 303 -42.53 -35.25 -4.37
C THR B 303 -43.36 -34.68 -3.24
N HIS B 304 -42.80 -33.78 -2.46
CA HIS B 304 -43.42 -33.19 -1.29
C HIS B 304 -44.11 -31.88 -1.67
N PRO B 305 -45.22 -31.55 -1.02
CA PRO B 305 -45.97 -30.36 -1.43
C PRO B 305 -45.27 -29.08 -1.04
N ALA B 306 -45.32 -28.11 -1.95
CA ALA B 306 -44.60 -26.85 -1.79
C ALA B 306 -45.56 -25.73 -1.40
N ILE B 307 -44.99 -24.67 -0.85
CA ILE B 307 -45.72 -23.45 -0.50
C ILE B 307 -44.91 -22.27 -1.02
N THR B 308 -45.48 -21.53 -1.97
CA THR B 308 -44.78 -20.41 -2.56
C THR B 308 -45.06 -19.13 -1.78
N LEU B 309 -44.14 -18.18 -1.89
CA LEU B 309 -44.26 -16.86 -1.29
C LEU B 309 -43.77 -15.86 -2.34
N THR B 310 -44.63 -14.89 -2.69
CA THR B 310 -44.32 -13.96 -3.77
C THR B 310 -44.30 -12.50 -3.33
N GLN B 311 -44.87 -12.16 -2.19
CA GLN B 311 -44.87 -10.78 -1.73
C GLN B 311 -43.60 -10.52 -0.92
N SER B 312 -42.94 -9.39 -1.18
CA SER B 312 -41.53 -9.27 -0.79
C SER B 312 -41.37 -8.88 0.67
N TYR B 313 -42.18 -7.91 1.13
CA TYR B 313 -42.11 -7.43 2.53
C TYR B 313 -40.90 -6.51 2.77
N ARG B 314 -39.90 -6.51 1.86
CA ARG B 314 -38.73 -5.68 2.03
C ARG B 314 -38.48 -4.80 0.83
N CYS B 315 -38.34 -5.41 -0.35
CA CYS B 315 -37.82 -4.69 -1.50
C CYS B 315 -38.89 -3.82 -2.14
N ALA B 316 -38.48 -2.65 -2.62
CA ALA B 316 -39.35 -1.74 -3.34
C ALA B 316 -39.73 -2.34 -4.69
N PRO B 317 -40.86 -1.93 -5.28
CA PRO B 317 -41.27 -2.53 -6.56
C PRO B 317 -40.45 -2.08 -7.75
N GLU B 318 -39.59 -1.07 -7.61
CA GLU B 318 -38.69 -0.71 -8.70
C GLU B 318 -37.35 -1.43 -8.60
N ILE B 319 -36.99 -1.90 -7.41
CA ILE B 319 -35.85 -2.79 -7.27
C ILE B 319 -36.24 -4.19 -7.68
N ALA B 320 -37.49 -4.58 -7.43
CA ALA B 320 -37.96 -5.92 -7.76
C ALA B 320 -38.20 -6.12 -9.24
N SER B 321 -38.07 -5.08 -10.06
CA SER B 321 -38.15 -5.27 -11.50
C SER B 321 -36.78 -5.30 -12.16
N ALA B 322 -35.77 -4.76 -11.50
CA ALA B 322 -34.41 -4.91 -12.01
C ALA B 322 -33.81 -6.26 -11.67
N ILE B 323 -34.17 -6.82 -10.51
CA ILE B 323 -33.69 -8.15 -10.14
C ILE B 323 -34.33 -9.19 -11.05
N THR B 324 -35.66 -9.20 -11.12
CA THR B 324 -36.35 -10.12 -12.02
C THR B 324 -36.24 -9.71 -13.47
N GLY B 325 -35.70 -8.53 -13.77
CA GLY B 325 -35.40 -8.19 -15.15
C GLY B 325 -34.10 -8.80 -15.62
N LEU B 326 -33.15 -9.02 -14.72
CA LEU B 326 -31.93 -9.73 -15.09
C LEU B 326 -32.13 -11.23 -15.15
N GLY B 327 -33.18 -11.76 -14.54
CA GLY B 327 -33.45 -13.18 -14.61
C GLY B 327 -34.02 -13.66 -15.93
N GLN B 328 -34.27 -12.75 -16.87
CA GLN B 328 -34.74 -13.15 -18.18
C GLN B 328 -33.64 -13.87 -18.96
N ARG B 329 -32.43 -13.33 -18.95
CA ARG B 329 -31.31 -13.92 -19.67
C ARG B 329 -30.49 -14.80 -18.72
N LEU B 330 -31.18 -15.74 -18.09
CA LEU B 330 -30.60 -16.58 -17.07
C LEU B 330 -31.13 -17.98 -17.36
N PRO B 331 -30.28 -19.02 -17.39
CA PRO B 331 -30.66 -20.35 -17.87
C PRO B 331 -31.69 -21.09 -17.03
N THR B 336 -39.38 -20.29 -9.87
CA THR B 336 -39.95 -19.10 -9.25
C THR B 336 -39.06 -17.89 -9.47
N ARG B 337 -39.03 -17.38 -10.70
CA ARG B 337 -38.31 -16.17 -11.01
C ARG B 337 -39.20 -14.95 -11.08
N HIS B 338 -40.49 -15.08 -10.76
CA HIS B 338 -41.40 -13.95 -10.79
C HIS B 338 -41.89 -13.68 -9.38
N TRP B 339 -41.55 -12.51 -8.85
CA TRP B 339 -42.02 -12.05 -7.56
C TRP B 339 -42.17 -10.54 -7.61
N THR B 340 -43.03 -10.02 -6.74
CA THR B 340 -43.38 -8.61 -6.75
C THR B 340 -42.83 -7.92 -5.51
N GLY B 341 -42.84 -6.59 -5.53
CA GLY B 341 -42.31 -5.81 -4.45
C GLY B 341 -43.37 -5.29 -3.49
N ASN B 342 -42.90 -4.72 -2.39
CA ASN B 342 -43.76 -4.16 -1.35
C ASN B 342 -44.45 -2.92 -1.89
N PRO B 343 -45.78 -2.92 -2.03
CA PRO B 343 -46.43 -1.76 -2.67
C PRO B 343 -46.52 -0.54 -1.78
N GLN B 344 -46.21 -0.68 -0.49
CA GLN B 344 -46.20 0.48 0.40
C GLN B 344 -44.98 1.36 0.17
N ARG B 345 -43.94 0.81 -0.45
CA ARG B 345 -42.71 1.57 -0.63
C ARG B 345 -42.55 2.04 -2.07
N GLU B 346 -41.68 3.04 -2.24
CA GLU B 346 -41.32 3.56 -3.55
C GLU B 346 -39.81 3.64 -3.62
N GLY B 347 -39.24 3.18 -4.73
CA GLY B 347 -37.80 3.01 -4.81
C GLY B 347 -37.22 3.48 -6.13
N THR B 348 -35.91 3.72 -6.11
CA THR B 348 -35.17 4.22 -7.26
C THR B 348 -33.98 3.32 -7.53
N VAL B 349 -33.71 3.06 -8.81
CA VAL B 349 -32.50 2.35 -9.25
C VAL B 349 -31.81 3.22 -10.28
N THR B 350 -30.52 3.47 -10.11
CA THR B 350 -29.80 4.37 -10.98
C THR B 350 -28.35 3.92 -11.15
N VAL B 351 -27.80 4.16 -12.33
CA VAL B 351 -26.45 3.73 -12.69
C VAL B 351 -25.62 4.97 -13.02
N ARG B 352 -24.52 5.16 -12.30
CA ARG B 352 -23.64 6.30 -12.47
C ARG B 352 -22.29 5.83 -12.98
N LEU B 353 -21.68 6.62 -13.85
CA LEU B 353 -20.34 6.34 -14.35
C LEU B 353 -19.38 7.42 -13.91
N ALA B 354 -18.10 7.08 -13.88
CA ALA B 354 -17.03 8.02 -13.56
C ALA B 354 -16.00 7.98 -14.69
N ALA B 355 -15.00 8.84 -14.61
CA ALA B 355 -13.98 8.91 -15.64
C ALA B 355 -12.59 8.53 -15.14
N SER B 356 -12.45 8.23 -13.85
CA SER B 356 -11.16 7.84 -13.31
C SER B 356 -11.40 7.01 -12.06
N THR B 357 -10.31 6.69 -11.36
CA THR B 357 -10.46 5.88 -10.16
C THR B 357 -10.74 6.75 -8.94
N HIS B 358 -10.13 7.93 -8.88
CA HIS B 358 -10.35 8.84 -7.77
C HIS B 358 -11.67 9.58 -7.86
N ALA B 359 -12.24 9.71 -9.05
CA ALA B 359 -13.54 10.32 -9.20
C ALA B 359 -14.67 9.35 -8.87
N GLU B 360 -14.39 8.06 -8.78
CA GLU B 360 -15.41 7.12 -8.33
C GLU B 360 -15.63 7.25 -6.83
N GLY B 361 -14.56 7.24 -6.05
CA GLY B 361 -14.66 7.42 -4.62
C GLY B 361 -15.09 8.80 -4.18
N THR B 362 -15.06 9.78 -5.07
CA THR B 362 -15.53 11.11 -4.73
C THR B 362 -17.03 11.26 -4.95
N MET B 363 -17.62 10.51 -5.89
CA MET B 363 -19.07 10.53 -6.03
C MET B 363 -19.77 9.47 -5.20
N ILE B 364 -19.07 8.44 -4.73
CA ILE B 364 -19.67 7.55 -3.75
C ILE B 364 -19.78 8.26 -2.42
N ALA B 365 -18.72 8.96 -2.01
CA ALA B 365 -18.76 9.77 -0.80
C ALA B 365 -19.60 11.03 -0.97
N ASP B 366 -20.05 11.34 -2.17
CA ASP B 366 -21.10 12.35 -2.35
C ASP B 366 -22.45 11.76 -1.99
N ALA B 367 -22.84 10.66 -2.64
CA ALA B 367 -24.17 10.09 -2.47
C ALA B 367 -24.37 9.46 -1.11
N LEU B 368 -23.31 9.04 -0.42
CA LEU B 368 -23.47 8.58 0.95
C LEU B 368 -23.63 9.76 1.91
N ARG B 369 -23.18 10.94 1.49
CA ARG B 369 -23.28 12.13 2.31
C ARG B 369 -24.56 12.92 2.03
N ARG B 370 -25.06 12.88 0.79
CA ARG B 370 -26.38 13.46 0.49
C ARG B 370 -27.49 12.77 1.25
N ALA B 371 -27.37 11.46 1.45
CA ALA B 371 -28.49 10.71 2.02
C ALA B 371 -28.62 10.92 3.51
N HIS B 372 -27.51 10.85 4.25
CA HIS B 372 -27.59 11.01 5.70
C HIS B 372 -27.86 12.44 6.12
N LEU B 373 -27.31 13.41 5.39
CA LEU B 373 -27.28 14.78 5.86
C LEU B 373 -28.44 15.59 5.33
N VAL B 374 -29.08 15.15 4.25
CA VAL B 374 -30.27 15.81 3.74
C VAL B 374 -31.50 14.93 3.89
N ASP B 375 -31.46 13.70 3.34
CA ASP B 375 -32.64 12.84 3.36
C ASP B 375 -32.88 12.23 4.73
N GLY B 376 -31.83 12.04 5.51
CA GLY B 376 -31.97 11.73 6.91
C GLY B 376 -31.83 10.29 7.33
N ILE B 377 -31.62 9.36 6.40
CA ILE B 377 -31.43 7.97 6.81
C ILE B 377 -30.07 7.81 7.47
N PRO B 378 -29.95 7.12 8.59
CA PRO B 378 -28.73 7.17 9.39
C PRO B 378 -27.61 6.38 8.73
N TRP B 379 -26.44 6.46 9.34
CA TRP B 379 -25.41 5.47 9.03
C TRP B 379 -25.84 4.14 9.63
N SER B 380 -25.22 3.06 9.17
CA SER B 380 -25.53 1.65 9.44
C SER B 380 -26.88 1.23 8.90
N GLN B 381 -27.53 2.05 8.09
CA GLN B 381 -28.49 1.61 7.10
C GLN B 381 -27.96 1.83 5.70
N MET B 382 -26.66 1.98 5.55
CA MET B 382 -25.99 2.12 4.28
C MET B 382 -24.95 1.03 4.14
N ALA B 383 -24.56 0.72 2.92
CA ALA B 383 -23.57 -0.30 2.69
C ALA B 383 -22.87 -0.06 1.36
N VAL B 384 -21.67 -0.61 1.22
CA VAL B 384 -20.92 -0.57 -0.02
C VAL B 384 -20.47 -1.99 -0.30
N ILE B 385 -21.03 -2.60 -1.33
CA ILE B 385 -20.74 -3.99 -1.68
C ILE B 385 -19.79 -4.00 -2.85
N VAL B 386 -18.68 -4.74 -2.70
CA VAL B 386 -17.64 -4.88 -3.75
C VAL B 386 -17.58 -6.36 -4.16
N ARG B 387 -17.16 -6.67 -5.38
CA ARG B 387 -17.14 -8.08 -5.88
C ARG B 387 -16.19 -8.91 -5.01
N SER B 388 -15.02 -8.36 -4.69
CA SER B 388 -14.03 -9.04 -3.82
C SER B 388 -13.10 -8.00 -3.21
N VAL B 389 -12.63 -8.23 -1.97
CA VAL B 389 -11.70 -7.26 -1.33
C VAL B 389 -10.26 -7.68 -1.64
N PRO B 390 -9.30 -6.74 -1.84
CA PRO B 390 -7.92 -7.11 -2.13
C PRO B 390 -7.36 -8.04 -1.05
N ALA B 395 -8.65 1.06 -0.67
CA ALA B 395 -8.51 1.97 -1.79
C ALA B 395 -9.73 2.88 -1.91
N LEU B 396 -10.87 2.36 -1.47
CA LEU B 396 -12.12 3.10 -1.45
C LEU B 396 -12.48 3.64 -0.09
N ALA B 397 -12.12 2.93 0.98
CA ALA B 397 -12.40 3.40 2.33
C ALA B 397 -11.55 4.60 2.72
N ARG B 398 -10.42 4.84 2.04
CA ARG B 398 -9.60 5.99 2.35
C ARG B 398 -10.17 7.26 1.73
N ALA B 399 -10.65 7.17 0.49
CA ALA B 399 -11.23 8.33 -0.18
C ALA B 399 -12.66 8.60 0.24
N LEU B 400 -13.22 7.75 1.08
CA LEU B 400 -14.55 7.92 1.61
C LEU B 400 -14.54 8.33 3.08
N THR B 401 -13.43 8.10 3.78
CA THR B 401 -13.19 8.70 5.08
C THR B 401 -12.75 10.15 4.97
N ALA B 402 -12.11 10.51 3.85
CA ALA B 402 -11.61 11.87 3.64
C ALA B 402 -12.72 12.89 3.45
N ALA B 403 -13.96 12.45 3.26
CA ALA B 403 -15.11 13.34 3.27
C ALA B 403 -15.84 13.35 4.60
N GLY B 404 -15.45 12.50 5.55
CA GLY B 404 -16.05 12.49 6.86
C GLY B 404 -17.21 11.54 7.03
N VAL B 405 -16.98 10.27 6.72
CA VAL B 405 -18.02 9.24 6.78
C VAL B 405 -17.51 8.14 7.71
N PRO B 406 -18.29 7.71 8.69
CA PRO B 406 -17.81 6.64 9.58
C PRO B 406 -17.80 5.30 8.87
N VAL B 407 -16.64 4.66 8.83
CA VAL B 407 -16.47 3.38 8.15
C VAL B 407 -15.91 2.37 9.14
N GLN B 408 -16.59 1.23 9.25
CA GLN B 408 -16.11 0.17 10.13
C GLN B 408 -15.47 -0.95 9.32
N ASP B 413 -4.04 -9.53 7.54
CA ASP B 413 -4.17 -8.17 8.04
C ASP B 413 -2.78 -7.67 8.42
N VAL B 414 -2.53 -7.50 9.72
CA VAL B 414 -1.21 -7.21 10.27
C VAL B 414 -0.99 -8.19 11.41
N PRO B 415 0.17 -8.84 11.50
CA PRO B 415 0.39 -9.86 12.54
C PRO B 415 0.30 -9.31 13.96
N VAL B 416 0.17 -10.23 14.91
CA VAL B 416 -0.18 -9.86 16.27
C VAL B 416 1.01 -9.23 16.99
N GLY B 417 2.18 -9.84 16.85
CA GLY B 417 3.34 -9.32 17.53
C GLY B 417 4.07 -8.19 16.85
N ARG B 418 3.50 -7.60 15.81
CA ARG B 418 4.17 -6.55 15.06
C ARG B 418 3.60 -5.16 15.32
N GLN B 419 2.39 -5.07 15.85
CA GLN B 419 1.75 -3.79 16.06
C GLN B 419 2.39 -3.07 17.25
N PRO B 420 2.51 -1.74 17.21
CA PRO B 420 3.37 -1.04 18.18
C PRO B 420 2.85 -1.05 19.61
N ALA B 421 1.55 -1.22 19.82
CA ALA B 421 1.07 -1.34 21.20
C ALA B 421 1.30 -2.73 21.76
N ALA B 422 1.36 -3.74 20.89
CA ALA B 422 1.63 -5.11 21.30
C ALA B 422 3.12 -5.43 21.26
N ALA B 423 3.85 -4.91 20.29
CA ALA B 423 5.27 -5.22 20.18
C ALA B 423 6.11 -4.46 21.18
N ALA B 424 5.59 -3.39 21.77
CA ALA B 424 6.32 -2.69 22.80
C ALA B 424 6.31 -3.44 24.12
N LEU B 425 5.36 -4.35 24.31
CA LEU B 425 5.29 -5.11 25.54
C LEU B 425 6.03 -6.43 25.42
N LEU B 426 6.20 -6.95 24.20
CA LEU B 426 7.07 -8.10 24.00
C LEU B 426 8.55 -7.75 24.11
N THR B 427 8.90 -6.47 23.97
CA THR B 427 10.28 -6.08 24.24
C THR B 427 10.58 -6.04 25.73
N VAL B 428 9.55 -5.93 26.56
CA VAL B 428 9.75 -6.05 28.00
C VAL B 428 10.08 -7.49 28.37
N LEU B 429 9.57 -8.45 27.60
CA LEU B 429 9.80 -9.84 27.93
C LEU B 429 11.18 -10.33 27.49
N ASP B 430 11.76 -9.71 26.45
CA ASP B 430 13.11 -10.08 26.05
C ASP B 430 14.15 -9.51 26.99
N VAL B 431 13.89 -8.33 27.55
CA VAL B 431 14.71 -7.82 28.64
C VAL B 431 14.61 -8.75 29.85
N THR B 432 13.40 -9.21 30.14
CA THR B 432 13.17 -10.03 31.33
C THR B 432 13.78 -11.41 31.19
N ALA B 433 13.74 -12.00 29.99
CA ALA B 433 14.18 -13.37 29.81
C ALA B 433 15.70 -13.49 29.83
N THR B 434 16.41 -12.50 29.27
CA THR B 434 17.86 -12.57 29.24
C THR B 434 18.46 -12.21 30.60
N GLY B 435 18.05 -11.06 31.15
CA GLY B 435 18.52 -10.60 32.45
C GLY B 435 19.12 -9.22 32.42
N HIS B 436 19.71 -8.82 31.30
CA HIS B 436 20.27 -7.49 31.12
C HIS B 436 19.71 -6.88 29.85
N LEU B 437 19.42 -5.58 29.91
CA LEU B 437 18.83 -4.87 28.78
C LEU B 437 19.90 -4.25 27.91
N ASP B 438 19.71 -4.35 26.60
CA ASP B 438 20.71 -3.93 25.62
C ASP B 438 20.62 -2.42 25.38
N ALA B 439 21.29 -1.96 24.33
CA ALA B 439 21.18 -0.56 23.95
C ALA B 439 20.13 -0.36 22.87
N ASP B 440 20.03 -1.30 21.93
CA ASP B 440 19.10 -1.16 20.82
C ASP B 440 17.66 -1.47 21.23
N SER B 441 17.45 -2.04 22.40
CA SER B 441 16.10 -2.30 22.90
C SER B 441 15.80 -1.53 24.17
N ALA B 442 16.65 -0.57 24.54
CA ALA B 442 16.33 0.38 25.58
C ALA B 442 16.01 1.76 25.00
N VAL B 443 16.48 2.04 23.79
CA VAL B 443 15.99 3.18 23.05
C VAL B 443 14.60 2.88 22.50
N ALA B 444 14.35 1.62 22.14
CA ALA B 444 13.08 1.25 21.54
C ALA B 444 11.94 1.17 22.55
N LEU B 445 12.19 1.44 23.83
CA LEU B 445 11.12 1.62 24.79
C LEU B 445 10.76 3.09 24.97
N LEU B 446 11.71 4.00 24.75
CA LEU B 446 11.40 5.42 24.85
C LEU B 446 10.61 5.92 23.66
N THR B 447 10.91 5.48 22.45
CA THR B 447 10.15 5.94 21.30
C THR B 447 8.86 5.15 21.10
N GLY B 448 8.49 4.29 22.04
CA GLY B 448 7.30 3.49 21.92
C GLY B 448 6.17 3.99 22.78
N PRO B 449 5.10 3.19 22.92
CA PRO B 449 3.91 3.67 23.62
C PRO B 449 4.00 3.66 25.14
N ILE B 450 5.01 3.03 25.76
CA ILE B 450 5.00 2.89 27.22
C ILE B 450 5.35 4.22 27.87
N GLY B 451 6.55 4.73 27.64
CA GLY B 451 6.88 6.08 28.03
C GLY B 451 7.42 6.79 26.82
N ARG B 452 6.70 7.76 26.28
CA ARG B 452 6.88 8.18 24.90
C ARG B 452 7.57 9.53 24.82
N VAL B 453 8.46 9.67 23.82
CA VAL B 453 9.16 10.90 23.55
C VAL B 453 9.15 11.16 22.05
N ASP B 454 8.85 12.39 21.66
CA ASP B 454 8.99 12.84 20.30
C ASP B 454 10.47 13.06 19.97
N PRO B 455 10.85 13.15 18.69
CA PRO B 455 12.29 13.24 18.37
C PRO B 455 13.03 14.48 18.86
N VAL B 456 12.36 15.57 19.26
CA VAL B 456 13.09 16.69 19.83
C VAL B 456 13.27 16.58 21.33
N THR B 457 12.75 15.52 21.96
CA THR B 457 13.03 15.28 23.37
C THR B 457 13.96 14.09 23.59
N LEU B 458 14.31 13.34 22.56
CA LEU B 458 15.55 12.58 22.64
C LEU B 458 16.74 13.51 22.66
N ARG B 459 16.68 14.59 21.88
CA ARG B 459 17.77 15.54 21.80
C ARG B 459 17.90 16.40 23.05
N GLN B 460 16.92 16.38 23.94
CA GLN B 460 17.04 17.04 25.23
C GLN B 460 17.46 16.08 26.33
N LEU B 461 17.28 14.78 26.14
CA LEU B 461 17.87 13.82 27.06
C LEU B 461 19.39 13.75 26.89
N ARG B 462 19.85 13.76 25.64
CA ARG B 462 21.28 13.57 25.37
C ARG B 462 22.10 14.75 25.87
N ARG B 463 21.59 15.95 25.70
CA ARG B 463 22.30 17.11 26.21
C ARG B 463 22.22 17.24 27.72
N ALA B 464 21.34 16.48 28.39
CA ALA B 464 21.27 16.45 29.83
C ALA B 464 21.96 15.25 30.44
N LEU B 465 22.02 14.12 29.73
CA LEU B 465 22.73 12.96 30.25
C LEU B 465 24.22 13.07 30.04
N ARG B 466 24.67 13.76 28.99
CA ARG B 466 26.09 13.89 28.73
C ARG B 466 26.76 14.96 29.56
N ARG B 467 26.01 15.73 30.35
CA ARG B 467 26.62 16.59 31.35
C ARG B 467 26.95 15.83 32.63
N ALA B 468 26.49 14.60 32.76
CA ALA B 468 26.85 13.77 33.90
C ALA B 468 28.18 13.07 33.69
N PRO B 473 36.14 12.79 25.05
CA PRO B 473 35.02 12.51 24.14
C PRO B 473 33.74 12.18 24.90
N PRO B 474 32.59 12.40 24.28
CA PRO B 474 31.33 12.01 24.92
C PRO B 474 31.01 10.55 24.68
N ARG B 475 30.39 9.92 25.67
CA ARG B 475 29.96 8.53 25.53
C ARG B 475 28.68 8.45 24.72
N ASP B 476 28.41 7.27 24.19
CA ASP B 476 27.26 7.09 23.31
C ASP B 476 25.96 7.08 24.11
N PHE B 477 24.88 7.49 23.45
CA PHE B 477 23.59 7.59 24.10
C PHE B 477 22.98 6.24 24.40
N GLY B 478 23.32 5.21 23.64
CA GLY B 478 22.83 3.88 23.94
C GLY B 478 23.39 3.30 25.23
N ASP B 479 24.56 3.77 25.65
CA ASP B 479 25.16 3.29 26.88
C ASP B 479 24.84 4.17 28.08
N LEU B 480 24.50 5.44 27.86
CA LEU B 480 24.15 6.31 28.98
C LEU B 480 22.71 6.15 29.39
N LEU B 481 21.87 5.68 28.48
CA LEU B 481 20.45 5.50 28.78
C LEU B 481 20.25 4.36 29.76
N VAL B 482 20.90 3.22 29.49
CA VAL B 482 20.75 2.01 30.29
C VAL B 482 21.27 2.23 31.71
N ASP B 483 22.33 3.01 31.85
CA ASP B 483 22.84 3.33 33.16
C ASP B 483 22.02 4.41 33.88
N ALA B 484 20.97 4.93 33.27
CA ALA B 484 20.04 5.79 33.97
C ALA B 484 18.77 5.07 34.38
N ILE B 485 18.50 3.91 33.81
CA ILE B 485 17.37 3.10 34.23
C ILE B 485 17.80 2.12 35.32
N GLU B 486 19.06 1.67 35.27
CA GLU B 486 19.60 0.84 36.34
C GLU B 486 19.65 1.61 37.67
N ARG B 487 20.20 2.82 37.65
CA ARG B 487 20.10 3.75 38.76
C ARG B 487 19.87 5.15 38.23
N GLU B 488 18.95 5.87 38.85
CA GLU B 488 18.54 7.18 38.35
C GLU B 488 19.51 8.26 38.79
N PRO B 489 20.27 8.86 37.88
CA PRO B 489 21.10 10.00 38.26
C PRO B 489 20.25 11.22 38.55
N LYS B 490 20.81 12.13 39.35
CA LYS B 490 20.13 13.35 39.76
C LYS B 490 20.48 14.53 38.87
N GLY B 491 20.78 14.29 37.61
CA GLY B 491 21.11 15.36 36.69
C GLY B 491 19.92 16.16 36.22
N LEU B 492 19.00 15.52 35.48
CA LEU B 492 17.96 16.27 34.80
C LEU B 492 16.82 16.63 35.74
N SER B 493 16.09 15.62 36.21
CA SER B 493 15.12 15.70 37.32
C SER B 493 13.92 16.62 37.04
N ALA B 494 13.82 17.25 35.87
CA ALA B 494 12.74 18.21 35.65
C ALA B 494 11.44 17.52 35.25
N GLU B 495 11.46 16.90 34.09
CA GLU B 495 10.35 16.10 33.59
C GLU B 495 10.82 14.76 33.06
N HIS B 496 12.10 14.64 32.70
CA HIS B 496 12.67 13.38 32.24
C HIS B 496 12.82 12.38 33.37
N ALA B 497 12.72 12.82 34.63
CA ALA B 497 12.74 11.86 35.73
C ALA B 497 11.47 11.02 35.77
N ARG B 498 10.35 11.56 35.31
CA ARG B 498 9.10 10.83 35.36
C ARG B 498 9.02 9.75 34.29
N THR B 499 9.48 10.04 33.07
CA THR B 499 9.49 9.04 32.02
C THR B 499 10.59 8.01 32.19
N LEU B 500 11.51 8.22 33.14
CA LEU B 500 12.45 7.18 33.50
C LEU B 500 11.96 6.35 34.68
N ARG B 501 11.16 6.93 35.57
CA ARG B 501 10.58 6.16 36.67
C ARG B 501 9.49 5.24 36.17
N ARG B 502 8.81 5.62 35.09
CA ARG B 502 7.83 4.76 34.45
C ARG B 502 8.48 3.54 33.84
N LEU B 503 9.72 3.66 33.36
CA LEU B 503 10.39 2.49 32.78
C LEU B 503 11.15 1.70 33.81
N ARG B 504 11.37 2.25 35.00
CA ARG B 504 11.84 1.43 36.11
C ARG B 504 10.68 0.68 36.76
N ALA B 505 9.47 1.21 36.69
CA ALA B 505 8.34 0.55 37.30
C ALA B 505 7.92 -0.70 36.53
N VAL B 506 8.14 -0.70 35.22
CA VAL B 506 7.79 -1.87 34.42
C VAL B 506 8.85 -2.96 34.58
N LEU B 507 10.12 -2.58 34.50
CA LEU B 507 11.18 -3.58 34.50
C LEU B 507 11.54 -4.05 35.90
N THR B 508 10.99 -3.43 36.94
CA THR B 508 11.14 -4.01 38.27
C THR B 508 9.98 -4.95 38.60
N ALA B 509 8.79 -4.67 38.06
CA ALA B 509 7.66 -5.57 38.26
C ALA B 509 7.83 -6.87 37.50
N ALA B 510 8.30 -6.82 36.26
CA ALA B 510 8.47 -8.02 35.47
C ALA B 510 9.70 -8.83 35.87
N ARG B 511 10.73 -8.19 36.39
CA ARG B 511 11.92 -8.94 36.80
C ARG B 511 11.80 -9.49 38.21
N ARG B 512 10.84 -9.01 39.00
CA ARG B 512 10.57 -9.61 40.30
C ARG B 512 9.58 -10.77 40.18
N SER B 513 9.19 -11.14 38.97
CA SER B 513 8.19 -12.16 38.77
C SER B 513 8.61 -13.14 37.67
N PRO B 520 4.17 -17.77 33.38
CA PRO B 520 4.58 -16.70 32.47
C PRO B 520 3.41 -15.84 32.04
N ARG B 521 2.18 -16.31 32.31
CA ARG B 521 1.01 -15.49 32.05
C ARG B 521 0.69 -14.59 33.22
N TYR B 522 1.44 -14.72 34.33
CA TYR B 522 1.27 -13.86 35.49
C TYR B 522 2.27 -12.72 35.51
N THR B 523 3.38 -12.82 34.79
CA THR B 523 4.29 -11.69 34.65
C THR B 523 3.76 -10.69 33.62
N LEU B 524 3.28 -11.20 32.48
CA LEU B 524 2.82 -10.34 31.39
C LEU B 524 1.62 -9.51 31.79
N TRP B 525 0.79 -10.00 32.72
CA TRP B 525 -0.23 -9.12 33.24
C TRP B 525 0.36 -8.08 34.19
N GLN B 526 1.40 -8.45 34.93
CA GLN B 526 1.98 -7.54 35.91
C GLN B 526 2.79 -6.43 35.23
N ALA B 527 3.23 -6.64 34.00
CA ALA B 527 3.83 -5.56 33.24
C ALA B 527 2.77 -4.59 32.74
N TRP B 528 1.64 -5.10 32.26
CA TRP B 528 0.49 -4.30 31.84
C TRP B 528 -0.11 -3.49 32.98
N HIS B 529 0.09 -3.91 34.22
CA HIS B 529 -0.34 -3.14 35.37
C HIS B 529 0.60 -1.98 35.69
N ALA B 530 1.91 -2.17 35.50
CA ALA B 530 2.86 -1.15 35.92
C ALA B 530 2.91 0.00 34.91
N SER B 531 3.01 -0.31 33.63
CA SER B 531 2.89 0.69 32.58
C SER B 531 1.43 1.09 32.48
N GLY B 532 1.05 2.04 33.33
CA GLY B 532 -0.37 2.28 33.46
C GLY B 532 -0.90 3.06 32.30
N LEU B 533 -1.49 2.32 31.36
CA LEU B 533 -2.01 2.90 30.15
C LEU B 533 -3.30 2.23 29.71
N GLN B 534 -3.81 1.27 30.46
CA GLN B 534 -5.21 0.88 30.32
C GLN B 534 -6.14 1.95 30.85
N ARG B 535 -5.68 2.75 31.82
CA ARG B 535 -6.46 3.89 32.28
C ARG B 535 -6.41 5.03 31.28
N ARG B 536 -5.24 5.27 30.68
CA ARG B 536 -5.04 6.40 29.78
C ARG B 536 -5.73 6.16 28.43
N TRP B 537 -5.85 4.90 28.02
CA TRP B 537 -6.50 4.58 26.76
C TRP B 537 -8.01 4.48 26.88
N LEU B 538 -8.55 4.37 28.09
CA LEU B 538 -10.01 4.40 28.23
C LEU B 538 -10.52 5.83 28.30
N ALA B 539 -9.78 6.71 28.97
CA ALA B 539 -10.21 8.10 29.08
C ALA B 539 -10.07 8.83 27.75
N ALA B 540 -9.08 8.47 26.95
CA ALA B 540 -8.87 9.11 25.66
C ALA B 540 -9.68 8.46 24.54
N SER B 541 -10.35 7.35 24.81
CA SER B 541 -11.22 6.72 23.83
C SER B 541 -12.60 7.39 23.80
N VAL B 547 -7.61 10.74 17.68
CA VAL B 547 -6.74 10.06 18.63
C VAL B 547 -7.58 9.08 19.45
N GLY B 548 -8.89 9.28 19.45
CA GLY B 548 -9.78 8.38 20.17
C GLY B 548 -10.05 7.06 19.47
N ALA B 549 -9.61 6.93 18.22
CA ALA B 549 -9.74 5.67 17.51
C ALA B 549 -8.55 4.77 17.76
N GLN B 550 -7.36 5.36 17.94
CA GLN B 550 -6.15 4.57 18.11
C GLN B 550 -6.13 3.90 19.48
N ALA B 551 -6.77 4.50 20.48
CA ALA B 551 -6.94 3.81 21.74
C ALA B 551 -7.89 2.63 21.60
N ASP B 552 -8.88 2.73 20.73
CA ASP B 552 -9.78 1.60 20.49
C ASP B 552 -9.22 0.65 19.45
N ARG B 553 -8.14 1.03 18.77
CA ARG B 553 -7.45 0.08 17.92
C ARG B 553 -6.35 -0.64 18.69
N ASP B 554 -5.81 -0.01 19.72
CA ASP B 554 -4.77 -0.64 20.53
C ASP B 554 -5.35 -1.53 21.63
N LEU B 555 -6.43 -1.10 22.27
CA LEU B 555 -7.11 -1.95 23.25
C LEU B 555 -7.77 -3.17 22.60
N ASP B 556 -8.18 -3.06 21.35
CA ASP B 556 -8.64 -4.22 20.59
C ASP B 556 -7.51 -5.01 19.96
N ALA B 557 -6.28 -4.81 20.41
CA ALA B 557 -5.10 -5.52 19.94
C ALA B 557 -4.27 -6.13 21.06
N VAL B 558 -4.24 -5.48 22.23
CA VAL B 558 -3.58 -6.08 23.37
C VAL B 558 -4.40 -7.26 23.90
N THR B 559 -5.73 -7.19 23.77
CA THR B 559 -6.56 -8.33 24.14
C THR B 559 -6.45 -9.50 23.17
N THR B 560 -5.74 -9.33 22.06
CA THR B 560 -5.33 -10.47 21.26
C THR B 560 -3.96 -11.01 21.65
N LEU B 561 -3.19 -10.31 22.48
CA LEU B 561 -2.07 -10.97 23.13
C LEU B 561 -2.56 -11.89 24.24
N PHE B 562 -3.35 -11.35 25.17
CA PHE B 562 -3.88 -12.12 26.30
C PHE B 562 -4.78 -13.29 25.89
N ASP B 563 -5.22 -13.33 24.64
CA ASP B 563 -5.88 -14.53 24.12
C ASP B 563 -4.86 -15.51 23.55
N VAL B 564 -3.88 -15.01 22.80
CA VAL B 564 -2.88 -15.88 22.19
C VAL B 564 -1.86 -16.33 23.22
N ALA B 565 -1.54 -15.49 24.20
CA ALA B 565 -0.60 -15.90 25.22
C ALA B 565 -1.21 -16.92 26.18
N ASP B 566 -2.53 -16.94 26.33
CA ASP B 566 -3.17 -18.01 27.10
C ASP B 566 -3.15 -19.32 26.34
N GLN B 567 -3.27 -19.28 25.01
CA GLN B 567 -3.31 -20.49 24.19
C GLN B 567 -1.97 -21.21 24.13
N TYR B 568 -0.88 -20.57 24.53
CA TYR B 568 0.42 -21.24 24.59
C TYR B 568 0.74 -21.73 25.99
N VAL B 569 0.17 -21.10 27.03
CA VAL B 569 0.36 -21.52 28.41
C VAL B 569 -0.37 -22.83 28.70
N ASN B 570 -1.59 -23.01 28.18
CA ASN B 570 -2.35 -24.23 28.44
C ASN B 570 -1.70 -25.45 27.80
N ARG B 571 -0.94 -25.24 26.72
CA ARG B 571 -0.14 -26.29 26.14
C ARG B 571 1.26 -26.27 26.75
N LEU B 577 9.50 -18.24 29.95
CA LEU B 577 8.70 -17.38 29.09
C LEU B 577 9.40 -17.08 27.78
N ARG B 578 10.51 -17.79 27.52
CA ARG B 578 11.17 -17.69 26.23
C ARG B 578 10.39 -18.40 25.13
N GLY B 579 9.40 -19.22 25.49
CA GLY B 579 8.48 -19.77 24.52
C GLY B 579 7.32 -18.86 24.20
N LEU B 580 7.01 -17.90 25.08
CA LEU B 580 6.02 -16.87 24.75
C LEU B 580 6.49 -16.01 23.60
N VAL B 581 7.70 -15.48 23.68
CA VAL B 581 8.23 -14.62 22.63
C VAL B 581 8.49 -15.42 21.36
N ASP B 582 8.89 -16.69 21.52
CA ASP B 582 9.17 -17.53 20.37
C ASP B 582 7.93 -17.91 19.57
N HIS B 583 6.77 -18.01 20.22
CA HIS B 583 5.57 -18.40 19.50
C HIS B 583 4.83 -17.21 18.89
N VAL B 584 4.75 -16.11 19.62
CA VAL B 584 4.00 -14.93 19.16
C VAL B 584 4.71 -14.27 17.98
N THR B 585 6.03 -14.42 17.89
CA THR B 585 6.79 -13.86 16.77
C THR B 585 6.45 -14.56 15.46
N ARG B 586 6.16 -15.85 15.50
CA ARG B 586 5.82 -16.57 14.26
C ARG B 586 4.36 -16.38 13.89
N LEU B 587 3.53 -15.98 14.84
CA LEU B 587 2.10 -15.82 14.60
C LEU B 587 1.81 -14.60 13.73
N ALA B 600 -21.58 -0.56 15.20
CA ALA B 600 -22.14 0.68 15.74
C ALA B 600 -22.88 1.45 14.64
N GLU B 601 -22.49 2.71 14.44
CA GLU B 601 -23.09 3.59 13.45
C GLU B 601 -22.04 3.95 12.42
N ALA B 602 -21.85 3.07 11.44
CA ALA B 602 -20.85 3.27 10.40
C ALA B 602 -21.31 2.63 9.11
N VAL B 603 -20.59 2.92 8.03
CA VAL B 603 -20.92 2.39 6.72
C VAL B 603 -20.15 1.10 6.48
N ALA B 604 -20.87 -0.01 6.44
CA ALA B 604 -20.22 -1.31 6.31
C ALA B 604 -19.78 -1.51 4.87
N VAL B 605 -18.47 -1.55 4.64
CA VAL B 605 -17.91 -1.94 3.36
C VAL B 605 -17.48 -3.40 3.42
N LEU B 606 -18.06 -4.22 2.56
CA LEU B 606 -17.91 -5.67 2.63
C LEU B 606 -18.19 -6.29 1.28
N SER B 607 -17.72 -7.53 1.10
CA SER B 607 -17.82 -8.20 -0.19
C SER B 607 -19.21 -8.82 -0.37
N VAL B 608 -19.38 -9.56 -1.47
CA VAL B 608 -20.71 -10.08 -1.79
C VAL B 608 -21.08 -11.24 -0.89
N HIS B 609 -20.12 -12.06 -0.48
CA HIS B 609 -20.46 -13.23 0.31
C HIS B 609 -20.70 -12.88 1.77
N GLY B 610 -20.22 -11.72 2.20
CA GLY B 610 -20.57 -11.20 3.51
C GLY B 610 -21.85 -10.41 3.52
N ALA B 611 -22.33 -10.00 2.35
CA ALA B 611 -23.56 -9.24 2.24
C ALA B 611 -24.74 -10.14 1.99
N LEU B 612 -24.91 -11.19 2.78
CA LEU B 612 -26.09 -12.03 2.65
C LEU B 612 -26.81 -12.15 3.98
N ALA B 613 -26.61 -11.17 4.85
CA ALA B 613 -27.28 -11.13 6.15
C ALA B 613 -27.85 -9.77 6.52
N GLY B 614 -27.36 -8.68 5.97
CA GLY B 614 -27.84 -7.36 6.35
C GLY B 614 -29.15 -6.98 5.70
N GLU B 615 -29.63 -5.79 6.07
CA GLU B 615 -30.89 -5.27 5.52
C GLU B 615 -30.64 -4.00 4.72
N TRP B 616 -30.10 -2.93 5.32
CA TRP B 616 -29.49 -1.81 4.61
C TRP B 616 -30.36 -1.02 3.62
N ASP B 617 -31.14 -0.05 4.10
CA ASP B 617 -31.95 0.89 3.30
C ASP B 617 -31.29 1.42 2.02
N PHE B 618 -29.97 1.57 1.97
CA PHE B 618 -29.29 2.13 0.83
C PHE B 618 -28.06 1.28 0.52
N VAL B 619 -27.96 0.77 -0.69
CA VAL B 619 -26.89 -0.16 -1.07
C VAL B 619 -26.20 0.36 -2.32
N VAL B 620 -24.87 0.55 -2.23
CA VAL B 620 -24.05 0.94 -3.37
C VAL B 620 -23.23 -0.27 -3.80
N ILE B 621 -23.33 -0.64 -5.07
CA ILE B 621 -22.55 -1.73 -5.62
C ILE B 621 -21.42 -1.09 -6.43
N ALA B 622 -20.25 -0.97 -5.82
CA ALA B 622 -19.13 -0.29 -6.43
C ALA B 622 -18.24 -1.29 -7.15
N GLY B 623 -17.79 -0.91 -8.35
CA GLY B 623 -16.81 -1.72 -9.04
C GLY B 623 -17.37 -2.89 -9.81
N VAL B 624 -18.30 -2.64 -10.72
CA VAL B 624 -18.76 -3.63 -11.68
C VAL B 624 -18.13 -3.37 -13.04
N GLN B 625 -16.95 -3.93 -13.28
CA GLN B 625 -16.27 -3.62 -14.53
C GLN B 625 -15.63 -4.88 -15.09
N GLU B 626 -14.93 -4.71 -16.21
CA GLU B 626 -14.67 -5.78 -17.17
C GLU B 626 -13.86 -6.95 -16.63
N GLY B 627 -12.66 -6.70 -16.11
CA GLY B 627 -11.86 -7.80 -15.60
C GLY B 627 -12.26 -8.21 -14.19
N LEU B 628 -13.17 -7.47 -13.56
CA LEU B 628 -13.42 -7.68 -12.15
C LEU B 628 -14.71 -8.43 -11.89
N TRP B 629 -15.87 -7.92 -12.33
CA TRP B 629 -17.06 -8.63 -11.90
C TRP B 629 -17.32 -9.86 -12.78
N PRO B 630 -17.45 -9.80 -14.14
CA PRO B 630 -17.47 -11.07 -14.88
C PRO B 630 -16.05 -11.63 -14.87
N ASN B 631 -15.83 -12.60 -14.00
CA ASN B 631 -14.47 -12.87 -13.53
C ASN B 631 -13.73 -13.69 -14.56
N MET B 632 -12.76 -13.07 -15.24
CA MET B 632 -12.00 -13.72 -16.29
C MET B 632 -10.64 -14.21 -15.83
N ILE B 633 -10.45 -14.41 -14.53
CA ILE B 633 -9.27 -15.12 -14.03
C ILE B 633 -9.51 -16.60 -14.33
N PRO B 634 -8.65 -17.24 -15.11
CA PRO B 634 -8.90 -18.64 -15.48
C PRO B 634 -8.72 -19.59 -14.30
N ARG B 635 -9.58 -20.60 -14.26
CA ARG B 635 -9.64 -21.55 -13.17
C ARG B 635 -8.74 -22.76 -13.40
N GLY B 636 -7.73 -22.63 -14.26
CA GLY B 636 -6.82 -23.73 -14.48
C GLY B 636 -5.84 -23.88 -13.33
N GLY B 637 -5.20 -25.05 -13.30
CA GLY B 637 -4.17 -25.33 -12.33
C GLY B 637 -3.28 -26.46 -12.79
N VAL B 638 -2.57 -27.10 -11.87
CA VAL B 638 -1.71 -28.23 -12.23
C VAL B 638 -2.46 -29.55 -12.09
N LEU B 639 -3.10 -29.78 -10.96
CA LEU B 639 -3.75 -31.07 -10.73
C LEU B 639 -5.09 -31.19 -11.43
N GLY B 640 -5.60 -30.10 -12.00
CA GLY B 640 -6.90 -30.15 -12.63
C GLY B 640 -8.02 -30.23 -11.63
N THR B 641 -8.01 -29.36 -10.63
CA THR B 641 -9.04 -29.38 -9.60
C THR B 641 -10.38 -28.92 -10.15
N GLN B 642 -10.37 -27.85 -10.96
CA GLN B 642 -11.62 -27.33 -11.52
C GLN B 642 -12.16 -28.22 -12.63
N HIS B 643 -11.35 -29.16 -13.11
CA HIS B 643 -11.86 -30.14 -14.06
C HIS B 643 -12.38 -31.39 -13.37
N LEU B 644 -11.81 -31.73 -12.21
CA LEU B 644 -12.35 -32.87 -11.47
C LEU B 644 -13.70 -32.52 -10.87
N VAL B 645 -13.88 -31.28 -10.44
CA VAL B 645 -15.05 -30.89 -9.67
C VAL B 645 -16.30 -30.76 -10.52
N ASP B 646 -16.16 -30.82 -11.85
CA ASP B 646 -17.34 -30.83 -12.72
C ASP B 646 -17.37 -32.03 -13.67
N VAL B 647 -16.62 -33.08 -13.35
CA VAL B 647 -16.88 -34.41 -13.86
C VAL B 647 -17.47 -35.29 -12.77
N LEU B 648 -16.92 -35.15 -11.56
CA LEU B 648 -17.35 -35.89 -10.40
C LEU B 648 -18.67 -35.35 -9.85
N ASP B 649 -18.84 -34.03 -9.83
CA ASP B 649 -20.10 -33.43 -9.38
C ASP B 649 -20.94 -33.06 -10.59
N GLY B 650 -21.53 -34.08 -11.19
CA GLY B 650 -22.45 -33.88 -12.29
C GLY B 650 -21.78 -34.02 -13.63
N VAL B 651 -22.59 -34.06 -14.68
CA VAL B 651 -22.07 -34.15 -16.05
C VAL B 651 -21.88 -32.79 -16.68
N ALA B 652 -21.49 -31.78 -15.90
CA ALA B 652 -21.19 -30.43 -16.40
C ALA B 652 -20.08 -30.44 -17.45
N ASP B 653 -19.17 -31.40 -17.37
CA ASP B 653 -18.22 -31.66 -18.43
C ASP B 653 -17.96 -33.15 -18.52
N MET B 654 -17.68 -33.63 -19.74
CA MET B 654 -17.36 -35.03 -19.97
C MET B 654 -15.86 -35.24 -19.72
N THR B 655 -15.32 -36.37 -20.19
CA THR B 655 -13.90 -36.64 -20.06
C THR B 655 -13.15 -35.97 -21.22
N ASP B 656 -13.27 -34.64 -21.24
CA ASP B 656 -12.57 -33.75 -22.20
C ASP B 656 -12.17 -32.47 -21.47
N ARG B 657 -10.89 -32.11 -21.46
CA ARG B 657 -10.45 -30.87 -20.76
C ARG B 657 -10.52 -29.67 -21.72
N THR B 658 -11.72 -29.30 -22.16
CA THR B 658 -11.88 -28.16 -23.10
C THR B 658 -12.33 -26.90 -22.35
N VAL B 659 -13.42 -27.00 -21.58
CA VAL B 659 -13.97 -25.85 -20.81
C VAL B 659 -13.58 -25.99 -19.34
N SER B 660 -12.75 -26.98 -19.02
CA SER B 660 -12.32 -27.27 -17.62
C SER B 660 -11.58 -26.07 -17.03
N THR B 661 -10.71 -25.42 -17.81
CA THR B 661 -9.91 -24.28 -17.28
C THR B 661 -10.07 -23.05 -18.19
N ARG B 662 -11.22 -22.37 -18.07
CA ARG B 662 -11.49 -21.14 -18.87
C ARG B 662 -11.57 -19.93 -17.93
N ALA B 663 -12.77 -19.64 -17.42
CA ALA B 663 -13.02 -18.50 -16.51
C ALA B 663 -14.28 -18.77 -15.67
N PRO B 664 -14.57 -17.99 -14.61
CA PRO B 664 -15.79 -18.26 -13.83
C PRO B 664 -17.00 -18.11 -14.78
N LEU B 665 -17.96 -19.04 -14.71
CA LEU B 665 -19.08 -19.03 -15.62
C LEU B 665 -19.88 -17.75 -15.46
N VAL B 666 -20.30 -17.18 -16.60
CA VAL B 666 -20.96 -15.87 -16.60
C VAL B 666 -22.36 -15.98 -16.04
N ALA B 667 -23.10 -17.02 -16.41
CA ALA B 667 -24.45 -17.21 -15.91
C ALA B 667 -24.48 -17.52 -14.43
N GLU B 668 -23.40 -18.04 -13.85
CA GLU B 668 -23.33 -18.21 -12.41
C GLU B 668 -22.70 -17.03 -11.72
N GLU B 669 -22.23 -16.06 -12.48
CA GLU B 669 -21.69 -14.81 -11.93
C GLU B 669 -22.75 -13.72 -11.93
N ARG B 670 -23.77 -13.85 -12.79
CA ARG B 670 -24.93 -12.98 -12.76
C ARG B 670 -25.75 -13.15 -11.49
N ARG B 671 -25.71 -14.33 -10.85
CA ARG B 671 -26.44 -14.54 -9.61
C ARG B 671 -25.92 -13.69 -8.47
N LEU B 672 -24.66 -13.25 -8.52
CA LEU B 672 -24.15 -12.42 -7.44
C LEU B 672 -24.65 -11.00 -7.55
N LEU B 673 -24.69 -10.44 -8.75
CA LEU B 673 -25.22 -9.09 -8.92
C LEU B 673 -26.72 -9.06 -8.82
N MET B 674 -27.38 -10.18 -9.07
CA MET B 674 -28.83 -10.29 -8.93
C MET B 674 -29.24 -10.42 -7.47
N ALA B 675 -28.36 -10.94 -6.63
CA ALA B 675 -28.66 -11.14 -5.22
C ALA B 675 -28.01 -10.12 -4.31
N ALA B 676 -27.14 -9.27 -4.84
CA ALA B 676 -26.64 -8.16 -4.05
C ALA B 676 -27.57 -6.97 -4.11
N MET B 677 -28.30 -6.82 -5.22
CA MET B 677 -29.38 -5.85 -5.30
C MET B 677 -30.60 -6.26 -4.49
N GLY B 678 -30.67 -7.50 -4.05
CA GLY B 678 -31.80 -8.01 -3.29
C GLY B 678 -31.77 -7.69 -1.83
N ARG B 679 -30.92 -6.77 -1.38
CA ARG B 679 -30.86 -6.36 0.00
C ARG B 679 -31.47 -5.01 0.27
N ALA B 680 -31.21 -4.03 -0.59
CA ALA B 680 -31.71 -2.67 -0.40
C ALA B 680 -33.22 -2.62 -0.46
N ARG B 681 -33.83 -2.08 0.59
CA ARG B 681 -35.27 -1.95 0.60
C ARG B 681 -35.77 -0.62 0.07
N THR B 682 -34.89 0.35 -0.16
CA THR B 682 -35.31 1.61 -0.78
C THR B 682 -34.60 1.90 -2.09
N ARG B 683 -33.27 1.93 -2.15
CA ARG B 683 -32.65 2.37 -3.39
C ARG B 683 -31.27 1.77 -3.57
N VAL B 684 -30.86 1.69 -4.84
CA VAL B 684 -29.64 1.00 -5.28
C VAL B 684 -28.89 1.94 -6.21
N MET B 685 -27.58 2.07 -5.99
CA MET B 685 -26.70 2.80 -6.91
C MET B 685 -25.60 1.87 -7.39
N ILE B 686 -25.41 1.83 -8.71
CA ILE B 686 -24.43 0.97 -9.34
C ILE B 686 -23.39 1.84 -10.03
N THR B 687 -22.12 1.60 -9.74
CA THR B 687 -21.05 2.50 -10.12
C THR B 687 -19.93 1.75 -10.80
N ALA B 688 -19.45 2.28 -11.92
CA ALA B 688 -18.28 1.72 -12.61
C ALA B 688 -17.60 2.85 -13.37
N VAL B 689 -16.29 2.73 -13.56
CA VAL B 689 -15.50 3.81 -14.13
C VAL B 689 -15.29 3.51 -15.61
N ASP B 690 -15.07 4.55 -16.40
CA ASP B 690 -14.91 4.41 -17.84
C ASP B 690 -14.01 5.51 -18.37
N SER B 691 -12.73 5.22 -18.48
CA SER B 691 -11.74 6.22 -18.85
C SER B 691 -11.82 6.60 -20.32
N LEU B 698 -9.99 -0.64 -17.07
CA LEU B 698 -10.97 0.34 -16.63
C LEU B 698 -12.01 0.57 -17.71
N LEU B 699 -12.90 -0.37 -17.85
CA LEU B 699 -14.03 -0.38 -18.76
C LEU B 699 -15.20 -1.06 -18.10
N PRO B 700 -16.41 -0.52 -18.23
CA PRO B 700 -17.56 -1.09 -17.53
C PRO B 700 -17.96 -2.45 -18.10
N SER B 701 -18.39 -3.33 -17.19
CA SER B 701 -18.81 -4.67 -17.56
C SER B 701 -20.09 -4.61 -18.38
N PRO B 702 -20.45 -5.69 -19.08
CA PRO B 702 -21.76 -5.70 -19.76
C PRO B 702 -22.96 -5.77 -18.81
N PHE B 703 -22.75 -5.91 -17.50
CA PHE B 703 -23.89 -5.83 -16.59
C PHE B 703 -24.34 -4.39 -16.38
N CYS B 704 -23.49 -3.41 -16.66
CA CYS B 704 -23.88 -2.02 -16.55
C CYS B 704 -24.70 -1.55 -17.75
N ALA B 705 -24.60 -2.24 -18.89
CA ALA B 705 -25.42 -1.92 -20.04
C ALA B 705 -26.78 -2.60 -20.00
N GLU B 706 -26.96 -3.55 -19.10
CA GLU B 706 -28.24 -4.26 -18.98
C GLU B 706 -29.14 -3.67 -17.92
N ILE B 707 -28.57 -3.07 -16.87
CA ILE B 707 -29.38 -2.42 -15.85
C ILE B 707 -30.02 -1.15 -16.39
N SER B 708 -29.37 -0.48 -17.35
CA SER B 708 -29.82 0.84 -17.81
C SER B 708 -31.15 0.81 -18.56
N ALA B 709 -31.68 -0.38 -18.88
CA ALA B 709 -33.04 -0.46 -19.40
C ALA B 709 -34.05 -0.30 -18.27
N TRP B 710 -33.74 -0.84 -17.08
CA TRP B 710 -34.67 -0.80 -15.96
C TRP B 710 -34.33 0.28 -14.93
N ALA B 711 -33.38 1.16 -15.22
CA ALA B 711 -33.07 2.24 -14.29
C ALA B 711 -34.20 3.27 -14.25
N THR B 712 -34.14 4.16 -13.27
CA THR B 712 -35.13 5.22 -13.15
C THR B 712 -34.46 6.58 -13.35
N PRO B 718 -22.28 11.68 -20.56
CA PRO B 718 -20.83 11.50 -20.39
C PRO B 718 -20.48 11.26 -18.92
N PRO B 719 -19.37 10.57 -18.67
CA PRO B 719 -18.97 10.32 -17.28
C PRO B 719 -18.52 11.59 -16.58
N LEU B 720 -18.76 11.64 -15.27
CA LEU B 720 -18.28 12.75 -14.47
C LEU B 720 -16.76 12.71 -14.34
N VAL B 721 -16.15 13.88 -14.33
CA VAL B 721 -14.70 13.99 -14.23
C VAL B 721 -14.27 14.92 -13.09
N ALA B 722 -15.14 15.82 -12.64
CA ALA B 722 -14.87 16.66 -11.47
C ALA B 722 -16.16 16.77 -10.67
N PRO B 723 -16.43 15.84 -9.77
CA PRO B 723 -17.74 15.79 -9.12
C PRO B 723 -17.88 16.69 -7.91
N ARG B 724 -19.13 16.98 -7.59
CA ARG B 724 -19.51 17.83 -6.48
C ARG B 724 -19.45 17.06 -5.17
N VAL B 725 -19.08 17.73 -4.07
CA VAL B 725 -18.96 17.11 -2.75
C VAL B 725 -19.68 18.00 -1.75
N LEU B 726 -20.17 17.40 -0.65
CA LEU B 726 -20.59 18.14 0.53
C LEU B 726 -19.56 18.14 1.65
N ALA B 727 -18.30 18.16 1.33
CA ALA B 727 -17.32 18.31 2.39
C ALA B 727 -17.14 19.79 2.71
N PRO B 728 -16.90 20.14 3.98
CA PRO B 728 -16.78 21.57 4.31
C PRO B 728 -15.50 22.20 3.82
N SER B 729 -14.43 21.42 3.63
CA SER B 729 -13.25 21.92 2.94
C SER B 729 -13.40 21.91 1.43
N ALA B 730 -14.50 21.36 0.90
CA ALA B 730 -14.79 21.41 -0.52
C ALA B 730 -15.67 22.58 -0.89
N LEU B 731 -16.53 23.02 0.03
CA LEU B 731 -17.31 24.24 -0.19
C LEU B 731 -16.40 25.45 -0.21
N VAL B 732 -15.65 25.67 0.87
CA VAL B 732 -14.93 26.92 1.04
C VAL B 732 -13.75 27.04 0.10
N GLY B 733 -13.33 25.95 -0.54
CA GLY B 733 -12.35 26.08 -1.61
C GLY B 733 -12.96 26.69 -2.86
N ARG B 734 -14.15 26.22 -3.24
CA ARG B 734 -14.77 26.71 -4.46
C ARG B 734 -15.38 28.10 -4.26
N LEU B 735 -15.93 28.37 -3.08
CA LEU B 735 -16.49 29.68 -2.80
C LEU B 735 -15.41 30.77 -2.78
N ARG B 736 -14.17 30.42 -2.46
CA ARG B 736 -13.06 31.35 -2.59
C ARG B 736 -12.52 31.45 -4.00
N ALA B 737 -12.95 30.58 -4.89
CA ALA B 737 -12.41 30.59 -6.25
C ALA B 737 -13.30 31.32 -7.22
N VAL B 738 -14.56 31.57 -6.87
CA VAL B 738 -15.43 32.38 -7.70
C VAL B 738 -15.61 33.78 -7.16
N VAL B 739 -14.96 34.12 -6.05
CA VAL B 739 -14.94 35.51 -5.59
C VAL B 739 -13.59 36.17 -5.86
N CYS B 740 -12.52 35.39 -5.95
CA CYS B 740 -11.18 35.89 -6.23
C CYS B 740 -10.91 35.64 -7.71
N ALA B 741 -11.77 36.16 -8.57
CA ALA B 741 -11.74 35.84 -9.98
C ALA B 741 -11.79 37.12 -10.79
N PRO B 742 -11.10 37.19 -11.96
CA PRO B 742 -11.08 38.39 -12.78
C PRO B 742 -12.43 38.78 -13.37
N ALA B 745 -12.59 34.48 -15.69
CA ALA B 745 -13.21 35.80 -15.62
C ALA B 745 -14.69 35.71 -15.93
N VAL B 746 -15.50 35.33 -14.95
CA VAL B 746 -16.92 35.12 -15.15
C VAL B 746 -17.69 35.50 -13.89
N ASP B 747 -19.01 35.36 -14.00
CA ASP B 747 -19.98 35.44 -12.90
C ASP B 747 -20.01 36.79 -12.18
N ASP B 748 -20.44 37.84 -12.88
CA ASP B 748 -20.65 39.14 -12.25
C ASP B 748 -21.83 39.15 -11.29
N ASP B 749 -22.79 38.23 -11.44
CA ASP B 749 -23.95 38.18 -10.56
C ASP B 749 -23.75 37.13 -9.47
N ALA B 750 -23.03 36.05 -9.78
CA ALA B 750 -22.80 34.98 -8.82
C ALA B 750 -21.71 35.35 -7.83
N ARG B 751 -20.93 36.39 -8.13
CA ARG B 751 -19.91 36.87 -7.20
C ARG B 751 -20.54 37.45 -5.94
N ALA B 752 -21.74 37.99 -6.05
CA ALA B 752 -22.44 38.47 -4.88
C ALA B 752 -22.96 37.33 -4.01
N CYS B 753 -23.34 36.21 -4.63
CA CYS B 753 -23.84 35.07 -3.87
C CYS B 753 -22.70 34.31 -3.21
N ALA B 754 -21.49 34.38 -3.79
CA ALA B 754 -20.33 33.72 -3.22
C ALA B 754 -19.98 34.30 -1.86
N ALA B 755 -19.67 35.60 -1.82
CA ALA B 755 -19.27 36.25 -0.58
C ALA B 755 -20.39 36.35 0.44
N ALA B 756 -21.64 36.18 0.01
CA ALA B 756 -22.75 36.18 0.96
C ALA B 756 -22.78 34.90 1.78
N GLN B 757 -22.26 33.80 1.23
CA GLN B 757 -22.29 32.53 1.92
C GLN B 757 -21.03 32.26 2.73
N LEU B 758 -19.92 32.89 2.39
CA LEU B 758 -18.72 32.79 3.21
C LEU B 758 -18.88 33.49 4.55
N ALA B 759 -19.74 34.52 4.60
CA ALA B 759 -19.97 35.20 5.87
C ALA B 759 -20.78 34.36 6.82
N ARG B 760 -21.58 33.41 6.31
CA ARG B 760 -22.29 32.49 7.19
C ARG B 760 -21.40 31.34 7.62
N LEU B 761 -20.44 30.94 6.79
CA LEU B 761 -19.48 29.93 7.20
C LEU B 761 -18.48 30.48 8.21
N ALA B 762 -18.02 31.71 8.01
CA ALA B 762 -17.02 32.29 8.90
C ALA B 762 -17.56 32.66 10.27
N ALA B 763 -18.88 32.79 10.40
CA ALA B 763 -19.44 33.18 11.69
C ALA B 763 -19.56 32.00 12.65
N ALA B 764 -19.55 30.77 12.15
CA ALA B 764 -19.71 29.61 13.00
C ALA B 764 -18.45 28.74 13.10
N GLY B 765 -17.37 29.12 12.43
CA GLY B 765 -16.18 28.28 12.40
C GLY B 765 -15.76 28.03 10.98
N VAL B 766 -15.64 26.74 10.60
CA VAL B 766 -15.28 26.26 9.27
C VAL B 766 -13.95 26.87 8.83
N PRO B 767 -12.82 26.32 9.28
CA PRO B 767 -11.51 26.97 9.04
C PRO B 767 -11.17 27.07 7.56
N GLY B 768 -10.67 28.24 7.17
CA GLY B 768 -10.47 28.59 5.78
C GLY B 768 -11.40 29.68 5.29
N ALA B 769 -12.45 30.00 6.05
CA ALA B 769 -13.48 30.89 5.57
C ALA B 769 -13.11 32.37 5.65
N ASP B 770 -12.80 32.84 6.85
CA ASP B 770 -12.59 34.27 7.08
C ASP B 770 -11.32 34.74 6.37
N PRO B 771 -11.27 36.01 5.94
CA PRO B 771 -10.05 36.50 5.25
C PRO B 771 -8.84 36.64 6.14
N SER B 772 -8.95 36.42 7.45
CA SER B 772 -7.78 36.28 8.29
C SER B 772 -7.07 34.95 8.10
N GLN B 773 -7.78 33.92 7.62
CA GLN B 773 -7.25 32.57 7.52
C GLN B 773 -6.60 32.27 6.18
N TRP B 774 -6.63 33.20 5.23
CA TRP B 774 -6.16 32.90 3.88
C TRP B 774 -4.64 33.03 3.84
N HIS B 775 -3.98 32.07 3.19
CA HIS B 775 -2.52 32.09 3.22
C HIS B 775 -1.90 33.16 2.35
N ALA B 776 -2.64 33.70 1.38
CA ALA B 776 -2.12 34.78 0.57
C ALA B 776 -2.26 36.13 1.25
N MET B 777 -3.02 36.21 2.34
CA MET B 777 -3.32 37.47 2.99
C MET B 777 -2.45 37.76 4.21
N THR B 778 -1.54 36.87 4.57
CA THR B 778 -0.75 37.11 5.76
C THR B 778 0.33 38.14 5.49
N SER B 779 0.80 38.76 6.56
CA SER B 779 1.76 39.84 6.52
C SER B 779 3.07 39.40 7.16
N LEU B 780 4.15 40.05 6.75
CA LEU B 780 5.47 39.75 7.30
C LEU B 780 5.53 40.12 8.77
N THR B 781 6.40 39.44 9.49
CA THR B 781 6.53 39.70 10.92
C THR B 781 7.21 41.04 11.17
N THR B 782 8.48 41.15 10.79
CA THR B 782 9.20 42.41 11.16
C THR B 782 9.60 43.27 9.95
N GLU B 783 10.30 42.70 8.96
CA GLU B 783 10.78 43.52 7.82
C GLU B 783 11.72 44.60 8.37
N GLU B 784 12.51 44.22 9.38
CA GLU B 784 13.48 45.13 10.09
C GLU B 784 14.78 45.27 9.28
N PRO B 785 15.68 46.20 9.67
CA PRO B 785 16.95 46.42 8.97
C PRO B 785 18.12 45.61 9.56
N LEU B 786 17.84 44.41 10.06
CA LEU B 786 18.88 43.49 10.62
C LEU B 786 19.66 44.18 11.75
N TRP B 787 20.99 44.22 11.64
CA TRP B 787 21.89 44.81 12.68
C TRP B 787 21.61 46.30 12.91
N SER B 788 21.33 47.06 11.85
CA SER B 788 21.05 48.51 11.97
C SER B 788 22.21 49.23 12.67
N GLU B 789 21.90 50.03 13.68
CA GLU B 789 22.93 50.78 14.45
C GLU B 789 23.84 51.55 13.48
N HIS B 792 29.38 50.49 14.20
CA HIS B 792 29.24 49.04 14.12
C HIS B 792 30.26 48.46 13.15
N VAL B 793 30.77 47.28 13.49
CA VAL B 793 31.76 46.58 12.69
C VAL B 793 31.24 45.17 12.42
N VAL B 794 30.93 44.88 11.15
CA VAL B 794 30.53 43.53 10.78
C VAL B 794 31.78 42.66 10.81
N THR B 795 31.61 41.35 11.00
CA THR B 795 32.74 40.45 11.04
C THR B 795 32.56 39.36 9.99
N LEU B 796 33.65 38.99 9.33
CA LEU B 796 33.64 38.05 8.22
C LEU B 796 34.78 37.07 8.37
N SER B 797 34.60 35.90 7.82
CA SER B 797 35.67 34.94 7.68
C SER B 797 35.95 34.73 6.19
N PRO B 798 37.19 34.42 5.81
CA PRO B 798 37.52 34.30 4.37
C PRO B 798 36.85 33.15 3.64
N SER B 799 36.15 32.25 4.33
CA SER B 799 35.42 31.21 3.65
C SER B 799 33.98 31.58 3.35
N THR B 800 33.46 32.66 3.95
CA THR B 800 32.15 33.18 3.60
C THR B 800 32.22 34.29 2.55
N LEU B 801 33.38 34.92 2.37
CA LEU B 801 33.48 36.06 1.47
C LEU B 801 33.31 35.65 0.01
N GLN B 802 33.73 34.42 -0.31
CA GLN B 802 33.50 33.90 -1.67
C GLN B 802 31.99 33.70 -1.84
N MET B 803 31.37 33.11 -0.80
CA MET B 803 29.91 32.80 -0.74
C MET B 803 29.06 34.08 -0.68
N LEU B 804 29.46 35.06 0.13
CA LEU B 804 28.66 36.30 0.31
C LEU B 804 28.57 37.06 -1.02
N THR B 805 29.68 37.19 -1.74
CA THR B 805 29.71 37.90 -3.04
C THR B 805 28.86 37.15 -4.06
N ASP B 806 28.92 35.81 -4.05
CA ASP B 806 28.24 34.98 -5.03
C ASP B 806 26.73 35.21 -4.98
N CYS B 807 26.12 34.95 -3.84
CA CYS B 807 24.68 35.23 -3.68
C CYS B 807 24.36 35.57 -2.25
N PRO B 808 23.90 36.80 -1.97
CA PRO B 808 23.70 37.18 -0.56
C PRO B 808 22.46 36.58 0.08
N LEU B 809 21.61 35.86 -0.66
CA LEU B 809 20.54 35.13 0.01
C LEU B 809 21.04 33.81 0.56
N ARG B 810 21.99 33.18 -0.13
CA ARG B 810 22.54 31.92 0.36
C ARG B 810 23.35 32.14 1.61
N TRP B 811 23.93 33.33 1.77
CA TRP B 811 24.60 33.65 3.01
C TRP B 811 23.62 33.74 4.17
N LEU B 812 22.41 34.24 3.92
CA LEU B 812 21.47 34.45 5.01
C LEU B 812 20.83 33.13 5.45
N LEU B 813 20.49 32.26 4.52
CA LEU B 813 19.75 31.07 4.88
C LEU B 813 20.60 29.84 5.11
N GLU B 814 21.74 29.71 4.43
CA GLU B 814 22.54 28.51 4.62
C GLU B 814 23.52 28.66 5.77
N ARG B 815 23.87 29.89 6.14
CA ARG B 815 24.79 30.03 7.26
C ARG B 815 24.05 30.00 8.58
N HIS B 816 22.95 30.76 8.66
CA HIS B 816 22.15 30.81 9.89
C HIS B 816 21.46 29.46 10.09
N GLY B 817 20.37 29.16 9.39
CA GLY B 817 19.63 27.97 9.77
C GLY B 817 19.76 26.81 8.82
N GLY B 818 19.55 27.05 7.53
CA GLY B 818 19.16 25.97 6.64
C GLY B 818 20.31 25.21 6.04
N ASP B 819 20.65 24.09 6.66
CA ASP B 819 21.87 23.37 6.37
C ASP B 819 21.59 21.91 6.69
N ASP B 820 21.48 21.07 5.66
CA ASP B 820 20.70 19.83 5.76
C ASP B 820 21.43 18.74 6.54
N GLY B 821 22.56 19.05 7.17
CA GLY B 821 23.25 18.08 8.00
C GLY B 821 24.74 18.29 7.95
N ASP B 823 27.86 15.44 7.00
CA ASP B 823 28.08 14.28 6.15
C ASP B 823 29.27 13.47 6.63
N VAL B 824 29.66 12.46 5.85
CA VAL B 824 30.83 11.66 6.17
C VAL B 824 32.03 12.07 5.33
N ARG B 825 31.83 12.93 4.35
CA ARG B 825 32.91 13.34 3.46
C ARG B 825 33.51 14.68 3.83
N SER B 826 32.86 15.44 4.70
CA SER B 826 33.40 16.74 5.08
C SER B 826 34.18 16.67 6.38
N THR B 827 33.93 15.66 7.20
CA THR B 827 34.70 15.51 8.43
C THR B 827 35.97 14.72 8.22
N VAL B 828 36.05 13.93 7.16
CA VAL B 828 37.31 13.33 6.78
C VAL B 828 38.26 14.38 6.24
N GLY B 829 37.72 15.37 5.52
CA GLY B 829 38.51 16.47 5.02
C GLY B 829 39.12 17.35 6.08
N SER B 830 38.53 17.37 7.28
CA SER B 830 39.12 18.08 8.41
C SER B 830 39.98 17.17 9.27
N LEU B 831 39.83 15.85 9.13
CA LEU B 831 40.76 14.93 9.79
C LEU B 831 42.10 14.89 9.07
N VAL B 832 42.12 15.26 7.78
CA VAL B 832 43.39 15.37 7.08
C VAL B 832 44.12 16.63 7.49
N HIS B 833 43.41 17.75 7.60
CA HIS B 833 44.01 19.01 8.06
C HIS B 833 44.55 18.94 9.48
N ALA B 834 44.06 18.03 10.31
CA ALA B 834 44.59 17.91 11.65
C ALA B 834 45.91 17.17 11.66
N LEU B 835 46.03 16.14 10.81
CA LEU B 835 47.26 15.35 10.75
C LEU B 835 48.38 16.09 10.05
N VAL B 836 48.06 16.76 8.95
CA VAL B 836 49.01 17.52 8.16
C VAL B 836 49.62 18.67 8.95
N SER B 837 48.84 19.29 9.86
CA SER B 837 49.37 20.43 10.61
C SER B 837 50.26 20.01 11.75
N GLU B 838 50.31 18.72 12.09
CA GLU B 838 51.16 18.27 13.18
C GLU B 838 52.60 18.11 12.72
N THR B 842 57.26 12.96 9.95
CA THR B 842 57.54 11.70 9.27
C THR B 842 56.28 11.18 8.58
N GLU B 843 56.42 10.78 7.32
CA GLU B 843 55.26 10.35 6.54
C GLU B 843 54.80 8.95 6.89
N SER B 844 55.56 8.23 7.72
CA SER B 844 55.10 6.96 8.26
C SER B 844 54.51 7.10 9.66
N GLN B 845 54.85 8.18 10.37
CA GLN B 845 54.26 8.41 11.68
C GLN B 845 52.85 8.95 11.57
N LEU B 846 52.47 9.45 10.40
CA LEU B 846 51.12 9.99 10.20
C LEU B 846 50.14 8.93 9.73
N VAL B 847 50.62 7.96 8.94
CA VAL B 847 49.76 6.88 8.46
C VAL B 847 49.25 6.03 9.62
N ASN B 848 50.09 5.83 10.64
CA ASN B 848 49.63 5.11 11.82
C ASN B 848 48.64 5.92 12.63
N GLU B 849 48.63 7.24 12.48
CA GLU B 849 47.66 8.05 13.21
C GLU B 849 46.29 8.03 12.57
N LEU B 850 46.22 8.03 11.23
CA LEU B 850 44.95 7.93 10.54
C LEU B 850 44.36 6.54 10.61
N GLU B 851 45.20 5.53 10.83
CA GLU B 851 44.76 4.13 10.74
C GLU B 851 43.94 3.71 11.96
N LYS B 852 44.30 4.20 13.14
CA LYS B 852 43.58 3.83 14.36
C LYS B 852 42.17 4.40 14.37
N VAL B 853 42.03 5.67 13.97
CA VAL B 853 40.80 6.41 14.18
C VAL B 853 39.76 6.10 13.12
N TRP B 854 40.15 5.42 12.04
CA TRP B 854 39.29 5.28 10.87
C TRP B 854 38.12 4.34 11.11
N ASP B 855 38.22 3.42 12.06
CA ASP B 855 37.24 2.35 12.19
C ASP B 855 35.89 2.83 12.73
N ASP B 856 35.82 4.05 13.28
CA ASP B 856 34.55 4.61 13.74
C ASP B 856 34.18 5.78 12.83
N LEU B 857 33.60 5.45 11.68
CA LEU B 857 33.09 6.41 10.73
C LEU B 857 31.81 5.83 10.15
N PRO B 858 30.82 6.66 9.86
CA PRO B 858 29.52 6.13 9.45
C PRO B 858 29.48 5.69 8.01
N TYR B 859 30.30 4.71 7.65
CA TYR B 859 30.33 4.12 6.32
C TYR B 859 29.54 2.84 6.35
N ASP B 860 28.42 2.81 5.64
CA ASP B 860 27.86 1.56 5.19
C ASP B 860 28.74 0.98 4.09
N ALA B 861 28.49 -0.29 3.75
CA ALA B 861 29.29 -1.04 2.78
C ALA B 861 30.76 -1.12 3.18
N LYS B 862 31.08 -1.96 4.17
CA LYS B 862 32.44 -2.07 4.71
C LYS B 862 33.52 -2.47 3.71
N TRP B 863 33.17 -2.81 2.46
CA TRP B 863 34.17 -2.88 1.41
C TRP B 863 34.59 -1.51 0.92
N TYR B 864 33.79 -0.48 1.20
CA TYR B 864 34.07 0.88 0.77
C TYR B 864 34.80 1.69 1.82
N SER B 865 34.72 1.27 3.08
CA SER B 865 35.48 1.93 4.13
C SER B 865 36.97 1.66 3.98
N ASP B 866 37.33 0.42 3.63
CA ASP B 866 38.73 0.09 3.39
C ASP B 866 39.19 0.45 1.99
N ASN B 867 38.28 0.89 1.13
CA ASN B 867 38.63 1.37 -0.19
C ASN B 867 38.78 2.89 -0.20
N GLU B 868 38.04 3.59 0.67
CA GLU B 868 38.27 5.02 0.88
C GLU B 868 39.44 5.29 1.80
N LEU B 869 39.94 4.29 2.53
CA LEU B 869 41.13 4.51 3.32
C LEU B 869 42.36 4.55 2.43
N ALA B 870 42.33 3.83 1.32
CA ALA B 870 43.49 3.74 0.44
C ALA B 870 43.79 5.06 -0.26
N ARG B 871 42.75 5.80 -0.67
CA ARG B 871 42.99 7.09 -1.29
C ARG B 871 43.34 8.15 -0.24
N HIS B 872 42.94 7.94 1.01
CA HIS B 872 43.33 8.89 2.06
C HIS B 872 44.64 8.52 2.73
N ARG B 873 45.12 7.27 2.57
CA ARG B 873 46.45 6.95 3.05
C ARG B 873 47.51 7.55 2.12
N ALA B 874 47.29 7.43 0.81
CA ALA B 874 48.24 7.96 -0.16
C ALA B 874 48.22 9.47 -0.23
N MET B 875 47.14 10.10 0.22
CA MET B 875 47.04 11.56 0.15
C MET B 875 47.87 12.24 1.23
N LEU B 876 48.31 11.48 2.23
CA LEU B 876 49.33 11.96 3.16
C LEU B 876 50.73 11.78 2.59
N GLU B 877 50.94 10.77 1.76
CA GLU B 877 52.22 10.62 1.08
C GLU B 877 52.36 11.59 -0.08
N THR B 878 51.24 12.02 -0.66
CA THR B 878 51.26 13.05 -1.69
C THR B 878 51.68 14.39 -1.10
N PHE B 879 51.32 14.65 0.15
CA PHE B 879 51.67 15.91 0.80
C PHE B 879 53.16 15.99 1.11
N THR B 880 53.74 14.91 1.62
CA THR B 880 55.18 14.92 1.85
C THR B 880 55.98 14.84 0.56
N ARG B 881 55.37 14.33 -0.51
CA ARG B 881 56.00 14.45 -1.82
C ARG B 881 55.86 15.86 -2.38
N TRP B 882 54.95 16.66 -1.81
CA TRP B 882 54.87 18.08 -2.17
C TRP B 882 55.87 18.93 -1.38
N ARG B 883 56.15 18.57 -0.13
CA ARG B 883 56.98 19.40 0.73
C ARG B 883 58.42 19.45 0.26
N GLU B 884 59.01 18.28 0.00
CA GLU B 884 60.42 18.21 -0.38
C GLU B 884 60.71 18.84 -1.73
N ASP B 885 59.70 18.92 -2.61
CA ASP B 885 59.90 19.59 -3.89
C ASP B 885 59.95 21.10 -3.72
N THR B 886 59.10 21.66 -2.87
CA THR B 886 58.96 23.10 -2.74
C THR B 886 59.62 23.67 -1.49
N ARG B 887 60.38 22.87 -0.75
CA ARG B 887 61.11 23.42 0.38
C ARG B 887 62.41 24.09 -0.03
N ARG B 888 62.72 24.09 -1.33
CA ARG B 888 63.86 24.86 -1.82
C ARG B 888 63.46 26.30 -2.10
N GLN B 889 62.22 26.54 -2.50
CA GLN B 889 61.75 27.88 -2.81
C GLN B 889 60.95 28.51 -1.67
N LEU B 890 60.37 27.70 -0.79
CA LEU B 890 59.56 28.21 0.30
C LEU B 890 60.23 27.91 1.64
N THR B 891 59.71 28.55 2.69
CA THR B 891 60.18 28.35 4.05
C THR B 891 59.04 28.68 4.99
N GLU B 892 58.68 27.74 5.85
CA GLU B 892 57.48 27.88 6.66
C GLU B 892 57.73 28.79 7.86
N VAL B 893 56.80 29.70 8.10
CA VAL B 893 56.84 30.58 9.26
C VAL B 893 56.08 29.89 10.39
N ALA B 894 54.80 29.64 10.17
CA ALA B 894 53.99 28.89 11.11
C ALA B 894 52.89 28.17 10.36
N THR B 895 52.03 27.48 11.10
CA THR B 895 50.98 26.66 10.55
C THR B 895 49.77 26.76 11.47
N GLU B 896 48.59 26.96 10.87
CA GLU B 896 47.33 27.20 11.57
C GLU B 896 47.39 28.44 12.46
N ILE B 897 47.80 29.56 11.88
CA ILE B 897 47.72 30.83 12.61
C ILE B 897 46.28 31.31 12.59
N PRO B 898 45.68 31.62 13.74
CA PRO B 898 44.42 32.36 13.75
C PRO B 898 44.66 33.81 13.30
N VAL B 899 44.15 34.13 12.12
CA VAL B 899 44.14 35.50 11.63
C VAL B 899 42.99 36.22 12.31
N GLU B 900 43.25 37.43 12.79
CA GLU B 900 42.22 38.33 13.28
C GLU B 900 42.74 39.74 13.18
N GLY B 901 41.82 40.69 12.96
CA GLY B 901 42.20 42.11 12.85
C GLY B 901 41.05 42.95 12.33
N ILE B 902 41.29 44.24 12.09
CA ILE B 902 40.25 45.15 11.55
C ILE B 902 40.68 45.61 10.16
N VAL B 903 39.85 45.34 9.15
CA VAL B 903 40.13 45.76 7.75
C VAL B 903 39.03 46.76 7.32
N VAL B 904 39.35 47.66 6.39
CA VAL B 904 38.39 48.67 5.85
C VAL B 904 37.72 49.43 7.02
N GLU B 905 38.52 49.89 7.98
CA GLU B 905 38.00 50.61 9.17
C GLU B 905 37.31 51.90 8.72
N PRO B 906 36.16 52.29 9.31
CA PRO B 906 35.44 53.50 8.92
C PRO B 906 36.36 54.73 8.93
N PRO B 911 31.17 50.35 7.20
CA PRO B 911 31.52 49.66 8.44
C PRO B 911 32.77 48.81 8.31
N GLY B 912 33.43 48.52 9.43
CA GLY B 912 34.58 47.64 9.41
C GLY B 912 34.17 46.21 9.13
N VAL B 913 35.09 45.45 8.52
CA VAL B 913 34.71 44.13 8.03
C VAL B 913 35.35 43.01 8.83
N ARG B 914 36.50 43.29 9.45
CA ARG B 914 37.12 42.50 10.54
C ARG B 914 37.26 41.01 10.19
N VAL B 915 38.16 40.74 9.24
CA VAL B 915 38.45 39.38 8.82
C VAL B 915 39.05 38.59 9.97
N ARG B 916 38.46 37.43 10.28
CA ARG B 916 39.01 36.56 11.31
C ARG B 916 39.02 35.09 10.85
N GLY B 917 40.08 34.38 11.20
CA GLY B 917 40.05 32.92 11.21
C GLY B 917 40.98 32.09 10.34
N ARG B 918 41.78 31.28 11.03
CA ARG B 918 42.50 30.04 10.60
C ARG B 918 43.27 29.98 9.27
N LEU B 919 44.22 30.88 9.00
CA LEU B 919 45.06 30.67 7.81
C LEU B 919 45.77 29.33 7.94
N ASP B 920 45.85 28.60 6.82
CA ASP B 920 46.19 27.18 6.89
C ASP B 920 47.69 26.97 7.04
N ARG B 921 48.48 27.59 6.16
CA ARG B 921 49.92 27.41 6.16
C ARG B 921 50.60 28.61 5.53
N LEU B 922 51.52 29.23 6.26
CA LEU B 922 52.34 30.29 5.68
C LEU B 922 53.63 29.70 5.13
N GLU B 923 54.16 30.36 4.12
CA GLU B 923 55.49 30.08 3.61
C GLU B 923 56.15 31.42 3.30
N ARG B 924 57.31 31.37 2.68
CA ARG B 924 58.10 32.57 2.47
C ARG B 924 59.08 32.35 1.32
N ASP B 925 59.13 33.30 0.39
CA ASP B 925 60.04 33.20 -0.75
C ASP B 925 61.49 33.37 -0.33
N LEU B 930 55.79 37.63 2.06
CA LEU B 930 55.34 36.28 2.39
C LEU B 930 54.44 35.74 1.30
N VAL B 931 54.12 34.46 1.38
CA VAL B 931 53.09 33.86 0.54
C VAL B 931 52.11 33.11 1.45
N VAL B 932 51.06 32.58 0.83
CA VAL B 932 49.89 32.05 1.52
C VAL B 932 49.52 30.73 0.86
N VAL B 933 49.51 29.66 1.64
CA VAL B 933 49.26 28.32 1.11
C VAL B 933 47.97 27.79 1.74
N ALA B 934 47.00 27.43 0.92
CA ALA B 934 45.73 26.90 1.37
C ALA B 934 45.53 25.51 0.78
N LEU B 935 45.50 24.50 1.64
CA LEU B 935 45.45 23.12 1.21
C LEU B 935 44.02 22.66 1.01
N LYS B 936 43.76 22.01 -0.11
CA LYS B 936 42.43 21.49 -0.42
C LYS B 936 42.52 20.02 -0.80
N THR B 937 41.51 19.25 -0.43
CA THR B 937 41.49 17.81 -0.65
C THR B 937 40.51 17.39 -1.74
N GLY B 938 40.07 18.31 -2.57
CA GLY B 938 39.23 17.94 -3.69
C GLY B 938 40.00 17.24 -4.78
N LYS B 939 39.27 16.61 -5.69
CA LYS B 939 39.91 15.90 -6.78
C LYS B 939 40.01 16.75 -8.04
N SER B 940 38.97 17.54 -8.32
CA SER B 940 38.94 18.34 -9.54
C SER B 940 39.37 19.76 -9.24
N PRO B 941 40.52 20.21 -9.74
CA PRO B 941 40.99 21.55 -9.41
C PRO B 941 40.30 22.66 -10.19
N VAL B 942 40.29 23.84 -9.57
CA VAL B 942 39.84 25.05 -10.23
C VAL B 942 40.86 25.45 -11.30
N THR B 943 40.36 26.01 -12.41
CA THR B 943 41.17 26.34 -13.58
C THR B 943 42.21 27.42 -13.26
N LYS B 944 43.08 27.71 -14.25
CA LYS B 944 44.21 28.59 -14.02
C LYS B 944 43.78 30.04 -13.87
N ASP B 945 42.99 30.53 -14.82
CA ASP B 945 42.53 31.91 -14.80
C ASP B 945 41.30 32.11 -13.91
N ASP B 946 40.74 31.03 -13.36
CA ASP B 946 39.64 31.16 -12.43
C ASP B 946 40.10 31.37 -11.01
N ALA B 947 41.38 31.11 -10.73
CA ALA B 947 41.93 31.33 -9.39
C ALA B 947 42.58 32.69 -9.25
N GLN B 948 42.66 33.47 -10.33
CA GLN B 948 43.15 34.83 -10.22
C GLN B 948 42.14 35.75 -9.55
N ASN B 949 40.85 35.44 -9.64
CA ASN B 949 39.82 36.15 -8.91
C ASN B 949 39.29 35.34 -7.72
N HIS B 950 40.13 34.49 -7.14
CA HIS B 950 39.70 33.61 -6.06
C HIS B 950 39.61 34.42 -4.77
N ALA B 951 38.41 34.45 -4.19
CA ALA B 951 38.11 35.37 -3.10
C ALA B 951 38.66 34.95 -1.76
N GLN B 952 39.09 33.70 -1.61
CA GLN B 952 39.60 33.25 -0.33
C GLN B 952 41.05 33.66 -0.14
N LEU B 953 41.88 33.50 -1.18
CA LEU B 953 43.29 33.79 -1.05
C LEU B 953 43.54 35.29 -0.95
N ALA B 954 42.78 36.08 -1.69
CA ALA B 954 42.97 37.52 -1.67
C ALA B 954 42.45 38.17 -0.40
N MET B 955 41.73 37.44 0.44
CA MET B 955 41.41 37.93 1.78
C MET B 955 42.52 37.64 2.77
N TYR B 956 43.22 36.52 2.60
CA TYR B 956 44.40 36.29 3.43
C TYR B 956 45.55 37.16 2.98
N GLN B 957 45.70 37.34 1.66
CA GLN B 957 46.77 38.17 1.10
C GLN B 957 46.64 39.61 1.56
N LEU B 958 45.41 40.09 1.70
CA LEU B 958 45.14 41.43 2.19
C LEU B 958 45.24 41.51 3.70
N ALA B 959 45.15 40.34 4.34
CA ALA B 959 45.44 40.16 5.78
C ALA B 959 46.96 40.25 6.01
N VAL B 960 47.75 39.64 5.12
CA VAL B 960 49.23 39.56 5.23
C VAL B 960 49.73 41.01 5.15
N ALA B 961 49.20 41.77 4.20
CA ALA B 961 49.56 43.19 4.03
C ALA B 961 48.87 44.02 5.11
N ALA B 962 49.11 45.34 5.12
CA ALA B 962 48.50 46.26 6.11
C ALA B 962 48.82 45.79 7.53
N GLY B 963 47.78 45.70 8.38
CA GLY B 963 47.97 45.26 9.78
C GLY B 963 48.29 43.78 9.88
N LEU B 964 49.00 43.38 10.94
CA LEU B 964 49.42 41.97 11.23
C LEU B 964 49.84 41.25 9.95
N GLY B 973 51.73 36.50 -2.90
CA GLY B 973 51.08 35.53 -3.76
C GLY B 973 50.45 34.39 -2.99
N GLY B 974 49.57 33.64 -3.65
CA GLY B 974 48.89 32.55 -2.97
C GLY B 974 48.96 31.23 -3.71
N LYS B 975 49.09 30.14 -2.97
CA LYS B 975 49.08 28.79 -3.53
C LYS B 975 47.83 28.06 -3.07
N LEU B 976 47.37 27.13 -3.90
CA LEU B 976 46.07 26.50 -3.74
C LEU B 976 46.21 24.99 -3.96
N VAL B 977 47.12 24.37 -3.20
CA VAL B 977 47.57 23.00 -3.44
C VAL B 977 46.45 21.99 -3.31
N TYR B 978 46.24 21.19 -4.36
CA TYR B 978 45.21 20.15 -4.38
C TYR B 978 45.83 18.79 -4.09
N LEU B 979 45.78 18.38 -2.84
CA LEU B 979 46.13 17.02 -2.46
C LEU B 979 45.09 16.07 -3.03
N GLY B 980 45.55 14.99 -3.67
CA GLY B 980 44.64 14.08 -4.34
C GLY B 980 44.98 13.90 -5.80
N LYS B 981 44.10 14.37 -6.68
CA LYS B 981 44.37 14.26 -8.10
C LYS B 981 44.86 15.59 -8.66
N ALA B 987 49.96 16.40 -7.45
CA ALA B 987 49.47 17.54 -6.68
C ALA B 987 49.40 18.78 -7.55
N THR B 988 48.39 18.86 -8.40
CA THR B 988 48.27 19.98 -9.33
C THR B 988 47.88 21.23 -8.58
N GLU B 989 48.83 22.14 -8.44
CA GLU B 989 48.63 23.36 -7.67
C GLU B 989 48.31 24.52 -8.61
N ARG B 990 47.54 25.47 -8.10
CA ARG B 990 47.23 26.69 -8.82
C ARG B 990 47.80 27.87 -8.04
N GLU B 991 47.96 28.99 -8.72
CA GLU B 991 48.59 30.16 -8.14
C GLU B 991 47.77 31.41 -8.42
N GLN B 992 47.89 32.39 -7.53
CA GLN B 992 47.32 33.72 -7.74
C GLN B 992 48.43 34.76 -7.62
N ASP B 993 48.45 35.69 -8.58
CA ASP B 993 49.49 36.69 -8.61
C ASP B 993 49.30 37.73 -7.50
N PRO B 994 50.39 38.32 -7.00
CA PRO B 994 50.30 39.41 -6.01
C PRO B 994 49.63 40.67 -6.55
N LYS B 999 46.01 45.78 -7.74
CA LYS B 999 44.60 45.41 -7.76
C LYS B 999 44.03 45.37 -6.35
N ARG B 1000 44.64 46.13 -5.45
CA ARG B 1000 44.18 46.13 -4.06
C ARG B 1000 42.98 47.06 -3.89
N ALA B 1001 43.01 48.24 -4.53
CA ALA B 1001 41.89 49.17 -4.42
C ALA B 1001 40.65 48.65 -5.11
N GLU B 1002 40.82 47.88 -6.19
CA GLU B 1002 39.68 47.22 -6.83
C GLU B 1002 39.17 46.08 -5.98
N TRP B 1003 40.00 45.58 -5.06
CA TRP B 1003 39.58 44.45 -4.24
C TRP B 1003 39.05 44.91 -2.89
N LEU B 1004 39.69 45.92 -2.30
CA LEU B 1004 39.34 46.32 -0.95
C LEU B 1004 38.02 47.10 -0.94
N GLU B 1005 37.61 47.63 -2.09
CA GLU B 1005 36.29 48.23 -2.19
C GLU B 1005 35.21 47.19 -2.35
N THR B 1006 35.59 45.98 -2.81
CA THR B 1006 34.61 44.92 -3.04
C THR B 1006 34.23 44.23 -1.75
N VAL B 1007 35.17 44.12 -0.80
CA VAL B 1007 34.86 43.60 0.52
C VAL B 1007 33.93 44.56 1.26
N GLY B 1008 34.17 45.86 1.14
CA GLY B 1008 33.29 46.82 1.79
C GLY B 1008 31.96 46.97 1.11
N GLU B 1009 31.88 46.61 -0.18
CA GLU B 1009 30.59 46.69 -0.88
C GLU B 1009 29.76 45.43 -0.62
N ALA B 1010 30.41 44.30 -0.36
CA ALA B 1010 29.67 43.08 -0.12
C ALA B 1010 29.24 42.96 1.32
N ALA B 1011 30.11 43.35 2.26
CA ALA B 1011 29.77 43.27 3.67
C ALA B 1011 28.74 44.31 4.09
N ALA B 1012 28.49 45.33 3.26
CA ALA B 1012 27.40 46.24 3.53
C ALA B 1012 26.05 45.66 3.13
N ALA B 1013 26.05 44.61 2.31
CA ALA B 1013 24.81 43.97 1.88
C ALA B 1013 24.34 42.89 2.84
N THR B 1014 25.04 42.68 3.95
CA THR B 1014 24.57 41.81 5.01
C THR B 1014 23.80 42.56 6.07
N ALA B 1015 23.27 43.72 5.75
CA ALA B 1015 22.69 44.63 6.72
C ALA B 1015 21.18 44.68 6.66
N GLY B 1016 20.62 45.07 5.52
CA GLY B 1016 19.22 45.39 5.45
C GLY B 1016 18.38 44.16 5.31
N PRO B 1017 17.08 44.34 5.17
CA PRO B 1017 16.21 43.25 4.71
C PRO B 1017 16.28 43.15 3.20
N ARG B 1018 15.42 42.33 2.61
CA ARG B 1018 15.25 42.23 1.17
C ARG B 1018 16.55 41.79 0.49
N PHE B 1019 16.95 40.56 0.79
CA PHE B 1019 18.21 40.01 0.29
C PHE B 1019 18.09 39.60 -1.16
N VAL B 1020 19.18 39.78 -1.89
CA VAL B 1020 19.24 39.58 -3.34
C VAL B 1020 19.54 38.11 -3.60
N ALA B 1021 18.88 37.53 -4.58
CA ALA B 1021 19.11 36.13 -4.93
C ALA B 1021 19.62 36.05 -6.36
N ARG B 1022 20.93 36.19 -6.54
CA ARG B 1022 21.54 36.03 -7.85
C ARG B 1022 21.59 34.56 -8.23
N VAL B 1023 21.65 34.30 -9.53
CA VAL B 1023 21.79 32.94 -10.02
C VAL B 1023 23.26 32.71 -10.36
N ASN B 1024 23.89 31.79 -9.65
CA ASN B 1024 25.33 31.61 -9.70
C ASN B 1024 25.62 30.21 -10.25
N ASN B 1025 26.89 29.84 -10.20
CA ASN B 1025 27.29 28.50 -10.62
C ASN B 1025 26.91 27.47 -9.58
N GLY B 1026 26.72 27.90 -8.34
CA GLY B 1026 26.47 26.96 -7.26
C GLY B 1026 25.00 26.67 -7.04
N CYS B 1027 24.15 26.95 -8.03
CA CYS B 1027 22.72 26.77 -7.86
C CYS B 1027 22.29 25.34 -8.12
N ALA B 1028 23.01 24.40 -7.51
CA ALA B 1028 22.83 22.95 -7.62
C ALA B 1028 23.76 22.36 -6.59
N ASN B 1029 23.27 21.38 -5.83
CA ASN B 1029 23.86 20.99 -4.55
C ASN B 1029 24.09 22.20 -3.65
N CYS B 1030 23.06 23.03 -3.54
CA CYS B 1030 22.92 24.02 -2.49
C CYS B 1030 21.76 23.58 -1.63
N PRO B 1031 21.83 23.82 -0.32
CA PRO B 1031 20.76 23.29 0.55
C PRO B 1031 19.45 24.05 0.41
N VAL B 1032 19.52 25.36 0.34
CA VAL B 1032 18.35 26.22 0.22
C VAL B 1032 18.09 26.39 -1.26
N ARG B 1033 17.15 25.64 -1.80
CA ARG B 1033 16.73 25.83 -3.17
C ARG B 1033 15.22 25.74 -3.29
N SER B 1034 14.56 25.04 -2.39
CA SER B 1034 13.12 24.93 -2.37
C SER B 1034 12.44 26.18 -1.83
N SER B 1035 13.19 27.12 -1.27
CA SER B 1035 12.63 28.38 -0.82
C SER B 1035 13.27 29.57 -1.51
N CYS B 1036 13.98 29.37 -2.61
CA CYS B 1036 14.54 30.47 -3.37
C CYS B 1036 13.46 31.11 -4.24
N PRO B 1037 13.44 32.43 -4.35
CA PRO B 1037 12.48 33.07 -5.26
C PRO B 1037 12.95 33.15 -6.70
N ALA B 1038 14.12 32.62 -7.03
CA ALA B 1038 14.60 32.62 -8.41
C ALA B 1038 14.62 31.23 -9.03
N GLN B 1039 14.41 30.19 -8.22
CA GLN B 1039 14.52 28.78 -8.59
C GLN B 1039 15.84 28.45 -9.28
#